data_6WNO
#
_entry.id   6WNO
#
_cell.length_a   61.010
_cell.length_b   84.440
_cell.length_c   90.910
_cell.angle_alpha   90.730
_cell.angle_beta   110.120
_cell.angle_gamma   103.090
#
_symmetry.space_group_name_H-M   'P 1'
#
loop_
_entity.id
_entity.type
_entity.pdbx_description
1 polymer '243244 Fab heavy chain'
2 polymer '243244 Fab light chain'
3 polymer 'Plasmodium vivax reticulocyte binding protein 2b'
#
loop_
_entity_poly.entity_id
_entity_poly.type
_entity_poly.pdbx_seq_one_letter_code
_entity_poly.pdbx_strand_id
1 'polypeptide(L)'
;TGVHSQVQLVESGGGVVQSGKSLRVSCAASGFTFSSYGMHWVRQAPGKGLEWVAFISYDGDNKYSADSVKGRLTISRDNS
KNTLYLQMNSLRPEDTAVYYCAKESNYGENAFDIWGQGTMVTVSSASTKGPSVFPLAPSSKSTSGGTAALGCLVKDYFPE
PVTVSWNSGALTSGVHTFPAVLQSSGLYSLSSVVTVPSSSLGTQTYICNVNHKPSNTKVDKKVEPKSCDKTHTCP
;
B,E
2 'polypeptide(L)'
;TGSWAQSALTQPRSVSGSPGQSVTISCTGTSSDVGFYNFVSWYQHHPGKAPKLIIYDVSERPSGVPDRFSGSKSGNTASL
SISGLQPEDEADYYCCSYAGTYTFVFGSGTKVTVLGQPKANPTVTLFPPSSEELQANKATLVCLISDFYPGAVTVAWKAD
SSPVKAGVETTTPSKQSNNKYAASSYLSLTPEQWKSHRSYSCQVTHEGSTVEKTVAPTECS
;
C,F
3 'polypeptide(L)'
;GAMGSTNTTDNIDYFDISDESNYYLISQLRPHFSNIYFFDEFKRYASYHTEIKRYEDIHKTKVNSLLNEASRAIGICNRA
KNTVKGLINILENPQKFKTQRESYDVKLRQYEEKKEAFRGCLLNKNRKNLDQIKKINNEIRDLLEKLKCSQDCQTNVYFD
MIKIYLVDFKKMPYENYDTFIKQYKNSYLSGVDMIRKIEKQIDNPVTINAIKFTQKEMGYIIDRFEYHLQKVKHSIDQVT
ALSDGVKPKQVTKNRLKEYYFNIGNYYSIFKFGKDSLNMLNKALIHKEKIVHNLLGELFGHLEERIS
;
A,D
#
# COMPACT_ATOMS: atom_id res chain seq x y z
N VAL A 7 6.88 3.86 -5.19
CA VAL A 7 7.26 3.75 -3.79
C VAL A 7 6.34 4.61 -2.92
N GLN A 8 5.65 3.97 -1.98
CA GLN A 8 4.72 4.66 -1.11
C GLN A 8 4.77 4.05 0.28
N LEU A 9 4.86 4.90 1.30
CA LEU A 9 4.88 4.49 2.70
C LEU A 9 3.65 5.08 3.39
N VAL A 10 2.67 4.25 3.69
CA VAL A 10 1.45 4.66 4.34
C VAL A 10 1.46 4.14 5.77
N GLU A 11 1.27 5.04 6.74
CA GLU A 11 1.23 4.70 8.15
C GLU A 11 -0.14 5.06 8.72
N SER A 12 -0.50 4.38 9.81
CA SER A 12 -1.78 4.60 10.47
C SER A 12 -1.57 4.61 11.97
N GLY A 13 -2.06 5.64 12.62
CA GLY A 13 -1.93 5.76 14.06
C GLY A 13 -3.19 6.34 14.68
N GLY A 14 -3.41 5.99 15.95
CA GLY A 14 -4.60 6.45 16.63
C GLY A 14 -4.53 7.93 16.95
N GLY A 15 -5.70 8.54 17.06
CA GLY A 15 -5.80 9.96 17.33
C GLY A 15 -5.54 10.31 18.78
N VAL A 16 -6.23 9.65 19.69
CA VAL A 16 -6.13 9.93 21.12
C VAL A 16 -5.65 8.67 21.84
N VAL A 17 -4.82 8.86 22.85
CA VAL A 17 -4.32 7.78 23.71
C VAL A 17 -4.26 8.28 25.14
N GLN A 18 -4.77 7.48 26.07
CA GLN A 18 -4.69 7.84 27.48
C GLN A 18 -3.24 7.83 27.96
N SER A 19 -2.97 8.62 29.00
CA SER A 19 -1.62 8.67 29.55
C SER A 19 -1.27 7.35 30.23
N GLY A 20 -0.05 6.88 30.00
CA GLY A 20 0.38 5.62 30.53
C GLY A 20 -0.12 4.40 29.79
N LYS A 21 -0.85 4.59 28.69
CA LYS A 21 -1.34 3.49 27.87
C LYS A 21 -0.48 3.32 26.64
N SER A 22 -0.69 2.21 25.94
CA SER A 22 0.12 1.84 24.79
C SER A 22 -0.66 2.05 23.50
N LEU A 23 0.04 2.51 22.46
CA LEU A 23 -0.51 2.64 21.12
C LEU A 23 0.43 1.99 20.12
N ARG A 24 -0.14 1.26 19.16
CA ARG A 24 0.62 0.60 18.12
C ARG A 24 0.49 1.38 16.82
N VAL A 25 1.62 1.57 16.15
CA VAL A 25 1.69 2.30 14.88
C VAL A 25 2.18 1.35 13.81
N SER A 26 1.48 1.29 12.68
CA SER A 26 1.80 0.40 11.58
C SER A 26 2.09 1.21 10.34
N CYS A 27 3.17 0.86 9.63
CA CYS A 27 3.59 1.52 8.40
C CYS A 27 3.58 0.49 7.27
N ALA A 28 2.64 0.64 6.34
CA ALA A 28 2.51 -0.29 5.22
C ALA A 28 3.36 0.19 4.06
N ALA A 29 4.26 -0.67 3.58
CA ALA A 29 5.16 -0.34 2.49
C ALA A 29 4.74 -1.06 1.22
N SER A 30 5.03 -0.43 0.09
CA SER A 30 4.70 -0.99 -1.22
C SER A 30 5.57 -0.32 -2.27
N GLY A 31 5.48 -0.84 -3.50
CA GLY A 31 6.25 -0.30 -4.61
C GLY A 31 7.72 -0.66 -4.60
N PHE A 32 8.22 -1.33 -3.56
CA PHE A 32 9.61 -1.74 -3.49
C PHE A 32 9.71 -2.97 -2.60
N THR A 33 10.86 -3.61 -2.63
CA THR A 33 11.09 -4.81 -1.83
C THR A 33 11.28 -4.40 -0.38
N PHE A 34 10.22 -4.60 0.42
CA PHE A 34 10.27 -4.21 1.84
C PHE A 34 11.22 -5.11 2.63
N SER A 35 11.42 -6.34 2.19
CA SER A 35 12.21 -7.30 2.96
C SER A 35 13.72 -7.13 2.77
N SER A 36 14.16 -6.27 1.86
CA SER A 36 15.57 -6.07 1.60
C SER A 36 16.11 -4.74 2.11
N TYR A 37 15.25 -3.77 2.39
CA TYR A 37 15.67 -2.47 2.88
C TYR A 37 15.43 -2.33 4.38
N GLY A 38 16.26 -1.51 5.01
CA GLY A 38 16.02 -1.15 6.39
C GLY A 38 14.96 -0.07 6.54
N MET A 39 14.37 0.00 7.72
CA MET A 39 13.29 0.94 7.98
C MET A 39 13.57 1.72 9.25
N HIS A 40 13.18 2.99 9.25
CA HIS A 40 13.42 3.90 10.36
C HIS A 40 12.12 4.59 10.78
N TRP A 41 12.04 4.96 12.04
CA TRP A 41 10.94 5.75 12.57
C TRP A 41 11.45 7.13 12.96
N VAL A 42 10.66 8.15 12.65
CA VAL A 42 10.99 9.54 12.98
C VAL A 42 9.72 10.23 13.44
N ARG A 43 9.78 10.87 14.61
CA ARG A 43 8.65 11.61 15.15
C ARG A 43 8.99 13.09 15.24
N GLN A 44 7.96 13.92 15.13
CA GLN A 44 8.13 15.37 15.15
C GLN A 44 7.05 15.98 16.03
N ALA A 45 7.45 16.58 17.15
CA ALA A 45 6.53 17.26 18.02
C ALA A 45 5.93 18.48 17.32
N PRO A 46 4.76 18.94 17.75
CA PRO A 46 4.17 20.14 17.12
C PRO A 46 5.05 21.37 17.21
N GLY A 47 5.83 21.50 18.27
CA GLY A 47 6.68 22.66 18.44
C GLY A 47 8.09 22.47 17.93
N LYS A 48 8.71 21.34 18.29
CA LYS A 48 10.09 21.09 17.93
C LYS A 48 10.18 20.41 16.56
N GLY A 49 11.42 20.23 16.10
CA GLY A 49 11.65 19.53 14.86
C GLY A 49 11.66 18.02 15.03
N LEU A 50 11.76 17.33 13.90
CA LEU A 50 11.71 15.88 13.92
C LEU A 50 13.02 15.30 14.46
N GLU A 51 12.92 14.10 15.01
CA GLU A 51 14.05 13.44 15.66
C GLU A 51 14.06 11.96 15.33
N TRP A 52 15.25 11.37 15.30
CA TRP A 52 15.38 9.94 15.04
C TRP A 52 14.85 9.14 16.23
N VAL A 53 14.22 8.01 15.92
CA VAL A 53 13.56 7.21 16.96
C VAL A 53 14.19 5.84 17.08
N ALA A 54 14.14 5.05 16.00
CA ALA A 54 14.61 3.67 16.06
C ALA A 54 15.05 3.22 14.68
N PHE A 55 15.39 1.93 14.55
CA PHE A 55 15.96 1.36 13.34
C PHE A 55 15.84 -0.15 13.38
N ILE A 56 15.55 -0.74 12.22
CA ILE A 56 15.51 -2.19 12.05
C ILE A 56 16.29 -2.57 10.80
N SER A 57 16.99 -3.70 10.85
CA SER A 57 17.58 -4.27 9.66
C SER A 57 16.50 -4.89 8.78
N TYR A 58 16.92 -5.46 7.65
CA TYR A 58 15.95 -6.03 6.72
C TYR A 58 15.34 -7.32 7.26
N ASP A 59 16.10 -8.09 8.04
CA ASP A 59 15.55 -9.32 8.63
C ASP A 59 14.78 -9.05 9.90
N GLY A 60 15.18 -8.04 10.67
CA GLY A 60 14.67 -7.84 12.01
C GLY A 60 15.58 -8.35 13.10
N ASP A 61 16.77 -8.84 12.74
CA ASP A 61 17.70 -9.34 13.75
C ASP A 61 18.35 -8.21 14.55
N ASN A 62 18.50 -7.03 13.93
CA ASN A 62 19.12 -5.88 14.55
C ASN A 62 18.08 -4.78 14.72
N LYS A 63 17.69 -4.51 15.96
CA LYS A 63 16.75 -3.45 16.28
C LYS A 63 17.38 -2.53 17.31
N TYR A 64 17.44 -1.23 16.99
CA TYR A 64 18.07 -0.25 17.86
C TYR A 64 17.18 0.98 17.96
N SER A 65 17.36 1.74 19.04
CA SER A 65 16.54 2.91 19.31
C SER A 65 17.41 4.00 19.93
N ALA A 66 16.87 5.21 19.95
CA ALA A 66 17.57 6.33 20.57
C ALA A 66 17.62 6.16 22.08
N ASP A 67 18.62 6.82 22.69
CA ASP A 67 18.79 6.71 24.13
C ASP A 67 17.68 7.39 24.89
N SER A 68 17.00 8.38 24.28
CA SER A 68 15.92 9.07 24.97
C SER A 68 14.70 8.17 25.14
N VAL A 69 14.37 7.40 24.11
CA VAL A 69 13.24 6.48 24.16
C VAL A 69 13.69 5.04 24.44
N LYS A 70 14.94 4.86 24.85
CA LYS A 70 15.45 3.51 25.13
C LYS A 70 14.72 2.90 26.32
N GLY A 71 14.48 1.60 26.24
CA GLY A 71 13.74 0.92 27.29
C GLY A 71 12.32 1.39 27.45
N ARG A 72 11.69 1.82 26.37
CA ARG A 72 10.34 2.38 26.42
C ARG A 72 9.58 2.10 25.14
N LEU A 73 10.28 2.07 24.01
CA LEU A 73 9.68 1.85 22.70
C LEU A 73 10.13 0.52 22.13
N THR A 74 9.18 -0.26 21.64
CA THR A 74 9.45 -1.54 21.00
C THR A 74 9.20 -1.43 19.51
N ILE A 75 10.13 -1.96 18.71
CA ILE A 75 10.06 -1.88 17.26
C ILE A 75 10.22 -3.27 16.67
N SER A 76 9.54 -3.51 15.55
CA SER A 76 9.57 -4.81 14.87
C SER A 76 8.97 -4.62 13.49
N ARG A 77 9.17 -5.61 12.63
CA ARG A 77 8.66 -5.57 11.26
C ARG A 77 8.13 -6.94 10.88
N ASP A 78 7.15 -6.94 9.98
CA ASP A 78 6.55 -8.16 9.44
C ASP A 78 6.82 -8.18 7.95
N ASN A 79 7.80 -8.99 7.53
CA ASN A 79 8.19 -9.01 6.13
C ASN A 79 7.12 -9.66 5.24
N SER A 80 6.38 -10.63 5.78
CA SER A 80 5.33 -11.26 4.99
C SER A 80 4.16 -10.31 4.77
N LYS A 81 3.73 -9.61 5.83
CA LYS A 81 2.66 -8.64 5.71
C LYS A 81 3.14 -7.30 5.16
N ASN A 82 4.46 -7.13 4.99
CA ASN A 82 5.05 -5.93 4.40
C ASN A 82 4.62 -4.67 5.16
N THR A 83 4.79 -4.70 6.48
CA THR A 83 4.44 -3.58 7.33
C THR A 83 5.55 -3.34 8.35
N LEU A 84 5.65 -2.10 8.79
CA LEU A 84 6.59 -1.70 9.83
C LEU A 84 5.80 -1.35 11.09
N TYR A 85 6.23 -1.92 12.23
CA TYR A 85 5.47 -1.83 13.46
C TYR A 85 6.28 -1.09 14.52
N LEU A 86 5.63 -0.12 15.18
CA LEU A 86 6.20 0.61 16.30
C LEU A 86 5.17 0.66 17.42
N GLN A 87 5.58 0.25 18.62
CA GLN A 87 4.69 0.26 19.78
C GLN A 87 5.37 1.01 20.91
N MET A 88 4.73 2.06 21.39
CA MET A 88 5.22 2.86 22.50
C MET A 88 4.37 2.58 23.73
N ASN A 89 5.03 2.31 24.86
CA ASN A 89 4.36 1.98 26.11
C ASN A 89 4.63 3.07 27.14
N SER A 90 3.69 3.22 28.08
CA SER A 90 3.77 4.20 29.15
C SER A 90 4.02 5.60 28.58
N LEU A 91 3.01 6.09 27.86
CA LEU A 91 3.14 7.36 27.16
C LEU A 91 3.08 8.53 28.14
N ARG A 92 3.75 9.61 27.76
CA ARG A 92 3.79 10.85 28.53
C ARG A 92 3.39 12.01 27.62
N PRO A 93 2.71 13.03 28.16
CA PRO A 93 2.16 14.08 27.29
C PRO A 93 3.19 14.86 26.48
N GLU A 94 4.47 14.55 26.69
CA GLU A 94 5.56 15.23 26.01
C GLU A 94 5.95 14.59 24.69
N ASP A 95 5.51 13.37 24.41
CA ASP A 95 5.93 12.64 23.22
C ASP A 95 4.85 12.59 22.14
N THR A 96 3.75 13.33 22.31
CA THR A 96 2.75 13.42 21.27
C THR A 96 3.34 14.08 20.02
N ALA A 97 3.49 13.30 18.95
CA ALA A 97 4.21 13.78 17.78
C ALA A 97 3.66 13.11 16.53
N VAL A 98 4.07 13.63 15.37
CA VAL A 98 3.73 13.06 14.08
C VAL A 98 4.82 12.04 13.74
N TYR A 99 4.46 10.76 13.74
CA TYR A 99 5.42 9.67 13.56
C TYR A 99 5.57 9.39 12.07
N TYR A 100 6.75 9.67 11.54
CA TYR A 100 7.05 9.46 10.13
C TYR A 100 7.72 8.11 9.92
N CYS A 101 7.45 7.50 8.78
CA CYS A 101 8.01 6.20 8.41
C CYS A 101 9.11 6.43 7.38
N ALA A 102 10.35 6.23 7.80
CA ALA A 102 11.51 6.47 6.95
C ALA A 102 12.05 5.17 6.39
N LYS A 103 12.61 5.25 5.18
CA LYS A 103 13.17 4.10 4.49
C LYS A 103 14.67 4.30 4.32
N GLU A 104 15.42 3.22 4.49
CA GLU A 104 16.86 3.27 4.26
C GLU A 104 17.15 3.66 2.82
N SER A 105 18.14 4.54 2.64
CA SER A 105 18.40 5.12 1.33
C SER A 105 18.97 4.10 0.37
N ASN A 106 18.58 4.22 -0.91
CA ASN A 106 19.21 3.43 -1.95
C ASN A 106 20.67 3.81 -2.12
N TYR A 107 21.00 5.09 -1.90
CA TYR A 107 22.37 5.56 -2.10
C TYR A 107 23.31 5.03 -1.03
N GLY A 108 22.81 4.76 0.17
CA GLY A 108 23.65 4.26 1.24
C GLY A 108 22.82 4.05 2.49
N GLU A 109 23.42 3.32 3.43
CA GLU A 109 22.75 3.01 4.69
C GLU A 109 22.81 4.15 5.70
N ASN A 110 23.42 5.28 5.34
CA ASN A 110 23.55 6.41 6.25
C ASN A 110 22.67 7.59 5.84
N ALA A 111 21.61 7.33 5.08
CA ALA A 111 20.68 8.37 4.67
C ALA A 111 19.28 7.76 4.58
N PHE A 112 18.28 8.63 4.49
CA PHE A 112 16.88 8.22 4.40
C PHE A 112 16.35 8.62 3.04
N ASP A 113 15.91 7.63 2.25
CA ASP A 113 15.46 7.91 0.89
C ASP A 113 14.01 8.38 0.87
N ILE A 114 13.08 7.47 1.14
CA ILE A 114 11.65 7.75 1.05
C ILE A 114 11.08 7.82 2.47
N TRP A 115 10.25 8.83 2.71
CA TRP A 115 9.63 9.07 4.00
C TRP A 115 8.13 8.80 3.92
N GLY A 116 7.53 8.66 5.10
CA GLY A 116 6.09 8.51 5.19
C GLY A 116 5.38 9.83 5.40
N GLN A 117 4.07 9.83 5.17
CA GLN A 117 3.30 11.06 5.32
C GLN A 117 3.26 11.52 6.77
N GLY A 118 3.34 10.60 7.72
CA GLY A 118 3.29 10.96 9.13
C GLY A 118 1.88 10.98 9.68
N THR A 119 1.67 10.33 10.83
CA THR A 119 0.37 10.27 11.47
C THR A 119 0.42 11.01 12.80
N MET A 120 -0.65 11.75 13.10
CA MET A 120 -0.73 12.52 14.34
C MET A 120 -1.18 11.63 15.48
N VAL A 121 -0.46 11.69 16.60
CA VAL A 121 -0.79 10.94 17.80
C VAL A 121 -0.84 11.91 18.97
N THR A 122 -2.02 12.05 19.58
CA THR A 122 -2.21 12.92 20.73
C THR A 122 -2.39 12.09 21.98
N VAL A 123 -1.80 12.54 23.08
CA VAL A 123 -1.84 11.84 24.35
C VAL A 123 -2.65 12.70 25.32
N SER A 124 -3.93 12.38 25.46
CA SER A 124 -4.82 13.09 26.38
C SER A 124 -5.77 12.07 27.00
N SER A 125 -5.79 12.03 28.33
CA SER A 125 -6.63 11.08 29.05
C SER A 125 -7.97 11.67 29.48
N ALA A 126 -8.16 12.98 29.33
CA ALA A 126 -9.38 13.62 29.81
C ALA A 126 -10.54 13.35 28.88
N SER A 127 -11.75 13.31 29.46
CA SER A 127 -12.96 13.14 28.69
C SER A 127 -13.34 14.45 28.00
N THR A 128 -14.46 14.43 27.29
CA THR A 128 -14.95 15.65 26.64
C THR A 128 -15.33 16.69 27.68
N LYS A 129 -14.78 17.89 27.54
CA LYS A 129 -14.97 18.95 28.52
C LYS A 129 -15.40 20.23 27.81
N GLY A 130 -16.05 21.10 28.58
CA GLY A 130 -16.52 22.36 28.07
C GLY A 130 -15.53 23.49 28.31
N PRO A 131 -15.39 24.38 27.34
CA PRO A 131 -14.41 25.47 27.47
C PRO A 131 -14.91 26.58 28.36
N SER A 132 -14.04 27.06 29.25
CA SER A 132 -14.29 28.30 29.97
C SER A 132 -13.79 29.46 29.13
N VAL A 133 -14.64 30.46 28.93
CA VAL A 133 -14.35 31.58 28.03
C VAL A 133 -14.13 32.81 28.91
N PHE A 134 -12.87 33.17 29.14
CA PHE A 134 -12.47 34.35 29.88
C PHE A 134 -12.03 35.46 28.93
N PRO A 135 -12.35 36.71 29.23
CA PRO A 135 -12.02 37.81 28.32
C PRO A 135 -10.65 38.40 28.61
N LEU A 136 -10.09 39.03 27.57
CA LEU A 136 -8.84 39.78 27.67
C LEU A 136 -9.16 41.25 27.46
N ALA A 137 -9.03 42.05 28.52
CA ALA A 137 -9.33 43.46 28.44
C ALA A 137 -8.38 44.15 27.45
N PRO A 138 -8.82 45.22 26.81
CA PRO A 138 -7.97 45.89 25.81
C PRO A 138 -6.68 46.42 26.42
N SER A 139 -5.58 46.19 25.71
CA SER A 139 -4.26 46.68 26.10
C SER A 139 -3.64 47.44 24.94
N SER A 140 -2.96 48.55 25.26
CA SER A 140 -2.41 49.42 24.23
C SER A 140 -1.31 48.71 23.44
N LYS A 141 -1.14 49.14 22.19
CA LYS A 141 -0.14 48.56 21.31
C LYS A 141 0.28 49.55 20.24
N THR A 147 -3.21 52.09 18.45
CA THR A 147 -4.23 51.04 18.49
C THR A 147 -4.05 50.14 19.71
N ALA A 148 -5.13 49.46 20.09
CA ALA A 148 -5.13 48.53 21.21
C ALA A 148 -5.58 47.16 20.72
N ALA A 149 -5.39 46.16 21.58
CA ALA A 149 -5.73 44.78 21.24
C ALA A 149 -6.50 44.16 22.40
N LEU A 150 -7.69 43.66 22.11
CA LEU A 150 -8.52 42.95 23.07
C LEU A 150 -8.73 41.52 22.58
N GLY A 151 -8.70 40.56 23.51
CA GLY A 151 -8.76 39.16 23.15
C GLY A 151 -9.88 38.45 23.88
N CYS A 152 -10.09 37.19 23.51
CA CYS A 152 -11.11 36.33 24.09
C CYS A 152 -10.50 34.95 24.24
N LEU A 153 -10.23 34.55 25.49
CA LEU A 153 -9.49 33.33 25.77
C LEU A 153 -10.43 32.14 25.92
N VAL A 154 -10.17 31.10 25.14
CA VAL A 154 -10.92 29.84 25.20
C VAL A 154 -9.96 28.78 25.72
N LYS A 155 -10.21 28.29 26.94
CA LYS A 155 -9.26 27.41 27.61
C LYS A 155 -9.95 26.16 28.12
N ASP A 156 -9.17 25.08 28.19
CA ASP A 156 -9.58 23.81 28.79
C ASP A 156 -10.82 23.23 28.12
N TYR A 157 -10.70 22.98 26.82
CA TYR A 157 -11.73 22.31 26.05
C TYR A 157 -11.17 21.07 25.38
N PHE A 158 -12.03 20.07 25.22
CA PHE A 158 -11.66 18.81 24.61
C PHE A 158 -12.92 18.21 24.01
N PRO A 159 -12.88 17.77 22.74
CA PRO A 159 -11.72 17.88 21.86
C PRO A 159 -11.86 19.00 20.84
N GLU A 160 -10.96 19.02 19.85
CA GLU A 160 -11.06 19.96 18.75
C GLU A 160 -12.27 19.63 17.88
N PRO A 161 -12.78 20.61 17.12
CA PRO A 161 -12.41 22.03 17.16
C PRO A 161 -13.51 22.92 17.70
N VAL A 162 -13.17 24.16 18.06
CA VAL A 162 -14.14 25.16 18.45
C VAL A 162 -14.22 26.22 17.37
N THR A 163 -15.40 26.79 17.21
CA THR A 163 -15.65 27.85 16.24
C THR A 163 -15.84 29.17 16.99
N VAL A 164 -15.05 30.17 16.61
CA VAL A 164 -15.06 31.47 17.29
C VAL A 164 -15.32 32.54 16.25
N SER A 165 -16.43 33.27 16.40
CA SER A 165 -16.74 34.43 15.58
C SER A 165 -17.03 35.61 16.48
N TRP A 166 -16.62 36.80 16.03
CA TRP A 166 -16.74 38.01 16.84
C TRP A 166 -17.97 38.80 16.44
N ASN A 167 -18.78 39.17 17.44
CA ASN A 167 -20.02 39.93 17.24
C ASN A 167 -20.96 39.24 16.25
N SER A 168 -20.96 37.91 16.27
CA SER A 168 -21.79 37.09 15.37
C SER A 168 -21.52 37.43 13.90
N GLY A 169 -20.24 37.56 13.56
CA GLY A 169 -19.86 37.86 12.19
C GLY A 169 -19.98 39.30 11.79
N ALA A 170 -20.28 40.21 12.73
CA ALA A 170 -20.42 41.61 12.37
C ALA A 170 -19.07 42.22 12.01
N LEU A 171 -18.04 41.96 12.80
CA LEU A 171 -16.69 42.45 12.55
C LEU A 171 -15.78 41.28 12.21
N THR A 172 -14.98 41.45 11.15
CA THR A 172 -14.01 40.44 10.75
C THR A 172 -12.63 41.02 10.47
N SER A 173 -12.46 42.34 10.49
CA SER A 173 -11.17 42.95 10.23
C SER A 173 -10.32 42.99 11.49
N GLY A 174 -9.05 42.65 11.36
CA GLY A 174 -8.14 42.62 12.49
C GLY A 174 -8.30 41.43 13.41
N VAL A 175 -9.16 40.48 13.08
CA VAL A 175 -9.41 39.32 13.90
C VAL A 175 -8.37 38.25 13.58
N HIS A 176 -7.97 37.49 14.59
CA HIS A 176 -7.02 36.39 14.41
C HIS A 176 -7.32 35.31 15.43
N THR A 177 -7.74 34.14 14.95
CA THR A 177 -8.00 32.98 15.78
C THR A 177 -6.85 31.99 15.59
N PHE A 178 -6.04 31.82 16.63
CA PHE A 178 -4.86 30.98 16.57
C PHE A 178 -5.25 29.51 16.51
N PRO A 179 -4.30 28.62 16.25
CA PRO A 179 -4.57 27.18 16.41
C PRO A 179 -4.56 26.77 17.87
N ALA A 180 -5.02 25.55 18.11
CA ALA A 180 -5.11 25.03 19.47
C ALA A 180 -3.77 24.49 19.94
N VAL A 181 -3.62 24.40 21.26
CA VAL A 181 -2.43 23.83 21.88
C VAL A 181 -2.85 22.65 22.74
N LEU A 182 -1.87 21.85 23.15
CA LEU A 182 -2.10 20.68 23.99
C LEU A 182 -1.41 20.92 25.33
N GLN A 183 -2.18 21.29 26.35
CA GLN A 183 -1.63 21.51 27.67
C GLN A 183 -1.14 20.20 28.27
N SER A 184 -0.41 20.31 29.39
CA SER A 184 0.07 19.12 30.08
C SER A 184 -1.08 18.27 30.61
N SER A 185 -2.25 18.86 30.83
CA SER A 185 -3.43 18.13 31.27
C SER A 185 -4.23 17.52 30.13
N GLY A 186 -3.77 17.67 28.88
CA GLY A 186 -4.46 17.10 27.75
C GLY A 186 -5.61 17.93 27.22
N LEU A 187 -5.84 19.13 27.75
CA LEU A 187 -6.92 19.99 27.30
C LEU A 187 -6.37 21.11 26.42
N TYR A 188 -7.21 21.57 25.49
CA TYR A 188 -6.78 22.57 24.52
C TYR A 188 -7.06 23.97 25.02
N SER A 189 -6.33 24.93 24.46
CA SER A 189 -6.50 26.35 24.76
C SER A 189 -6.42 27.13 23.46
N LEU A 190 -7.03 28.31 23.47
CA LEU A 190 -7.11 29.14 22.26
C LEU A 190 -7.51 30.55 22.67
N SER A 191 -6.93 31.54 22.00
CA SER A 191 -7.27 32.94 22.21
C SER A 191 -7.57 33.59 20.86
N SER A 192 -8.68 34.32 20.80
CA SER A 192 -9.07 35.07 19.61
C SER A 192 -8.90 36.56 19.91
N VAL A 193 -8.04 37.21 19.14
CA VAL A 193 -7.63 38.58 19.39
C VAL A 193 -8.09 39.47 18.24
N VAL A 194 -8.51 40.69 18.58
CA VAL A 194 -8.90 41.70 17.60
C VAL A 194 -8.12 42.97 17.91
N THR A 195 -7.55 43.59 16.87
CA THR A 195 -6.82 44.84 17.01
C THR A 195 -7.72 45.98 16.55
N VAL A 196 -7.93 46.96 17.41
CA VAL A 196 -8.91 48.03 17.18
C VAL A 196 -8.28 49.37 17.56
N PRO A 197 -8.54 50.44 16.82
CA PRO A 197 -8.08 51.78 17.25
C PRO A 197 -8.54 52.09 18.66
N SER A 198 -7.61 52.59 19.47
CA SER A 198 -7.89 52.84 20.88
C SER A 198 -8.80 54.03 21.12
N SER A 199 -9.05 54.86 20.10
CA SER A 199 -9.86 56.05 20.30
C SER A 199 -11.35 55.75 20.35
N SER A 200 -11.77 54.60 19.83
CA SER A 200 -13.18 54.23 19.74
C SER A 200 -13.40 52.84 20.34
N LEU A 201 -12.85 52.60 21.53
CA LEU A 201 -13.08 51.34 22.23
C LEU A 201 -14.10 51.46 23.35
N GLY A 202 -14.21 52.64 23.97
CA GLY A 202 -15.25 52.88 24.96
C GLY A 202 -16.61 53.14 24.38
N THR A 203 -16.70 53.43 23.09
CA THR A 203 -17.96 53.67 22.42
C THR A 203 -18.53 52.43 21.74
N GLN A 204 -17.78 51.33 21.71
CA GLN A 204 -18.22 50.10 21.06
C GLN A 204 -17.75 48.91 21.88
N THR A 205 -18.68 48.04 22.24
CA THR A 205 -18.37 46.84 23.00
C THR A 205 -18.15 45.66 22.05
N TYR A 206 -17.48 44.62 22.56
CA TYR A 206 -17.11 43.47 21.76
C TYR A 206 -17.50 42.19 22.47
N ILE A 207 -18.02 41.23 21.71
CA ILE A 207 -18.47 39.95 22.24
C ILE A 207 -17.99 38.84 21.31
N CYS A 208 -17.40 37.80 21.89
CA CYS A 208 -16.93 36.65 21.13
C CYS A 208 -17.91 35.50 21.26
N ASN A 209 -18.21 34.85 20.14
CA ASN A 209 -19.13 33.73 20.10
C ASN A 209 -18.31 32.44 20.02
N VAL A 210 -18.26 31.71 21.14
CA VAL A 210 -17.53 30.46 21.24
C VAL A 210 -18.53 29.32 21.16
N ASN A 211 -18.37 28.44 20.18
CA ASN A 211 -19.28 27.32 19.98
C ASN A 211 -18.46 26.02 19.94
N HIS A 212 -18.52 25.25 21.04
CA HIS A 212 -17.89 23.94 21.11
C HIS A 212 -18.93 22.90 20.74
N LYS A 213 -18.91 22.47 19.47
CA LYS A 213 -19.94 21.57 18.97
C LYS A 213 -19.97 20.21 19.66
N PRO A 214 -18.84 19.53 19.94
CA PRO A 214 -18.93 18.21 20.58
C PRO A 214 -19.61 18.22 21.93
N SER A 215 -19.62 19.34 22.64
CA SER A 215 -20.27 19.43 23.95
C SER A 215 -21.57 20.21 23.91
N ASN A 216 -22.04 20.59 22.71
CA ASN A 216 -23.23 21.43 22.55
C ASN A 216 -23.10 22.70 23.37
N THR A 217 -21.90 23.27 23.38
CA THR A 217 -21.58 24.44 24.18
C THR A 217 -21.56 25.69 23.31
N LYS A 218 -22.33 26.69 23.69
CA LYS A 218 -22.35 27.99 23.03
C LYS A 218 -22.19 29.07 24.09
N VAL A 219 -21.14 29.88 23.97
CA VAL A 219 -20.80 30.88 24.98
C VAL A 219 -20.61 32.22 24.30
N ASP A 220 -21.18 33.27 24.88
CA ASP A 220 -20.97 34.65 24.46
C ASP A 220 -20.39 35.42 25.63
N LYS A 221 -19.33 36.20 25.37
CA LYS A 221 -18.60 36.90 26.43
C LYS A 221 -18.38 38.34 26.02
N LYS A 222 -18.91 39.26 26.82
CA LYS A 222 -18.68 40.68 26.59
C LYS A 222 -17.30 41.07 27.10
N VAL A 223 -16.58 41.85 26.29
CA VAL A 223 -15.20 42.23 26.57
C VAL A 223 -15.15 43.74 26.74
N GLU A 224 -14.99 44.20 27.98
CA GLU A 224 -14.85 45.61 28.29
C GLU A 224 -13.75 45.78 29.34
N PRO A 225 -12.97 46.87 29.26
CA PRO A 225 -11.90 47.12 30.22
C PRO A 225 -12.42 47.54 31.60
N ALA B 8 20.76 17.07 20.31
CA ALA B 8 20.12 17.77 19.20
C ALA B 8 21.09 18.76 18.57
N LEU B 9 21.35 18.58 17.27
CA LEU B 9 22.25 19.48 16.55
C LEU B 9 21.66 20.88 16.50
N THR B 10 22.53 21.88 16.46
CA THR B 10 22.14 23.27 16.52
C THR B 10 22.26 23.92 15.14
N GLN B 11 21.19 24.54 14.69
CA GLN B 11 21.15 25.29 13.45
C GLN B 11 20.33 26.55 13.69
N PRO B 12 20.48 27.59 12.84
CA PRO B 12 19.76 28.85 13.07
C PRO B 12 18.26 28.67 13.23
N ARG B 13 17.60 29.63 13.89
CA ARG B 13 16.15 29.56 14.04
C ARG B 13 15.44 29.92 12.75
N SER B 14 15.93 30.96 12.06
CA SER B 14 15.32 31.43 10.82
C SER B 14 16.39 32.05 9.94
N VAL B 15 16.28 31.81 8.63
CA VAL B 15 17.16 32.42 7.65
C VAL B 15 16.29 33.11 6.60
N SER B 16 16.84 34.16 5.99
CA SER B 16 16.09 35.02 5.08
C SER B 16 16.84 35.20 3.78
N GLY B 17 16.11 35.17 2.67
CA GLY B 17 16.71 35.36 1.37
C GLY B 17 15.68 35.85 0.37
N SER B 18 16.14 36.58 -0.63
CA SER B 18 15.30 37.12 -1.69
C SER B 18 15.31 36.20 -2.90
N PRO B 19 14.28 36.28 -3.75
CA PRO B 19 14.27 35.44 -4.96
C PRO B 19 15.46 35.73 -5.85
N GLY B 20 16.31 34.73 -6.02
CA GLY B 20 17.55 34.87 -6.75
C GLY B 20 18.79 34.98 -5.89
N GLN B 21 18.64 35.08 -4.57
CA GLN B 21 19.75 35.22 -3.65
C GLN B 21 20.22 33.84 -3.17
N SER B 22 21.34 33.82 -2.46
CA SER B 22 21.92 32.61 -1.92
C SER B 22 22.08 32.74 -0.42
N VAL B 23 21.69 31.69 0.31
CA VAL B 23 21.78 31.66 1.77
C VAL B 23 22.46 30.37 2.20
N THR B 24 22.89 30.34 3.46
CA THR B 24 23.60 29.20 4.01
C THR B 24 23.06 28.90 5.40
N ILE B 25 23.23 27.64 5.81
CA ILE B 25 22.71 27.13 7.07
C ILE B 25 23.80 26.35 7.77
N SER B 26 24.10 26.72 9.02
CA SER B 26 25.07 26.01 9.81
C SER B 26 24.42 24.83 10.53
N CYS B 27 25.25 23.84 10.88
CA CYS B 27 24.78 22.66 11.60
C CYS B 27 25.94 22.15 12.44
N THR B 28 25.87 22.39 13.75
CA THR B 28 26.95 22.02 14.67
C THR B 28 26.34 21.36 15.90
N GLY B 29 26.57 20.06 16.05
CA GLY B 29 26.06 19.37 17.23
C GLY B 29 27.13 19.09 18.27
N THR B 30 27.73 17.91 18.21
CA THR B 30 28.79 17.48 19.12
C THR B 30 30.04 17.17 18.31
N SER B 31 31.07 16.69 19.03
CA SER B 31 32.33 16.34 18.39
C SER B 31 32.30 14.91 17.86
N SER B 32 31.48 14.04 18.44
CA SER B 32 31.34 12.67 17.97
C SER B 32 30.22 12.50 16.95
N ASP B 33 29.33 13.48 16.83
CA ASP B 33 28.21 13.36 15.90
C ASP B 33 28.61 13.74 14.48
N VAL B 34 28.96 15.01 14.28
CA VAL B 34 29.17 15.56 12.94
C VAL B 34 30.59 15.32 12.47
N GLY B 35 31.56 15.96 13.13
CA GLY B 35 32.93 15.98 12.67
C GLY B 35 33.68 14.66 12.72
N PHE B 36 33.05 13.59 13.18
CA PHE B 36 33.73 12.31 13.33
C PHE B 36 33.41 11.33 12.20
N TYR B 37 32.24 11.45 11.57
CA TYR B 37 31.76 10.42 10.66
C TYR B 37 31.71 10.81 9.19
N ASN B 38 31.50 12.10 8.89
CA ASN B 38 31.27 12.55 7.51
C ASN B 38 30.05 11.87 6.91
N PHE B 39 29.04 11.57 7.74
CA PHE B 39 27.80 10.96 7.29
C PHE B 39 26.60 11.88 7.50
N VAL B 40 26.84 13.19 7.54
CA VAL B 40 25.75 14.13 7.79
C VAL B 40 24.85 14.22 6.55
N SER B 41 23.60 14.61 6.76
CA SER B 41 22.62 14.66 5.69
C SER B 41 21.62 15.77 5.96
N TRP B 42 20.92 16.19 4.91
CA TRP B 42 19.96 17.28 4.99
C TRP B 42 18.63 16.85 4.40
N TYR B 43 17.54 17.34 4.97
CA TYR B 43 16.20 17.00 4.54
C TYR B 43 15.33 18.25 4.47
N GLN B 44 14.45 18.29 3.48
CA GLN B 44 13.54 19.41 3.27
C GLN B 44 12.14 18.99 3.69
N HIS B 45 11.55 19.75 4.61
CA HIS B 45 10.25 19.43 5.17
C HIS B 45 9.27 20.56 4.84
N HIS B 46 8.26 20.24 4.05
CA HIS B 46 7.17 21.16 3.78
C HIS B 46 6.13 21.06 4.88
N PRO B 47 5.22 22.05 5.00
CA PRO B 47 4.27 22.04 6.13
C PRO B 47 3.49 20.75 6.30
N GLY B 48 2.92 20.21 5.22
CA GLY B 48 2.13 19.00 5.32
C GLY B 48 2.76 17.81 4.63
N LYS B 49 3.55 18.05 3.59
CA LYS B 49 4.14 16.98 2.82
C LYS B 49 5.19 16.23 3.64
N ALA B 50 5.59 15.07 3.12
CA ALA B 50 6.62 14.26 3.75
C ALA B 50 8.00 14.84 3.45
N PRO B 51 8.94 14.76 4.40
CA PRO B 51 10.28 15.30 4.15
C PRO B 51 11.04 14.44 3.15
N LYS B 52 11.64 15.09 2.14
CA LYS B 52 12.42 14.39 1.14
C LYS B 52 13.89 14.73 1.29
N LEU B 53 14.73 13.76 0.94
CA LEU B 53 16.18 13.91 1.08
C LEU B 53 16.74 14.79 -0.02
N ILE B 54 17.49 15.82 0.37
CA ILE B 54 18.12 16.73 -0.59
C ILE B 54 19.59 16.40 -0.79
N ILE B 55 20.33 16.16 0.30
CA ILE B 55 21.77 15.94 0.22
C ILE B 55 22.16 14.83 1.18
N TYR B 56 22.63 13.72 0.64
CA TYR B 56 23.21 12.64 1.42
C TYR B 56 24.73 12.71 1.38
N ASP B 57 25.36 12.18 2.43
CA ASP B 57 26.78 12.36 2.66
C ASP B 57 27.14 13.84 2.73
N VAL B 58 28.41 14.18 2.50
CA VAL B 58 28.86 15.54 2.74
C VAL B 58 28.37 16.49 1.65
N SER B 59 28.51 16.10 0.38
CA SER B 59 28.32 17.09 -0.68
C SER B 59 27.52 16.62 -1.89
N GLU B 60 27.10 15.36 -1.98
CA GLU B 60 26.40 14.88 -3.17
C GLU B 60 24.90 14.90 -2.95
N ARG B 61 24.17 14.87 -4.07
CA ARG B 61 22.73 15.03 -4.09
C ARG B 61 22.08 13.90 -4.88
N PRO B 62 20.89 13.45 -4.47
CA PRO B 62 20.12 12.52 -5.29
C PRO B 62 19.80 13.09 -6.67
N SER B 63 19.19 12.24 -7.50
CA SER B 63 19.00 12.59 -8.91
C SER B 63 18.04 13.75 -9.08
N GLY B 64 16.95 13.78 -8.30
CA GLY B 64 15.93 14.81 -8.49
C GLY B 64 16.31 16.17 -7.96
N VAL B 65 17.33 16.25 -7.13
CA VAL B 65 17.69 17.54 -6.49
C VAL B 65 18.32 18.45 -7.53
N PRO B 66 17.90 19.71 -7.63
CA PRO B 66 18.49 20.62 -8.62
C PRO B 66 19.93 20.96 -8.27
N ASP B 67 20.57 21.67 -9.19
CA ASP B 67 21.96 22.10 -9.00
C ASP B 67 22.08 23.21 -7.96
N ARG B 68 20.97 23.79 -7.52
CA ARG B 68 21.02 24.96 -6.65
C ARG B 68 21.47 24.61 -5.24
N PHE B 69 21.14 23.41 -4.76
CA PHE B 69 21.49 23.01 -3.40
C PHE B 69 22.93 22.51 -3.37
N SER B 70 23.69 22.96 -2.37
CA SER B 70 25.10 22.63 -2.23
C SER B 70 25.39 22.11 -0.83
N GLY B 71 26.23 21.09 -0.75
CA GLY B 71 26.59 20.49 0.53
C GLY B 71 28.06 20.68 0.84
N SER B 72 28.35 21.02 2.09
CA SER B 72 29.73 21.24 2.52
C SER B 72 29.82 20.96 4.02
N LYS B 73 31.04 20.73 4.48
CA LYS B 73 31.29 20.42 5.88
C LYS B 73 32.74 20.74 6.22
N SER B 74 32.95 21.22 7.44
CA SER B 74 34.30 21.49 7.95
C SER B 74 34.26 21.37 9.47
N GLY B 75 35.18 20.59 10.01
CA GLY B 75 35.23 20.41 11.45
C GLY B 75 33.93 19.78 11.95
N ASN B 76 33.37 20.35 13.01
CA ASN B 76 32.10 19.91 13.56
C ASN B 76 30.91 20.69 13.03
N THR B 77 31.11 21.48 11.97
CA THR B 77 30.08 22.37 11.43
C THR B 77 29.78 21.97 9.99
N ALA B 78 28.60 21.40 9.78
CA ALA B 78 28.11 21.12 8.44
C ALA B 78 27.32 22.32 7.92
N SER B 79 27.32 22.48 6.60
CA SER B 79 26.68 23.66 5.99
C SER B 79 25.96 23.26 4.72
N LEU B 80 24.71 23.72 4.61
CA LEU B 80 23.92 23.58 3.40
C LEU B 80 23.80 24.94 2.73
N SER B 81 23.88 24.96 1.40
CA SER B 81 23.86 26.19 0.63
C SER B 81 22.82 26.09 -0.47
N ILE B 82 21.96 27.11 -0.56
CA ILE B 82 20.92 27.19 -1.59
C ILE B 82 21.14 28.46 -2.37
N SER B 83 21.47 28.33 -3.66
CA SER B 83 21.70 29.46 -4.54
C SER B 83 20.52 29.63 -5.50
N GLY B 84 20.30 30.87 -5.92
CA GLY B 84 19.19 31.18 -6.80
C GLY B 84 17.86 30.79 -6.20
N LEU B 85 17.48 31.44 -5.11
CA LEU B 85 16.27 31.07 -4.39
C LEU B 85 15.03 31.31 -5.24
N GLN B 86 14.09 30.38 -5.15
CA GLN B 86 12.79 30.46 -5.82
C GLN B 86 11.69 30.35 -4.77
N PRO B 87 10.48 30.83 -5.07
CA PRO B 87 9.42 30.81 -4.05
C PRO B 87 9.04 29.42 -3.55
N GLU B 88 9.47 28.36 -4.25
CA GLU B 88 9.18 27.01 -3.78
C GLU B 88 10.17 26.52 -2.74
N ASP B 89 11.25 27.26 -2.48
CA ASP B 89 12.26 26.83 -1.53
C ASP B 89 11.87 27.10 -0.08
N GLU B 90 10.79 27.83 0.16
CA GLU B 90 10.37 28.14 1.53
C GLU B 90 9.90 26.86 2.22
N ALA B 91 10.68 26.39 3.19
CA ALA B 91 10.36 25.18 3.92
C ALA B 91 11.20 25.15 5.20
N ASP B 92 11.07 24.06 5.94
CA ASP B 92 11.88 23.81 7.13
C ASP B 92 12.98 22.81 6.77
N TYR B 93 14.21 23.13 7.13
CA TYR B 93 15.37 22.33 6.75
C TYR B 93 16.03 21.78 8.00
N TYR B 94 16.27 20.47 8.01
CA TYR B 94 16.90 19.78 9.13
C TYR B 94 18.15 19.05 8.65
N CYS B 95 19.22 19.14 9.43
CA CYS B 95 20.42 18.35 9.19
C CYS B 95 20.41 17.10 10.06
N CYS B 96 20.94 16.01 9.52
CA CYS B 96 20.97 14.72 10.19
C CYS B 96 22.35 14.11 10.08
N SER B 97 22.98 13.84 11.21
CA SER B 97 24.29 13.22 11.26
C SER B 97 24.19 11.83 11.87
N TYR B 98 25.05 10.93 11.41
CA TYR B 98 25.12 9.59 11.98
C TYR B 98 25.77 9.67 13.36
N ALA B 99 25.02 9.30 14.40
CA ALA B 99 25.53 9.44 15.76
C ALA B 99 26.58 8.37 16.07
N GLY B 100 26.37 7.15 15.59
CA GLY B 100 27.26 6.05 15.92
C GLY B 100 26.54 4.94 16.65
N THR B 101 27.06 3.72 16.53
CA THR B 101 26.44 2.52 17.09
C THR B 101 24.97 2.41 16.65
N TYR B 102 24.77 2.53 15.33
CA TYR B 102 23.47 2.32 14.69
C TYR B 102 22.43 3.36 15.13
N THR B 103 22.87 4.57 15.44
CA THR B 103 21.98 5.62 15.89
C THR B 103 22.16 6.88 15.05
N PHE B 104 21.10 7.68 14.96
CA PHE B 104 21.09 8.91 14.20
C PHE B 104 20.61 10.06 15.07
N VAL B 105 21.00 11.27 14.69
CA VAL B 105 20.62 12.49 15.40
C VAL B 105 20.20 13.54 14.37
N PHE B 106 19.07 14.19 14.61
CA PHE B 106 18.56 15.23 13.73
C PHE B 106 18.82 16.61 14.33
N GLY B 107 18.84 17.61 13.44
CA GLY B 107 19.04 18.98 13.85
C GLY B 107 17.75 19.65 14.29
N SER B 108 17.91 20.85 14.86
CA SER B 108 16.75 21.57 15.40
C SER B 108 15.83 22.10 14.30
N GLY B 109 16.40 22.49 13.17
CA GLY B 109 15.61 22.95 12.03
C GLY B 109 15.72 24.45 11.81
N THR B 110 15.72 24.85 10.54
CA THR B 110 15.70 26.25 10.14
C THR B 110 14.50 26.50 9.24
N LYS B 111 13.79 27.59 9.48
CA LYS B 111 12.65 27.96 8.64
C LYS B 111 13.16 28.89 7.55
N VAL B 112 13.51 28.29 6.40
CA VAL B 112 13.95 29.08 5.25
C VAL B 112 12.73 29.78 4.66
N THR B 113 12.79 31.12 4.61
CA THR B 113 11.68 31.93 4.12
C THR B 113 12.18 32.79 2.97
N VAL B 114 11.55 32.66 1.81
CA VAL B 114 11.84 33.55 0.69
C VAL B 114 11.19 34.90 0.97
N LEU B 115 11.93 35.97 0.74
CA LEU B 115 11.45 37.31 1.07
C LEU B 115 10.41 37.75 0.05
N GLY B 116 9.15 37.83 0.49
CA GLY B 116 8.08 38.29 -0.38
C GLY B 116 7.69 39.73 -0.09
N GLN B 117 8.19 40.28 1.00
CA GLN B 117 7.90 41.64 1.39
C GLN B 117 8.94 42.07 2.43
N PRO B 118 9.15 43.38 2.61
CA PRO B 118 10.10 43.83 3.62
C PRO B 118 9.74 43.32 5.01
N LYS B 119 10.78 43.06 5.80
CA LYS B 119 10.59 42.47 7.12
C LYS B 119 9.97 43.48 8.08
N ALA B 120 9.30 42.95 9.10
CA ALA B 120 8.65 43.75 10.12
C ALA B 120 8.83 43.09 11.47
N ASN B 121 9.05 43.91 12.50
CA ASN B 121 9.29 43.42 13.85
C ASN B 121 7.98 43.34 14.63
N PRO B 122 7.90 42.43 15.60
CA PRO B 122 6.60 42.12 16.23
C PRO B 122 6.14 43.23 17.18
N THR B 123 4.84 43.19 17.44
CA THR B 123 4.20 44.02 18.46
C THR B 123 3.69 43.09 19.56
N VAL B 124 4.17 43.33 20.79
CA VAL B 124 3.93 42.43 21.91
C VAL B 124 2.99 43.10 22.90
N THR B 125 1.96 42.38 23.32
CA THR B 125 1.03 42.82 24.36
C THR B 125 0.82 41.68 25.34
N LEU B 126 1.08 41.93 26.62
CA LEU B 126 0.91 40.94 27.67
C LEU B 126 -0.39 41.22 28.42
N PHE B 127 -1.20 40.18 28.61
CA PHE B 127 -2.47 40.31 29.28
C PHE B 127 -2.39 39.71 30.68
N PRO B 128 -2.63 40.49 31.73
CA PRO B 128 -2.72 39.92 33.08
C PRO B 128 -3.92 39.00 33.19
N PRO B 129 -3.96 38.11 34.19
CA PRO B 129 -5.09 37.18 34.30
C PRO B 129 -6.41 37.91 34.47
N SER B 130 -7.44 37.42 33.78
CA SER B 130 -8.76 38.02 33.87
C SER B 130 -9.31 37.87 35.29
N SER B 131 -10.01 38.90 35.75
CA SER B 131 -10.62 38.85 37.07
C SER B 131 -11.66 37.73 37.15
N GLU B 132 -12.36 37.46 36.05
CA GLU B 132 -13.29 36.34 36.03
C GLU B 132 -12.57 35.01 36.16
N GLU B 133 -11.33 34.92 35.65
CA GLU B 133 -10.54 33.71 35.77
C GLU B 133 -9.99 33.54 37.18
N LEU B 134 -9.61 34.64 37.82
CA LEU B 134 -9.10 34.57 39.18
C LEU B 134 -10.15 34.10 40.17
N GLN B 135 -11.42 34.46 39.94
CA GLN B 135 -12.50 34.00 40.81
C GLN B 135 -12.78 32.52 40.64
N ALA B 136 -12.29 31.90 39.56
CA ALA B 136 -12.46 30.48 39.30
C ALA B 136 -11.25 29.66 39.74
N ASN B 137 -10.38 30.23 40.57
CA ASN B 137 -9.18 29.56 41.07
C ASN B 137 -8.26 29.13 39.93
N LYS B 138 -8.13 30.00 38.93
CA LYS B 138 -7.25 29.76 37.80
C LYS B 138 -6.58 31.07 37.39
N ALA B 139 -5.48 30.95 36.66
CA ALA B 139 -4.74 32.12 36.21
C ALA B 139 -3.95 31.75 34.98
N THR B 140 -3.98 32.61 33.96
CA THR B 140 -3.29 32.35 32.70
C THR B 140 -2.89 33.67 32.06
N LEU B 141 -1.60 33.82 31.77
CA LEU B 141 -1.10 34.97 31.04
C LEU B 141 -1.12 34.70 29.54
N VAL B 142 -1.28 35.76 28.76
CA VAL B 142 -1.32 35.67 27.31
C VAL B 142 -0.37 36.72 26.74
N CYS B 143 0.58 36.27 25.94
CA CYS B 143 1.57 37.14 25.31
C CYS B 143 1.29 37.15 23.80
N LEU B 144 0.67 38.23 23.32
CA LEU B 144 0.29 38.32 21.93
C LEU B 144 1.47 38.80 21.09
N ILE B 145 1.70 38.14 19.96
CA ILE B 145 2.75 38.50 19.02
C ILE B 145 2.12 38.58 17.63
N SER B 146 2.12 39.77 17.05
CA SER B 146 1.42 39.99 15.79
C SER B 146 2.23 40.92 14.89
N ASP B 147 1.92 40.86 13.60
CA ASP B 147 2.48 41.77 12.59
C ASP B 147 4.00 41.67 12.51
N PHE B 148 4.52 40.45 12.57
CA PHE B 148 5.94 40.21 12.43
C PHE B 148 6.21 39.33 11.22
N TYR B 149 7.30 39.65 10.50
CA TYR B 149 7.69 38.97 9.29
C TYR B 149 9.20 39.16 9.14
N PRO B 150 9.94 38.14 8.69
CA PRO B 150 9.46 36.82 8.31
C PRO B 150 9.75 35.72 9.32
N GLY B 151 9.24 34.52 9.05
CA GLY B 151 9.62 33.34 9.79
C GLY B 151 9.05 33.27 11.19
N ALA B 152 9.65 32.38 11.98
CA ALA B 152 9.21 32.10 13.34
C ALA B 152 9.80 33.13 14.29
N VAL B 153 9.61 32.90 15.60
CA VAL B 153 10.05 33.84 16.62
C VAL B 153 10.32 33.05 17.90
N THR B 154 11.32 33.50 18.66
CA THR B 154 11.68 32.87 19.93
C THR B 154 10.95 33.56 21.08
N VAL B 155 10.42 32.76 22.00
CA VAL B 155 9.63 33.25 23.12
C VAL B 155 10.19 32.67 24.41
N ALA B 156 10.44 33.54 25.39
CA ALA B 156 10.90 33.13 26.71
C ALA B 156 10.11 33.86 27.78
N TRP B 157 9.83 33.17 28.87
CA TRP B 157 9.07 33.72 29.99
C TRP B 157 9.94 33.77 31.23
N LYS B 158 9.78 34.83 32.03
CA LYS B 158 10.47 34.94 33.30
C LYS B 158 9.54 35.55 34.33
N ALA B 159 9.52 34.96 35.53
CA ALA B 159 8.72 35.46 36.65
C ALA B 159 9.61 36.30 37.55
N ASP B 160 9.13 37.49 37.91
CA ASP B 160 9.92 38.47 38.65
C ASP B 160 11.21 38.75 37.90
N SER B 161 12.32 38.20 38.39
CA SER B 161 13.62 38.39 37.76
C SER B 161 14.26 37.08 37.32
N SER B 162 13.59 35.94 37.53
CA SER B 162 14.15 34.64 37.17
C SER B 162 13.30 33.98 36.08
N PRO B 163 13.93 33.21 35.19
CA PRO B 163 13.16 32.59 34.11
C PRO B 163 12.32 31.42 34.61
N VAL B 164 11.25 31.15 33.88
CA VAL B 164 10.34 30.04 34.17
C VAL B 164 10.53 28.97 33.12
N LYS B 165 10.35 27.71 33.54
CA LYS B 165 10.46 26.57 32.63
C LYS B 165 9.39 25.53 32.93
N ALA B 166 8.24 25.96 33.44
CA ALA B 166 7.17 25.05 33.79
C ALA B 166 5.83 25.62 33.35
N GLY B 167 5.04 24.81 32.64
CA GLY B 167 3.72 25.24 32.21
C GLY B 167 3.71 26.33 31.17
N VAL B 168 4.69 26.35 30.27
CA VAL B 168 4.80 27.35 29.22
C VAL B 168 4.48 26.69 27.89
N GLU B 169 3.45 27.20 27.21
CA GLU B 169 3.03 26.67 25.92
C GLU B 169 3.05 27.78 24.89
N THR B 170 3.49 27.46 23.68
CA THR B 170 3.65 28.43 22.61
C THR B 170 3.08 27.86 21.32
N THR B 171 2.54 28.74 20.48
CA THR B 171 1.94 28.37 19.21
C THR B 171 2.91 28.65 18.07
N THR B 172 2.66 28.01 16.93
CA THR B 172 3.43 28.28 15.74
C THR B 172 2.90 29.54 15.04
N PRO B 173 3.78 30.30 14.38
CA PRO B 173 3.32 31.50 13.67
C PRO B 173 2.33 31.17 12.58
N SER B 174 1.43 32.11 12.31
CA SER B 174 0.36 31.92 11.34
C SER B 174 0.12 33.22 10.59
N LYS B 175 -0.06 33.11 9.28
CA LYS B 175 -0.31 34.28 8.45
C LYS B 175 -1.62 34.94 8.84
N GLN B 176 -1.59 36.27 8.96
CA GLN B 176 -2.78 37.05 9.27
C GLN B 176 -3.57 37.34 8.01
N SER B 177 -4.49 38.31 8.08
CA SER B 177 -5.14 38.79 6.86
C SER B 177 -4.10 39.38 5.90
N ASN B 178 -3.16 40.14 6.41
CA ASN B 178 -1.99 40.53 5.65
C ASN B 178 -0.96 39.40 5.66
N ASN B 179 0.12 39.57 4.90
CA ASN B 179 1.12 38.52 4.75
C ASN B 179 1.98 38.35 5.98
N LYS B 180 1.87 39.22 6.98
CA LYS B 180 2.67 39.08 8.18
C LYS B 180 2.10 37.99 9.09
N TYR B 181 2.96 37.44 9.93
CA TYR B 181 2.62 36.32 10.79
C TYR B 181 2.16 36.79 12.18
N ALA B 182 1.60 35.86 12.93
CA ALA B 182 1.12 36.14 14.29
C ALA B 182 1.25 34.88 15.13
N ALA B 183 1.57 35.06 16.41
CA ALA B 183 1.73 33.95 17.33
C ALA B 183 1.29 34.38 18.72
N SER B 184 1.17 33.40 19.61
CA SER B 184 0.74 33.64 20.97
C SER B 184 1.47 32.69 21.91
N SER B 185 1.60 33.11 23.17
CA SER B 185 2.24 32.30 24.20
C SER B 185 1.43 32.40 25.48
N TYR B 186 1.29 31.27 26.17
CA TYR B 186 0.48 31.18 27.38
C TYR B 186 1.34 30.72 28.55
N LEU B 187 0.93 31.11 29.75
CA LEU B 187 1.60 30.68 30.98
C LEU B 187 0.55 30.42 32.04
N SER B 188 0.37 29.15 32.39
CA SER B 188 -0.60 28.77 33.42
C SER B 188 0.08 28.69 34.78
N LEU B 189 -0.59 29.22 35.79
CA LEU B 189 -0.03 29.26 37.14
C LEU B 189 -1.17 29.37 38.14
N THR B 190 -0.86 29.00 39.38
CA THR B 190 -1.85 29.08 40.45
C THR B 190 -2.09 30.53 40.84
N PRO B 191 -3.33 30.87 41.25
CA PRO B 191 -3.59 32.25 41.68
C PRO B 191 -2.75 32.69 42.87
N GLU B 192 -2.32 31.76 43.72
CA GLU B 192 -1.45 32.12 44.82
C GLU B 192 -0.07 32.54 44.32
N GLN B 193 0.41 31.91 43.25
CA GLN B 193 1.69 32.30 42.66
C GLN B 193 1.60 33.62 41.92
N TRP B 194 0.39 34.03 41.51
CA TRP B 194 0.23 35.31 40.83
C TRP B 194 0.34 36.48 41.81
N LYS B 195 -0.06 36.28 43.06
CA LYS B 195 -0.01 37.33 44.07
C LYS B 195 1.32 37.39 44.80
N SER B 196 2.08 36.30 44.84
CA SER B 196 3.34 36.29 45.59
C SER B 196 4.47 36.94 44.79
N HIS B 197 4.60 36.59 43.52
CA HIS B 197 5.67 37.13 42.70
C HIS B 197 5.44 38.61 42.40
N ARG B 198 6.53 39.36 42.29
CA ARG B 198 6.42 40.80 42.13
C ARG B 198 5.94 41.18 40.73
N SER B 199 6.32 40.42 39.71
CA SER B 199 5.90 40.72 38.35
C SER B 199 6.11 39.49 37.48
N TYR B 200 5.61 39.59 36.24
CA TYR B 200 5.81 38.55 35.24
C TYR B 200 6.16 39.22 33.92
N SER B 201 6.93 38.51 33.10
CA SER B 201 7.46 39.09 31.87
C SER B 201 7.31 38.11 30.72
N CYS B 202 7.45 38.65 29.50
CA CYS B 202 7.42 37.86 28.28
C CYS B 202 8.47 38.42 27.32
N GLN B 203 9.51 37.65 27.07
CA GLN B 203 10.61 38.06 26.19
C GLN B 203 10.33 37.53 24.78
N VAL B 204 10.33 38.44 23.80
CA VAL B 204 10.06 38.10 22.41
C VAL B 204 11.28 38.51 21.60
N THR B 205 11.99 37.53 21.04
CA THR B 205 13.18 37.75 20.25
C THR B 205 12.89 37.37 18.80
N HIS B 206 12.89 38.37 17.92
CA HIS B 206 12.60 38.17 16.50
C HIS B 206 13.70 38.79 15.66
N GLU B 207 14.27 38.00 14.76
CA GLU B 207 15.29 38.45 13.81
C GLU B 207 16.48 39.11 14.52
N GLY B 208 16.80 38.64 15.72
CA GLY B 208 17.93 39.16 16.46
C GLY B 208 17.64 40.27 17.44
N SER B 209 16.44 40.85 17.39
CA SER B 209 16.06 41.95 18.27
C SER B 209 15.06 41.44 19.30
N THR B 210 15.41 41.55 20.57
CA THR B 210 14.56 41.09 21.66
C THR B 210 13.70 42.24 22.18
N VAL B 211 12.40 42.01 22.24
CA VAL B 211 11.44 42.96 22.80
C VAL B 211 10.66 42.25 23.89
N GLU B 212 10.52 42.91 25.04
CA GLU B 212 9.83 42.32 26.19
C GLU B 212 8.86 43.31 26.80
N LYS B 213 7.76 42.77 27.33
CA LYS B 213 6.74 43.53 28.02
C LYS B 213 6.36 42.80 29.29
N THR B 214 5.96 43.55 30.31
CA THR B 214 5.67 42.99 31.64
C THR B 214 4.34 43.50 32.15
N VAL B 215 3.70 42.69 33.00
CA VAL B 215 2.49 43.05 33.73
C VAL B 215 2.68 42.66 35.19
N ALA B 216 1.74 43.10 36.02
CA ALA B 216 1.77 42.85 37.44
C ALA B 216 0.39 43.13 38.02
N PRO B 217 0.04 42.51 39.16
CA PRO B 217 -1.26 42.80 39.78
C PRO B 217 -1.37 44.22 40.32
N SER C 5 12.68 0.27 -14.94
CA SER C 5 13.17 1.09 -16.05
C SER C 5 14.35 1.95 -15.61
N THR C 6 15.10 1.47 -14.64
CA THR C 6 16.27 2.19 -14.16
C THR C 6 17.39 2.15 -15.19
N ASN C 7 18.03 3.29 -15.41
CA ASN C 7 19.10 3.41 -16.39
C ASN C 7 20.44 3.80 -15.79
N THR C 8 20.49 4.24 -14.54
CA THR C 8 21.73 4.63 -13.89
C THR C 8 21.86 3.93 -12.56
N THR C 9 23.10 3.76 -12.11
CA THR C 9 23.40 3.07 -10.85
C THR C 9 23.53 4.10 -9.73
N ASP C 10 22.67 3.98 -8.72
CA ASP C 10 22.72 4.88 -7.58
C ASP C 10 23.62 4.34 -6.46
N ASN C 11 23.63 3.03 -6.26
CA ASN C 11 24.37 2.40 -5.17
C ASN C 11 25.53 1.58 -5.74
N ILE C 12 26.73 1.85 -5.26
CA ILE C 12 27.93 1.11 -5.67
C ILE C 12 28.59 0.42 -4.49
N ASP C 13 27.83 0.15 -3.42
CA ASP C 13 28.35 -0.49 -2.22
C ASP C 13 28.71 -1.96 -2.42
N TYR C 14 28.67 -2.52 -3.64
CA TYR C 14 29.06 -3.89 -3.85
C TYR C 14 30.57 -4.09 -3.88
N PHE C 15 31.34 -3.02 -3.83
CA PHE C 15 32.80 -3.11 -3.82
C PHE C 15 33.29 -3.49 -2.42
N ASP C 16 34.17 -4.49 -2.37
CA ASP C 16 34.79 -4.92 -1.12
C ASP C 16 36.25 -5.27 -1.41
N ILE C 17 37.02 -5.44 -0.35
CA ILE C 17 38.44 -5.76 -0.48
C ILE C 17 38.89 -6.57 0.73
N SER C 18 39.79 -7.51 0.51
CA SER C 18 40.41 -8.29 1.56
C SER C 18 41.88 -7.90 1.69
N ASP C 19 42.35 -7.74 2.93
CA ASP C 19 43.72 -7.35 3.17
C ASP C 19 44.67 -8.46 2.73
N GLU C 20 45.86 -8.06 2.28
CA GLU C 20 46.83 -9.00 1.73
C GLU C 20 47.73 -9.62 2.79
N SER C 21 48.12 -8.85 3.81
CA SER C 21 48.97 -9.39 4.86
C SER C 21 48.21 -10.40 5.73
N ASN C 22 47.14 -9.93 6.37
CA ASN C 22 46.20 -10.79 7.07
C ASN C 22 44.87 -10.73 6.33
N TYR C 23 44.16 -11.86 6.27
CA TYR C 23 43.01 -12.00 5.39
C TYR C 23 41.73 -11.73 6.16
N TYR C 24 41.22 -10.50 6.01
CA TYR C 24 39.94 -10.07 6.57
C TYR C 24 39.13 -9.40 5.49
N LEU C 25 37.82 -9.62 5.51
CA LEU C 25 36.92 -9.03 4.52
C LEU C 25 36.36 -7.72 5.05
N ILE C 26 36.38 -6.69 4.21
CA ILE C 26 35.90 -5.35 4.57
C ILE C 26 34.73 -5.01 3.66
N SER C 27 33.53 -4.96 4.21
CA SER C 27 32.34 -4.58 3.48
C SER C 27 31.95 -3.14 3.80
N GLN C 28 31.31 -2.48 2.83
CA GLN C 28 30.92 -1.09 3.03
C GLN C 28 29.76 -0.97 4.01
N LEU C 29 28.93 -2.01 4.12
CA LEU C 29 27.83 -1.99 5.05
C LEU C 29 28.30 -2.40 6.44
N ARG C 30 27.71 -1.79 7.46
CA ARG C 30 28.06 -2.11 8.83
C ARG C 30 27.72 -3.57 9.13
N PRO C 31 28.51 -4.25 9.97
CA PRO C 31 29.63 -3.74 10.76
C PRO C 31 30.98 -3.70 10.05
N HIS C 32 30.98 -3.93 8.73
CA HIS C 32 32.18 -3.92 7.89
C HIS C 32 33.07 -5.14 8.12
N PHE C 33 33.11 -5.67 9.34
CA PHE C 33 33.96 -6.79 9.69
C PHE C 33 33.10 -7.95 10.15
N SER C 34 33.37 -9.15 9.60
CA SER C 34 32.70 -10.34 10.09
C SER C 34 33.04 -10.65 11.54
N ASN C 35 34.18 -10.15 12.03
CA ASN C 35 34.58 -10.40 13.41
C ASN C 35 33.70 -9.64 14.39
N ILE C 36 33.14 -8.50 13.97
CA ILE C 36 32.29 -7.71 14.86
C ILE C 36 31.06 -8.51 15.26
N TYR C 37 30.52 -9.31 14.34
CA TYR C 37 29.42 -10.20 14.69
C TYR C 37 29.88 -11.27 15.68
N PHE C 38 31.09 -11.79 15.48
CA PHE C 38 31.65 -12.75 16.44
C PHE C 38 31.78 -12.11 17.82
N PHE C 39 32.13 -10.83 17.87
CA PHE C 39 32.18 -10.13 19.14
C PHE C 39 30.78 -9.94 19.71
N ASP C 40 29.78 -9.69 18.84
CA ASP C 40 28.41 -9.52 19.30
C ASP C 40 27.80 -10.84 19.78
N GLU C 41 28.32 -11.98 19.34
CA GLU C 41 27.80 -13.26 19.80
C GLU C 41 28.35 -13.66 21.16
N PHE C 42 29.56 -13.22 21.49
CA PHE C 42 30.14 -13.56 22.79
C PHE C 42 29.35 -12.96 23.94
N LYS C 43 28.60 -11.87 23.70
CA LYS C 43 27.76 -11.32 24.74
C LYS C 43 26.62 -12.27 25.10
N ARG C 44 26.10 -13.01 24.12
CA ARG C 44 25.08 -14.02 24.42
C ARG C 44 25.68 -15.17 25.21
N TYR C 45 26.93 -15.54 24.91
CA TYR C 45 27.59 -16.59 25.69
C TYR C 45 27.88 -16.11 27.11
N ALA C 46 28.46 -14.92 27.24
CA ALA C 46 28.83 -14.41 28.57
C ALA C 46 27.62 -14.28 29.47
N SER C 47 26.44 -13.96 28.92
CA SER C 47 25.24 -13.86 29.73
C SER C 47 24.75 -15.23 30.18
N TYR C 48 25.10 -16.28 29.43
CA TYR C 48 24.65 -17.63 29.75
C TYR C 48 25.76 -18.56 30.22
N HIS C 49 27.02 -18.16 30.09
CA HIS C 49 28.14 -19.03 30.45
C HIS C 49 28.22 -19.24 31.95
N THR C 50 28.60 -18.20 32.69
CA THR C 50 28.84 -18.32 34.12
C THR C 50 28.48 -17.01 34.79
N GLU C 51 28.84 -16.88 36.07
CA GLU C 51 28.62 -15.64 36.80
C GLU C 51 29.49 -14.51 36.26
N ILE C 52 30.62 -14.85 35.64
CA ILE C 52 31.50 -13.85 35.05
C ILE C 52 30.82 -13.27 33.81
N LYS C 53 30.59 -11.95 33.83
CA LYS C 53 29.95 -11.24 32.72
C LYS C 53 30.74 -10.00 32.33
N ARG C 54 32.05 -10.01 32.59
CA ARG C 54 32.90 -8.85 32.32
C ARG C 54 32.92 -8.45 30.84
N TYR C 55 32.45 -9.32 29.94
CA TYR C 55 32.43 -8.95 28.53
C TYR C 55 31.43 -7.83 28.25
N GLU C 56 30.39 -7.70 29.08
CA GLU C 56 29.43 -6.63 28.91
C GLU C 56 30.10 -5.26 29.04
N ASP C 57 31.17 -5.17 29.83
CA ASP C 57 31.92 -3.92 29.94
C ASP C 57 32.83 -3.72 28.74
N ILE C 58 33.46 -4.78 28.25
CA ILE C 58 34.32 -4.67 27.08
C ILE C 58 33.50 -4.53 25.80
N HIS C 59 32.28 -5.07 25.78
CA HIS C 59 31.44 -4.96 24.59
C HIS C 59 30.98 -3.52 24.37
N LYS C 60 30.73 -2.79 25.45
CA LYS C 60 30.27 -1.41 25.33
C LYS C 60 31.41 -0.44 25.09
N THR C 61 32.63 -0.78 25.51
CA THR C 61 33.77 0.12 25.42
C THR C 61 34.70 -0.21 24.25
N LYS C 62 35.11 -1.47 24.13
CA LYS C 62 36.10 -1.85 23.13
C LYS C 62 35.48 -2.26 21.80
N VAL C 63 34.37 -3.02 21.84
CA VAL C 63 33.78 -3.52 20.61
C VAL C 63 33.11 -2.39 19.83
N ASN C 64 32.37 -1.53 20.52
CA ASN C 64 31.73 -0.40 19.84
C ASN C 64 32.76 0.57 19.28
N SER C 65 33.91 0.70 19.94
CA SER C 65 34.97 1.58 19.42
C SER C 65 35.45 1.11 18.07
N LEU C 66 35.69 -0.19 17.92
CA LEU C 66 36.11 -0.73 16.64
C LEU C 66 35.05 -0.52 15.57
N LEU C 67 33.78 -0.75 15.92
CA LEU C 67 32.69 -0.54 14.99
C LEU C 67 32.57 0.93 14.61
N ASN C 68 32.66 1.82 15.59
CA ASN C 68 32.54 3.26 15.31
C ASN C 68 33.75 3.77 14.55
N GLU C 69 34.94 3.28 14.87
CA GLU C 69 36.14 3.72 14.17
C GLU C 69 36.14 3.22 12.73
N ALA C 70 35.60 2.01 12.50
CA ALA C 70 35.54 1.47 11.15
C ALA C 70 34.53 2.24 10.30
N SER C 71 33.39 2.60 10.88
CA SER C 71 32.39 3.38 10.14
C SER C 71 32.96 4.72 9.74
N ARG C 72 33.74 5.35 10.62
CA ARG C 72 34.44 6.58 10.24
C ARG C 72 35.46 6.31 9.14
N ALA C 73 36.19 5.20 9.24
CA ALA C 73 37.21 4.87 8.24
C ALA C 73 36.59 4.72 6.86
N ILE C 74 35.45 4.04 6.77
CA ILE C 74 34.76 3.94 5.49
C ILE C 74 34.22 5.29 5.05
N GLY C 75 33.83 6.14 6.01
CA GLY C 75 33.33 7.46 5.68
C GLY C 75 34.37 8.41 5.15
N ILE C 76 35.65 8.13 5.39
CA ILE C 76 36.70 8.98 4.83
C ILE C 76 36.77 8.84 3.32
N CYS C 77 36.40 7.67 2.80
CA CYS C 77 36.50 7.40 1.37
C CYS C 77 35.31 7.93 0.58
N ASN C 78 34.62 8.97 1.06
CA ASN C 78 33.52 9.55 0.30
C ASN C 78 34.02 10.15 -1.01
N ARG C 79 35.17 10.81 -0.98
CA ARG C 79 35.71 11.41 -2.20
C ARG C 79 36.03 10.34 -3.24
N ALA C 80 36.63 9.22 -2.80
CA ALA C 80 36.91 8.13 -3.72
C ALA C 80 35.63 7.43 -4.16
N LYS C 81 34.67 7.27 -3.24
CA LYS C 81 33.43 6.58 -3.58
C LYS C 81 32.60 7.38 -4.58
N ASN C 82 32.51 8.69 -4.39
CA ASN C 82 31.73 9.52 -5.31
C ASN C 82 32.39 9.62 -6.67
N THR C 83 33.74 9.64 -6.70
CA THR C 83 34.44 9.70 -7.98
C THR C 83 34.37 8.37 -8.72
N VAL C 84 34.31 7.25 -7.99
CA VAL C 84 34.14 5.96 -8.64
C VAL C 84 32.74 5.84 -9.22
N LYS C 85 31.73 6.22 -8.45
CA LYS C 85 30.36 6.18 -8.95
C LYS C 85 30.18 7.08 -10.17
N GLY C 86 30.92 8.19 -10.23
CA GLY C 86 30.84 9.05 -11.40
C GLY C 86 31.31 8.36 -12.66
N LEU C 87 32.41 7.61 -12.57
CA LEU C 87 32.88 6.84 -13.73
C LEU C 87 31.95 5.69 -14.06
N ILE C 88 31.24 5.16 -13.06
CA ILE C 88 30.29 4.08 -13.32
C ILE C 88 29.05 4.63 -14.02
N ASN C 89 28.58 5.80 -13.59
CA ASN C 89 27.38 6.37 -14.20
C ASN C 89 27.63 6.78 -15.65
N ILE C 90 28.84 7.26 -15.97
CA ILE C 90 29.13 7.71 -17.32
C ILE C 90 29.15 6.53 -18.28
N LEU C 91 29.90 5.48 -17.93
CA LEU C 91 30.03 4.31 -18.81
C LEU C 91 28.75 3.48 -18.90
N GLU C 92 27.71 3.81 -18.14
CA GLU C 92 26.44 3.09 -18.19
C GLU C 92 25.40 3.75 -19.07
N ASN C 93 25.37 5.08 -19.13
CA ASN C 93 24.35 5.80 -19.87
C ASN C 93 24.98 6.46 -21.10
N PRO C 94 24.58 6.08 -22.31
CA PRO C 94 25.08 6.81 -23.49
C PRO C 94 24.67 8.27 -23.51
N GLN C 95 23.50 8.60 -22.94
CA GLN C 95 23.10 10.00 -22.86
C GLN C 95 24.03 10.78 -21.94
N LYS C 96 24.56 10.14 -20.91
CA LYS C 96 25.58 10.75 -20.05
C LYS C 96 26.99 10.51 -20.56
N PHE C 97 27.16 9.65 -21.57
CA PHE C 97 28.47 9.39 -22.15
C PHE C 97 28.76 10.25 -23.37
N LYS C 98 27.74 10.57 -24.17
CA LYS C 98 27.94 11.39 -25.35
C LYS C 98 28.29 12.84 -25.03
N THR C 99 28.08 13.28 -23.79
CA THR C 99 28.38 14.66 -23.43
C THR C 99 29.89 14.92 -23.40
N GLN C 100 30.64 14.01 -22.80
CA GLN C 100 32.08 14.16 -22.72
C GLN C 100 32.72 13.94 -24.09
N ARG C 101 33.85 14.61 -24.30
CA ARG C 101 34.57 14.55 -25.57
C ARG C 101 35.67 13.49 -25.56
N GLU C 102 35.42 12.33 -24.96
CA GLU C 102 36.39 11.25 -24.90
C GLU C 102 35.73 9.95 -25.35
N SER C 103 36.57 9.00 -25.73
CA SER C 103 36.09 7.71 -26.22
C SER C 103 35.88 6.74 -25.07
N TYR C 104 35.14 5.67 -25.36
CA TYR C 104 34.84 4.67 -24.35
C TYR C 104 36.10 3.90 -23.95
N ASP C 105 36.84 3.40 -24.93
CA ASP C 105 38.08 2.67 -24.66
C ASP C 105 39.15 3.55 -24.02
N VAL C 106 38.98 4.87 -24.03
CA VAL C 106 39.94 5.77 -23.41
C VAL C 106 39.67 5.95 -21.93
N LYS C 107 38.41 6.14 -21.55
CA LYS C 107 38.04 6.32 -20.15
C LYS C 107 37.65 5.03 -19.46
N LEU C 108 37.65 3.89 -20.17
CA LEU C 108 37.43 2.61 -19.52
C LEU C 108 38.60 2.20 -18.66
N ARG C 109 39.80 2.73 -18.93
CA ARG C 109 40.95 2.48 -18.06
C ARG C 109 40.94 3.39 -16.84
N GLN C 110 40.36 4.59 -16.96
CA GLN C 110 40.21 5.46 -15.80
C GLN C 110 39.31 4.82 -14.75
N TYR C 111 38.35 4.00 -15.18
CA TYR C 111 37.49 3.30 -14.23
C TYR C 111 38.29 2.36 -13.35
N GLU C 112 39.14 1.52 -13.96
CA GLU C 112 39.91 0.57 -13.19
C GLU C 112 40.92 1.26 -12.27
N GLU C 113 41.46 2.39 -12.69
CA GLU C 113 42.41 3.11 -11.85
C GLU C 113 41.75 3.63 -10.58
N LYS C 114 40.52 4.14 -10.71
CA LYS C 114 39.79 4.64 -9.55
C LYS C 114 39.09 3.52 -8.79
N LYS C 115 38.67 2.47 -9.49
CA LYS C 115 38.04 1.33 -8.82
C LYS C 115 38.97 0.71 -7.80
N GLU C 116 40.25 0.54 -8.16
CA GLU C 116 41.23 0.02 -7.21
C GLU C 116 41.69 1.09 -6.22
N ALA C 117 41.64 2.37 -6.62
CA ALA C 117 41.98 3.44 -5.70
C ALA C 117 40.98 3.52 -4.54
N PHE C 118 39.71 3.20 -4.81
CA PHE C 118 38.71 3.20 -3.74
C PHE C 118 38.88 2.00 -2.83
N ARG C 119 39.12 0.82 -3.40
CA ARG C 119 39.32 -0.38 -2.59
C ARG C 119 40.54 -0.24 -1.69
N GLY C 120 41.57 0.47 -2.16
CA GLY C 120 42.71 0.74 -1.30
C GLY C 120 42.37 1.62 -0.11
N CYS C 121 41.43 2.54 -0.29
CA CYS C 121 41.01 3.39 0.82
C CYS C 121 40.26 2.59 1.87
N LEU C 122 39.43 1.65 1.45
CA LEU C 122 38.69 0.82 2.40
C LEU C 122 39.63 0.00 3.29
N LEU C 123 40.79 -0.37 2.76
CA LEU C 123 41.76 -1.17 3.52
C LEU C 123 42.72 -0.30 4.32
N ASN C 124 43.24 0.78 3.72
CA ASN C 124 44.22 1.61 4.43
C ASN C 124 43.60 2.27 5.64
N LYS C 125 42.39 2.81 5.52
CA LYS C 125 41.74 3.46 6.65
C LYS C 125 41.32 2.47 7.73
N ASN C 126 41.20 1.19 7.39
CA ASN C 126 40.87 0.15 8.36
C ASN C 126 42.08 -0.68 8.77
N ARG C 127 43.26 -0.39 8.22
CA ARG C 127 44.45 -1.15 8.59
C ARG C 127 44.78 -0.98 10.06
N LYS C 128 44.56 0.22 10.61
CA LYS C 128 44.75 0.43 12.04
C LYS C 128 43.68 -0.27 12.86
N ASN C 129 42.53 -0.57 12.26
CA ASN C 129 41.46 -1.25 12.99
C ASN C 129 41.63 -2.76 13.02
N LEU C 130 42.28 -3.33 12.00
CA LEU C 130 42.48 -4.77 11.97
C LEU C 130 43.37 -5.23 13.13
N ASP C 131 44.27 -4.36 13.59
CA ASP C 131 45.11 -4.72 14.73
C ASP C 131 44.30 -4.91 16.00
N GLN C 132 43.20 -4.17 16.15
CA GLN C 132 42.33 -4.35 17.31
C GLN C 132 41.56 -5.65 17.26
N ILE C 133 41.35 -6.22 16.07
CA ILE C 133 40.67 -7.50 15.97
C ILE C 133 41.49 -8.59 16.66
N LYS C 134 42.79 -8.63 16.37
CA LYS C 134 43.67 -9.57 17.05
C LYS C 134 43.86 -9.21 18.52
N LYS C 135 43.71 -7.92 18.85
CA LYS C 135 43.82 -7.49 20.24
C LYS C 135 42.58 -7.84 21.05
N ILE C 136 41.40 -7.79 20.43
CA ILE C 136 40.18 -8.17 21.13
C ILE C 136 40.05 -9.69 21.22
N ASN C 137 40.39 -10.40 20.14
CA ASN C 137 40.32 -11.86 20.18
C ASN C 137 41.21 -12.44 21.26
N ASN C 138 42.41 -11.90 21.44
CA ASN C 138 43.27 -12.33 22.53
C ASN C 138 42.66 -11.98 23.88
N GLU C 139 42.00 -10.82 23.97
CA GLU C 139 41.36 -10.43 25.22
C GLU C 139 40.16 -11.33 25.52
N ILE C 140 39.41 -11.73 24.49
CA ILE C 140 38.33 -12.69 24.70
C ILE C 140 38.88 -14.04 25.11
N ARG C 141 39.93 -14.51 24.42
CA ARG C 141 40.55 -15.77 24.78
C ARG C 141 41.20 -15.74 26.17
N ASP C 142 41.54 -14.55 26.66
CA ASP C 142 42.14 -14.41 27.97
C ASP C 142 41.08 -14.34 29.08
N LEU C 143 39.98 -13.63 28.82
CA LEU C 143 38.96 -13.44 29.83
C LEU C 143 38.03 -14.64 29.99
N LEU C 144 38.02 -15.56 29.03
CA LEU C 144 37.13 -16.72 29.12
C LEU C 144 37.68 -17.80 30.03
N GLU C 145 38.98 -17.83 30.27
CA GLU C 145 39.57 -18.92 31.05
C GLU C 145 39.13 -18.90 32.51
N LYS C 146 38.90 -17.71 33.06
CA LYS C 146 38.49 -17.60 34.46
C LYS C 146 37.06 -18.08 34.66
N SER C 150 39.11 -26.32 35.06
CA SER C 150 38.41 -27.57 35.31
C SER C 150 38.55 -28.53 34.14
N GLN C 151 38.43 -29.83 34.41
CA GLN C 151 38.57 -30.86 33.39
C GLN C 151 37.23 -31.34 32.85
N ASP C 152 36.12 -30.75 33.29
CA ASP C 152 34.80 -31.17 32.85
C ASP C 152 33.85 -29.98 32.93
N CYS C 153 34.14 -28.93 32.17
CA CYS C 153 33.24 -27.78 32.13
C CYS C 153 31.95 -28.14 31.40
N GLN C 154 30.86 -27.49 31.82
CA GLN C 154 29.55 -27.81 31.28
C GLN C 154 29.47 -27.48 29.80
N THR C 155 28.50 -28.11 29.12
CA THR C 155 28.29 -27.89 27.69
C THR C 155 26.83 -27.64 27.35
N ASN C 156 25.98 -27.39 28.34
CA ASN C 156 24.56 -27.16 28.06
C ASN C 156 24.36 -25.88 27.24
N VAL C 157 25.26 -24.91 27.39
CA VAL C 157 25.13 -23.67 26.63
C VAL C 157 25.64 -23.84 25.21
N TYR C 158 26.73 -24.60 25.03
CA TYR C 158 27.31 -24.81 23.71
C TYR C 158 26.30 -25.47 22.77
N PHE C 159 25.71 -26.59 23.21
CA PHE C 159 24.78 -27.31 22.34
C PHE C 159 23.44 -26.60 22.22
N ASP C 160 23.05 -25.81 23.23
CA ASP C 160 21.83 -25.03 23.12
C ASP C 160 21.95 -23.96 22.04
N MET C 161 23.17 -23.48 21.78
CA MET C 161 23.38 -22.52 20.71
C MET C 161 23.24 -23.17 19.34
N ILE C 162 23.75 -24.40 19.21
CA ILE C 162 23.70 -25.09 17.92
C ILE C 162 22.25 -25.40 17.54
N LYS C 163 21.43 -25.76 18.52
CA LYS C 163 20.02 -26.05 18.24
C LYS C 163 19.28 -24.81 17.77
N ILE C 164 19.67 -23.63 18.27
CA ILE C 164 19.00 -22.39 17.86
C ILE C 164 19.56 -21.87 16.54
N TYR C 165 20.85 -22.11 16.27
CA TYR C 165 21.45 -21.64 15.02
C TYR C 165 20.78 -22.27 13.81
N LEU C 166 20.45 -23.56 13.89
CA LEU C 166 19.84 -24.25 12.76
C LEU C 166 18.47 -23.63 12.42
N VAL C 167 17.73 -23.21 13.43
CA VAL C 167 16.45 -22.54 13.18
C VAL C 167 16.71 -21.14 12.63
N ASP C 168 17.74 -20.47 13.13
CA ASP C 168 18.08 -19.15 12.61
C ASP C 168 18.66 -19.23 11.20
N PHE C 169 19.25 -20.37 10.83
CA PHE C 169 19.77 -20.53 9.49
C PHE C 169 18.65 -20.58 8.46
N LYS C 170 17.52 -21.19 8.81
CA LYS C 170 16.39 -21.29 7.88
C LYS C 170 15.75 -19.95 7.58
N LYS C 171 16.06 -18.90 8.34
CA LYS C 171 15.54 -17.58 8.05
C LYS C 171 16.13 -17.01 6.76
N MET C 172 17.31 -17.47 6.36
CA MET C 172 17.96 -17.02 5.13
C MET C 172 17.51 -17.90 3.97
N PRO C 173 17.09 -17.32 2.84
CA PRO C 173 16.69 -18.13 1.67
C PRO C 173 17.89 -18.61 0.85
N TYR C 174 18.57 -19.64 1.38
CA TYR C 174 19.73 -20.17 0.68
C TYR C 174 19.34 -20.90 -0.59
N GLU C 175 18.37 -21.82 -0.50
CA GLU C 175 17.93 -22.54 -1.69
C GLU C 175 17.31 -21.59 -2.72
N ASN C 176 16.77 -20.47 -2.27
CA ASN C 176 16.25 -19.46 -3.19
C ASN C 176 17.36 -18.60 -3.76
N TYR C 177 18.42 -18.34 -2.99
CA TYR C 177 19.56 -17.60 -3.51
C TYR C 177 20.38 -18.45 -4.48
N ASP C 178 20.47 -19.75 -4.23
CA ASP C 178 21.27 -20.62 -5.08
C ASP C 178 20.68 -20.73 -6.48
N THR C 179 19.36 -20.97 -6.57
CA THR C 179 18.71 -21.05 -7.87
C THR C 179 18.73 -19.71 -8.58
N PHE C 180 18.77 -18.61 -7.83
CA PHE C 180 18.85 -17.29 -8.44
C PHE C 180 20.16 -17.09 -9.19
N ILE C 181 21.25 -17.71 -8.72
CA ILE C 181 22.54 -17.58 -9.40
C ILE C 181 22.53 -18.32 -10.72
N LYS C 182 22.18 -19.60 -10.70
CA LYS C 182 22.31 -20.43 -11.91
C LYS C 182 21.44 -19.91 -13.05
N GLN C 183 20.33 -19.25 -12.74
CA GLN C 183 19.49 -18.66 -13.78
C GLN C 183 20.02 -17.30 -14.22
N TYR C 184 20.51 -16.50 -13.27
CA TYR C 184 21.07 -15.20 -13.61
C TYR C 184 22.46 -15.32 -14.23
N LYS C 185 23.21 -16.37 -13.87
CA LYS C 185 24.54 -16.55 -14.44
C LYS C 185 24.46 -16.99 -15.89
N ASN C 186 23.58 -17.94 -16.19
CA ASN C 186 23.43 -18.40 -17.58
C ASN C 186 22.81 -17.32 -18.46
N SER C 187 21.88 -16.54 -17.89
CA SER C 187 21.32 -15.42 -18.65
C SER C 187 22.36 -14.34 -18.92
N TYR C 188 23.31 -14.17 -18.00
CA TYR C 188 24.40 -13.21 -18.23
C TYR C 188 25.39 -13.76 -19.25
N LEU C 189 25.66 -15.06 -19.21
CA LEU C 189 26.53 -15.66 -20.22
C LEU C 189 25.88 -15.66 -21.59
N SER C 190 24.54 -15.71 -21.64
CA SER C 190 23.85 -15.56 -22.92
C SER C 190 23.85 -14.12 -23.40
N GLY C 191 24.05 -13.16 -22.50
CA GLY C 191 24.13 -11.77 -22.87
C GLY C 191 25.49 -11.40 -23.43
N VAL C 192 26.55 -11.95 -22.83
CA VAL C 192 27.90 -11.72 -23.35
C VAL C 192 28.13 -12.49 -24.64
N ASP C 193 27.34 -13.54 -24.89
CA ASP C 193 27.45 -14.27 -26.14
C ASP C 193 26.79 -13.52 -27.28
N MET C 194 25.68 -12.83 -27.01
CA MET C 194 24.96 -12.14 -28.07
C MET C 194 25.74 -10.94 -28.60
N ILE C 195 26.38 -10.18 -27.70
CA ILE C 195 27.11 -8.99 -28.13
C ILE C 195 28.33 -9.36 -28.94
N ARG C 196 28.90 -10.54 -28.73
CA ARG C 196 30.05 -10.98 -29.50
C ARG C 196 29.70 -11.24 -30.96
N LYS C 197 28.42 -11.41 -31.28
CA LYS C 197 27.98 -11.65 -32.64
C LYS C 197 27.23 -10.48 -33.26
N ILE C 198 26.77 -9.53 -32.44
CA ILE C 198 26.12 -8.33 -32.97
C ILE C 198 27.14 -7.21 -33.20
N GLU C 199 28.13 -7.08 -32.30
CA GLU C 199 29.15 -6.06 -32.47
C GLU C 199 30.03 -6.34 -33.69
N LYS C 200 30.08 -7.57 -34.17
CA LYS C 200 30.85 -7.93 -35.36
C LYS C 200 30.04 -7.77 -36.65
N GLN C 201 28.72 -7.61 -36.55
CA GLN C 201 27.88 -7.44 -37.72
C GLN C 201 27.08 -6.14 -37.73
N ILE C 202 26.90 -5.49 -36.59
CA ILE C 202 26.17 -4.24 -36.50
C ILE C 202 27.10 -3.15 -35.97
N ASP C 203 27.05 -1.97 -36.60
CA ASP C 203 27.91 -0.85 -36.23
C ASP C 203 27.11 0.12 -35.36
N ASN C 204 27.01 -0.22 -34.08
CA ASN C 204 26.39 0.64 -33.07
C ASN C 204 27.27 0.65 -31.83
N PRO C 205 28.43 1.30 -31.91
CA PRO C 205 29.44 1.12 -30.84
C PRO C 205 29.08 1.77 -29.53
N VAL C 206 28.42 2.93 -29.55
CA VAL C 206 28.20 3.68 -28.32
C VAL C 206 27.30 2.92 -27.36
N THR C 207 26.25 2.27 -27.88
CA THR C 207 25.30 1.57 -27.01
C THR C 207 25.85 0.22 -26.57
N ILE C 208 26.55 -0.48 -27.46
CA ILE C 208 27.09 -1.80 -27.12
C ILE C 208 28.15 -1.69 -26.05
N ASN C 209 28.89 -0.58 -26.01
CA ASN C 209 29.94 -0.42 -25.00
C ASN C 209 29.35 -0.40 -23.59
N ALA C 210 28.17 0.21 -23.42
CA ALA C 210 27.53 0.20 -22.12
C ALA C 210 27.09 -1.20 -21.72
N ILE C 211 26.59 -1.98 -22.69
CA ILE C 211 26.21 -3.36 -22.39
C ILE C 211 27.45 -4.19 -22.06
N LYS C 212 28.56 -3.94 -22.75
CA LYS C 212 29.80 -4.63 -22.41
C LYS C 212 30.36 -4.19 -21.07
N PHE C 213 30.18 -2.91 -20.72
CA PHE C 213 30.68 -2.43 -19.44
C PHE C 213 29.80 -2.92 -18.30
N THR C 214 28.48 -2.88 -18.48
CA THR C 214 27.58 -3.36 -17.43
C THR C 214 27.82 -4.84 -17.15
N GLN C 215 28.08 -5.63 -18.19
CA GLN C 215 28.40 -7.03 -17.99
C GLN C 215 29.76 -7.21 -17.33
N LYS C 216 30.66 -6.23 -17.49
CA LYS C 216 31.96 -6.31 -16.83
C LYS C 216 31.81 -6.19 -15.31
N GLU C 217 30.94 -5.30 -14.85
CA GLU C 217 30.69 -5.19 -13.41
C GLU C 217 29.80 -6.31 -12.91
N MET C 218 28.91 -6.83 -13.75
CA MET C 218 28.02 -7.90 -13.33
C MET C 218 28.82 -9.14 -12.90
N GLY C 219 29.88 -9.46 -13.64
CA GLY C 219 30.73 -10.58 -13.24
C GLY C 219 31.41 -10.37 -11.91
N TYR C 220 31.74 -9.11 -11.59
CA TYR C 220 32.35 -8.82 -10.29
C TYR C 220 31.38 -9.05 -9.15
N ILE C 221 30.11 -8.67 -9.34
CA ILE C 221 29.12 -8.85 -8.29
C ILE C 221 28.67 -10.31 -8.21
N ILE C 222 28.58 -10.99 -9.35
CA ILE C 222 28.30 -12.43 -9.34
C ILE C 222 29.37 -13.17 -8.57
N ASP C 223 30.64 -12.78 -8.76
CA ASP C 223 31.73 -13.40 -8.03
C ASP C 223 31.56 -13.22 -6.52
N ARG C 224 31.24 -12.00 -6.09
CA ARG C 224 31.03 -11.76 -4.67
C ARG C 224 29.75 -12.42 -4.18
N PHE C 225 28.71 -12.45 -5.01
CA PHE C 225 27.47 -13.10 -4.60
C PHE C 225 27.64 -14.60 -4.49
N GLU C 226 28.46 -15.20 -5.36
CA GLU C 226 28.76 -16.62 -5.25
C GLU C 226 29.69 -16.88 -4.07
N TYR C 227 30.76 -16.08 -3.95
CA TYR C 227 31.77 -16.31 -2.92
C TYR C 227 31.17 -16.37 -1.53
N HIS C 228 30.15 -15.55 -1.26
CA HIS C 228 29.48 -15.62 0.03
C HIS C 228 28.58 -16.84 0.12
N LEU C 229 27.94 -17.21 -0.99
CA LEU C 229 26.95 -18.29 -0.97
C LEU C 229 27.57 -19.61 -0.53
N GLN C 230 28.79 -19.91 -1.01
CA GLN C 230 29.45 -21.13 -0.58
C GLN C 230 30.01 -21.01 0.83
N LYS C 231 30.55 -19.83 1.19
CA LYS C 231 31.09 -19.65 2.53
C LYS C 231 29.98 -19.70 3.58
N VAL C 232 28.82 -19.11 3.27
CA VAL C 232 27.66 -19.25 4.15
C VAL C 232 27.21 -20.71 4.18
N LYS C 233 27.21 -21.37 3.02
CA LYS C 233 26.86 -22.78 2.98
C LYS C 233 27.84 -23.62 3.78
N HIS C 234 29.14 -23.29 3.69
CA HIS C 234 30.13 -24.03 4.47
C HIS C 234 29.92 -23.85 5.96
N SER C 235 29.45 -22.68 6.39
CA SER C 235 29.12 -22.49 7.80
C SER C 235 27.86 -23.27 8.17
N ILE C 236 26.84 -23.25 7.30
CA ILE C 236 25.62 -24.00 7.56
C ILE C 236 25.91 -25.49 7.59
N ASP C 237 26.71 -25.97 6.64
CA ASP C 237 27.02 -27.40 6.59
C ASP C 237 27.87 -27.83 7.78
N GLN C 238 28.74 -26.95 8.28
CA GLN C 238 29.58 -27.32 9.41
C GLN C 238 28.82 -27.24 10.73
N VAL C 239 28.07 -26.15 10.94
CA VAL C 239 27.29 -26.02 12.17
C VAL C 239 26.30 -27.17 12.30
N THR C 240 25.68 -27.57 11.20
CA THR C 240 24.82 -28.75 11.23
C THR C 240 25.62 -30.01 11.52
N ALA C 241 26.88 -30.06 11.07
CA ALA C 241 27.70 -31.24 11.33
C ALA C 241 28.09 -31.34 12.79
N LEU C 242 28.27 -30.21 13.48
CA LEU C 242 28.58 -30.25 14.91
C LEU C 242 27.43 -30.80 15.72
N SER C 243 26.19 -30.59 15.27
CA SER C 243 25.03 -31.11 15.98
C SER C 243 24.86 -32.60 15.75
N ASP C 244 25.00 -33.04 14.50
CA ASP C 244 24.79 -34.45 14.18
C ASP C 244 25.86 -35.34 14.80
N GLY C 245 27.08 -34.83 14.94
CA GLY C 245 28.16 -35.61 15.53
C GLY C 245 28.11 -35.63 17.05
N PRO C 248 27.86 -35.61 24.00
CA PRO C 248 29.07 -35.64 24.82
C PRO C 248 28.82 -35.27 26.27
N LYS C 249 28.69 -33.98 26.56
CA LYS C 249 28.38 -33.40 27.86
C LYS C 249 29.58 -33.35 28.81
N GLN C 250 30.80 -33.57 28.32
CA GLN C 250 31.98 -33.50 29.17
C GLN C 250 33.14 -33.00 28.32
N VAL C 251 33.57 -31.77 28.56
CA VAL C 251 34.61 -31.11 27.77
C VAL C 251 35.53 -30.32 28.70
N THR C 252 36.82 -30.29 28.35
CA THR C 252 37.79 -29.49 29.08
C THR C 252 37.58 -28.00 28.79
N LYS C 253 38.20 -27.16 29.63
CA LYS C 253 38.09 -25.72 29.44
C LYS C 253 38.93 -25.24 28.26
N ASN C 254 40.00 -25.96 27.92
CA ASN C 254 40.82 -25.57 26.78
C ASN C 254 40.07 -25.77 25.46
N ARG C 255 39.37 -26.90 25.32
CA ARG C 255 38.55 -27.12 24.14
C ARG C 255 37.31 -26.25 24.13
N LEU C 256 36.87 -25.76 25.30
CA LEU C 256 35.72 -24.86 25.34
C LEU C 256 36.04 -23.56 24.62
N LYS C 257 37.28 -23.08 24.72
CA LYS C 257 37.69 -21.92 23.94
C LYS C 257 37.72 -22.25 22.46
N GLU C 258 38.16 -23.46 22.11
CA GLU C 258 38.14 -23.87 20.71
C GLU C 258 36.73 -24.19 20.24
N TYR C 259 35.85 -24.61 21.16
CA TYR C 259 34.47 -24.91 20.79
C TYR C 259 33.65 -23.63 20.59
N TYR C 260 33.86 -22.63 21.44
CA TYR C 260 33.17 -21.35 21.25
C TYR C 260 33.65 -20.63 20.00
N PHE C 261 34.92 -20.77 19.66
CA PHE C 261 35.43 -20.14 18.44
C PHE C 261 34.91 -20.85 17.19
N ASN C 262 34.56 -22.14 17.30
CA ASN C 262 33.98 -22.85 16.17
C ASN C 262 32.61 -22.30 15.82
N ILE C 263 31.72 -22.24 16.81
CA ILE C 263 30.39 -21.69 16.56
C ILE C 263 30.46 -20.18 16.33
N GLY C 264 31.44 -19.51 16.93
CA GLY C 264 31.55 -18.07 16.76
C GLY C 264 32.04 -17.68 15.38
N ASN C 265 33.05 -18.39 14.87
CA ASN C 265 33.56 -18.09 13.53
C ASN C 265 32.57 -18.48 12.45
N TYR C 266 31.79 -19.55 12.67
CA TYR C 266 30.85 -19.99 11.64
C TYR C 266 29.61 -19.13 11.60
N TYR C 267 29.09 -18.71 12.75
CA TYR C 267 27.87 -17.90 12.76
C TYR C 267 28.15 -16.46 12.35
N SER C 268 29.28 -15.90 12.79
CA SER C 268 29.65 -14.55 12.37
C SER C 268 29.83 -14.48 10.86
N ILE C 269 30.42 -15.52 10.27
CA ILE C 269 30.52 -15.60 8.82
C ILE C 269 29.14 -15.74 8.19
N PHE C 270 28.25 -16.49 8.85
CA PHE C 270 26.90 -16.67 8.34
C PHE C 270 26.15 -15.34 8.27
N LYS C 271 26.18 -14.57 9.36
CA LYS C 271 25.45 -13.31 9.39
C LYS C 271 26.11 -12.26 8.50
N PHE C 272 27.44 -12.27 8.40
CA PHE C 272 28.12 -11.28 7.58
C PHE C 272 27.92 -11.58 6.09
N GLY C 273 27.97 -12.85 5.71
CA GLY C 273 27.70 -13.19 4.32
C GLY C 273 26.25 -12.96 3.94
N LYS C 274 25.33 -13.21 4.87
CA LYS C 274 23.92 -12.91 4.62
C LYS C 274 23.70 -11.42 4.44
N ASP C 275 24.51 -10.58 5.10
CA ASP C 275 24.40 -9.14 4.93
C ASP C 275 24.86 -8.72 3.54
N SER C 276 25.90 -9.37 3.03
CA SER C 276 26.38 -9.03 1.69
C SER C 276 25.42 -9.54 0.61
N LEU C 277 24.86 -10.73 0.81
CA LEU C 277 24.02 -11.33 -0.22
C LEU C 277 22.76 -10.52 -0.46
N ASN C 278 22.10 -10.06 0.60
CA ASN C 278 20.92 -9.22 0.41
C ASN C 278 21.28 -7.90 -0.26
N MET C 279 22.50 -7.39 -0.02
CA MET C 279 22.95 -6.19 -0.70
C MET C 279 23.30 -6.48 -2.14
N LEU C 280 24.09 -7.54 -2.38
CA LEU C 280 24.46 -7.90 -3.75
C LEU C 280 23.26 -8.38 -4.56
N ASN C 281 22.19 -8.82 -3.90
CA ASN C 281 20.97 -9.18 -4.63
C ASN C 281 20.35 -7.95 -5.28
N LYS C 282 20.14 -6.89 -4.51
CA LYS C 282 19.62 -5.65 -5.07
C LYS C 282 20.57 -5.07 -6.11
N ALA C 283 21.88 -5.29 -5.94
CA ALA C 283 22.84 -4.80 -6.92
C ALA C 283 22.73 -5.55 -8.24
N LEU C 284 22.50 -6.87 -8.18
CA LEU C 284 22.39 -7.65 -9.40
C LEU C 284 21.10 -7.34 -10.14
N ILE C 285 19.99 -7.17 -9.41
CA ILE C 285 18.72 -6.86 -10.05
C ILE C 285 18.77 -5.49 -10.70
N HIS C 286 19.41 -4.52 -10.03
CA HIS C 286 19.56 -3.19 -10.62
C HIS C 286 20.46 -3.22 -11.85
N LYS C 287 21.48 -4.08 -11.86
CA LYS C 287 22.34 -4.19 -13.03
C LYS C 287 21.60 -4.84 -14.20
N GLU C 288 20.74 -5.83 -13.92
CA GLU C 288 19.99 -6.47 -14.99
C GLU C 288 18.94 -5.54 -15.57
N LYS C 289 18.34 -4.68 -14.75
CA LYS C 289 17.39 -3.69 -15.27
C LYS C 289 18.06 -2.72 -16.23
N ILE C 290 19.34 -2.42 -16.01
CA ILE C 290 20.06 -1.53 -16.91
C ILE C 290 20.33 -2.22 -18.24
N VAL C 291 20.76 -3.48 -18.20
CA VAL C 291 21.09 -4.19 -19.43
C VAL C 291 19.82 -4.66 -20.14
N HIS C 292 18.73 -4.86 -19.41
CA HIS C 292 17.47 -5.24 -20.07
C HIS C 292 16.89 -4.07 -20.85
N ASN C 293 16.82 -2.89 -20.22
CA ASN C 293 16.28 -1.73 -20.90
C ASN C 293 17.24 -1.15 -21.93
N LEU C 294 18.52 -1.54 -21.87
CA LEU C 294 19.45 -1.10 -22.91
C LEU C 294 19.30 -1.91 -24.19
N LEU C 295 18.91 -3.19 -24.07
CA LEU C 295 18.65 -4.00 -25.27
C LEU C 295 17.48 -3.45 -26.07
N GLY C 296 16.49 -2.87 -25.40
CA GLY C 296 15.42 -2.20 -26.11
C GLY C 296 15.88 -0.98 -26.86
N GLU C 297 16.87 -0.27 -26.32
CA GLU C 297 17.45 0.86 -27.04
C GLU C 297 18.55 0.43 -28.00
N LEU C 298 19.21 -0.70 -27.71
CA LEU C 298 20.25 -1.20 -28.61
C LEU C 298 19.65 -1.73 -29.91
N PHE C 299 18.40 -2.19 -29.87
CA PHE C 299 17.75 -2.75 -31.04
C PHE C 299 16.88 -1.71 -31.74
N THR D 6 -10.99 -11.78 16.30
CA THR D 6 -10.85 -13.08 15.65
C THR D 6 -11.35 -14.21 16.56
N ASN D 7 -12.65 -14.50 16.51
CA ASN D 7 -13.23 -15.55 17.33
C ASN D 7 -14.24 -16.40 16.55
N THR D 8 -14.27 -16.28 15.23
CA THR D 8 -15.12 -17.11 14.37
C THR D 8 -14.33 -17.50 13.13
N THR D 9 -14.26 -18.81 12.85
CA THR D 9 -13.54 -19.28 11.68
C THR D 9 -14.28 -18.85 10.41
N ASP D 10 -13.68 -17.95 9.64
CA ASP D 10 -14.29 -17.50 8.39
C ASP D 10 -14.27 -18.59 7.33
N ASN D 11 -13.23 -19.42 7.32
CA ASN D 11 -13.00 -20.38 6.26
C ASN D 11 -12.85 -21.77 6.85
N ILE D 12 -13.40 -22.76 6.15
CA ILE D 12 -13.33 -24.14 6.58
C ILE D 12 -13.01 -25.07 5.41
N ASP D 13 -12.33 -24.55 4.39
CA ASP D 13 -11.94 -25.35 3.23
C ASP D 13 -10.91 -26.44 3.56
N TYR D 14 -10.42 -26.55 4.80
CA TYR D 14 -9.39 -27.52 5.15
C TYR D 14 -9.91 -28.95 5.31
N PHE D 15 -11.20 -29.18 5.07
CA PHE D 15 -11.72 -30.55 5.10
C PHE D 15 -11.48 -31.23 3.77
N ASP D 16 -11.19 -32.53 3.83
CA ASP D 16 -10.88 -33.31 2.64
C ASP D 16 -11.33 -34.74 2.86
N ILE D 17 -11.35 -35.50 1.77
CA ILE D 17 -11.72 -36.91 1.80
C ILE D 17 -10.93 -37.63 0.73
N SER D 18 -10.63 -38.91 0.98
CA SER D 18 -9.92 -39.75 0.04
C SER D 18 -10.83 -40.84 -0.50
N ASP D 19 -10.42 -41.43 -1.61
CA ASP D 19 -11.16 -42.51 -2.22
C ASP D 19 -11.20 -43.73 -1.31
N GLU D 20 -12.20 -44.59 -1.54
CA GLU D 20 -12.25 -45.86 -0.82
C GLU D 20 -11.01 -46.70 -1.12
N SER D 21 -10.45 -46.57 -2.32
CA SER D 21 -9.18 -47.20 -2.67
C SER D 21 -7.98 -46.43 -2.15
N ASN D 22 -8.20 -45.25 -1.55
CA ASN D 22 -7.17 -44.40 -0.95
C ASN D 22 -6.14 -43.92 -1.97
N TYR D 23 -6.42 -44.04 -3.27
CA TYR D 23 -5.49 -43.58 -4.29
C TYR D 23 -5.74 -42.15 -4.71
N TYR D 24 -6.94 -41.61 -4.48
CA TYR D 24 -7.30 -40.26 -4.88
C TYR D 24 -7.53 -39.40 -3.64
N LEU D 25 -7.35 -38.09 -3.82
CA LEU D 25 -7.61 -37.12 -2.77
C LEU D 25 -8.43 -35.97 -3.34
N ILE D 26 -9.32 -35.42 -2.51
CA ILE D 26 -10.24 -34.37 -2.93
C ILE D 26 -10.12 -33.20 -1.97
N SER D 27 -9.78 -32.03 -2.50
CA SER D 27 -9.74 -30.79 -1.74
C SER D 27 -10.71 -29.79 -2.35
N GLN D 28 -11.21 -28.88 -1.51
CA GLN D 28 -12.21 -27.93 -1.96
C GLN D 28 -11.64 -26.90 -2.94
N LEU D 29 -10.32 -26.73 -2.98
CA LEU D 29 -9.70 -25.81 -3.92
C LEU D 29 -9.63 -26.44 -5.31
N ARG D 30 -9.95 -25.63 -6.32
CA ARG D 30 -9.80 -26.09 -7.69
C ARG D 30 -8.32 -26.37 -7.97
N PRO D 31 -8.01 -27.39 -8.78
CA PRO D 31 -8.89 -28.26 -9.58
C PRO D 31 -9.46 -29.46 -8.82
N HIS D 32 -9.21 -29.51 -7.50
CA HIS D 32 -9.79 -30.46 -6.56
C HIS D 32 -9.09 -31.82 -6.56
N PHE D 33 -8.44 -32.19 -7.66
CA PHE D 33 -7.68 -33.43 -7.72
C PHE D 33 -6.23 -33.15 -8.08
N SER D 34 -5.34 -33.97 -7.55
CA SER D 34 -3.93 -33.91 -7.96
C SER D 34 -3.78 -34.20 -9.45
N ASN D 35 -4.74 -34.91 -10.04
CA ASN D 35 -4.56 -35.44 -11.39
C ASN D 35 -4.81 -34.38 -12.46
N ILE D 36 -5.74 -33.44 -12.21
CA ILE D 36 -6.00 -32.41 -13.21
C ILE D 36 -4.75 -31.56 -13.43
N TYR D 37 -3.88 -31.47 -12.43
CA TYR D 37 -2.60 -30.79 -12.62
C TYR D 37 -1.68 -31.63 -13.50
N PHE D 38 -1.74 -32.95 -13.35
CA PHE D 38 -1.05 -33.89 -14.22
C PHE D 38 -1.40 -33.63 -15.69
N PHE D 39 -2.69 -33.72 -16.03
CA PHE D 39 -3.11 -33.58 -17.42
C PHE D 39 -2.87 -32.16 -17.93
N ASP D 40 -3.05 -31.16 -17.07
CA ASP D 40 -2.77 -29.78 -17.46
C ASP D 40 -1.29 -29.61 -17.82
N GLU D 41 -0.42 -30.43 -17.24
CA GLU D 41 0.99 -30.40 -17.59
C GLU D 41 1.24 -30.87 -19.02
N PHE D 42 0.67 -32.01 -19.40
CA PHE D 42 0.94 -32.63 -20.70
C PHE D 42 0.54 -31.76 -21.88
N LYS D 43 -0.07 -30.61 -21.63
CA LYS D 43 -0.26 -29.64 -22.69
C LYS D 43 1.07 -29.09 -23.19
N ARG D 44 2.10 -29.09 -22.33
CA ARG D 44 3.43 -28.65 -22.72
C ARG D 44 4.26 -29.78 -23.33
N TYR D 45 4.06 -31.02 -22.87
CA TYR D 45 4.77 -32.15 -23.46
C TYR D 45 4.32 -32.37 -24.90
N ALA D 46 3.00 -32.38 -25.15
CA ALA D 46 2.49 -32.55 -26.49
C ALA D 46 2.79 -31.35 -27.39
N SER D 47 3.06 -30.18 -26.80
CA SER D 47 3.39 -29.01 -27.61
C SER D 47 4.80 -29.10 -28.19
N TYR D 48 5.68 -29.82 -27.52
CA TYR D 48 7.05 -29.96 -28.02
C TYR D 48 7.11 -30.88 -29.23
N HIS D 49 6.37 -31.98 -29.19
CA HIS D 49 6.39 -32.95 -30.29
C HIS D 49 5.53 -32.43 -31.44
N THR D 50 6.14 -32.34 -32.63
CA THR D 50 5.42 -31.82 -33.79
C THR D 50 4.38 -32.79 -34.32
N GLU D 51 4.49 -34.07 -33.99
CA GLU D 51 3.55 -35.05 -34.53
C GLU D 51 2.18 -34.93 -33.88
N ILE D 52 2.14 -34.73 -32.57
CA ILE D 52 0.89 -34.67 -31.82
C ILE D 52 0.49 -33.21 -31.66
N LYS D 53 -0.71 -32.88 -32.12
CA LYS D 53 -1.30 -31.56 -31.95
C LYS D 53 -2.77 -31.64 -31.56
N ARG D 54 -3.29 -32.86 -31.36
CA ARG D 54 -4.68 -33.06 -31.01
C ARG D 54 -4.92 -33.12 -29.50
N TYR D 55 -3.87 -33.02 -28.69
CA TYR D 55 -4.07 -33.00 -27.25
C TYR D 55 -4.79 -31.73 -26.80
N GLU D 56 -4.59 -30.63 -27.52
CA GLU D 56 -5.34 -29.41 -27.22
C GLU D 56 -6.85 -29.65 -27.36
N ASP D 57 -7.24 -30.54 -28.27
CA ASP D 57 -8.64 -30.95 -28.35
C ASP D 57 -9.00 -31.90 -27.22
N ILE D 58 -8.06 -32.77 -26.83
CA ILE D 58 -8.32 -33.69 -25.72
C ILE D 58 -8.30 -32.96 -24.39
N HIS D 59 -7.58 -31.84 -24.31
CA HIS D 59 -7.53 -31.08 -23.06
C HIS D 59 -8.81 -30.30 -22.83
N LYS D 60 -9.36 -29.68 -23.88
CA LYS D 60 -10.58 -28.90 -23.71
C LYS D 60 -11.80 -29.80 -23.52
N THR D 61 -11.84 -30.93 -24.25
CA THR D 61 -12.99 -31.83 -24.18
C THR D 61 -13.02 -32.66 -22.91
N LYS D 62 -11.87 -32.88 -22.27
CA LYS D 62 -11.82 -33.73 -21.08
C LYS D 62 -11.26 -32.99 -19.87
N VAL D 63 -10.05 -32.43 -19.95
CA VAL D 63 -9.44 -31.80 -18.79
C VAL D 63 -10.19 -30.53 -18.41
N ASN D 64 -10.61 -29.74 -19.39
CA ASN D 64 -11.35 -28.52 -19.08
C ASN D 64 -12.74 -28.82 -18.55
N SER D 65 -13.39 -29.88 -19.08
CA SER D 65 -14.72 -30.23 -18.62
C SER D 65 -14.69 -30.86 -17.24
N LEU D 66 -13.76 -31.80 -17.02
CA LEU D 66 -13.66 -32.45 -15.72
C LEU D 66 -13.37 -31.45 -14.62
N LEU D 67 -12.59 -30.40 -14.91
CA LEU D 67 -12.35 -29.36 -13.93
C LEU D 67 -13.64 -28.62 -13.59
N ASN D 68 -14.42 -28.27 -14.61
CA ASN D 68 -15.67 -27.54 -14.36
C ASN D 68 -16.71 -28.43 -13.70
N GLU D 69 -16.75 -29.71 -14.07
CA GLU D 69 -17.68 -30.63 -13.41
C GLU D 69 -17.29 -30.86 -11.96
N ALA D 70 -16.00 -30.77 -11.65
CA ALA D 70 -15.56 -30.92 -10.26
C ALA D 70 -15.95 -29.71 -9.42
N SER D 71 -15.78 -28.50 -9.96
CA SER D 71 -16.23 -27.30 -9.26
C SER D 71 -17.73 -27.33 -9.04
N ARG D 72 -18.48 -27.95 -9.96
CA ARG D 72 -19.92 -28.11 -9.77
C ARG D 72 -20.21 -29.01 -8.58
N ALA D 73 -19.57 -30.18 -8.52
CA ALA D 73 -19.86 -31.16 -7.48
C ALA D 73 -19.56 -30.61 -6.09
N ILE D 74 -18.57 -29.72 -5.98
CA ILE D 74 -18.28 -29.11 -4.69
C ILE D 74 -19.35 -28.07 -4.36
N GLY D 75 -19.83 -27.33 -5.36
CA GLY D 75 -20.91 -26.39 -5.15
C GLY D 75 -22.21 -27.05 -4.73
N ILE D 76 -22.38 -28.34 -5.05
CA ILE D 76 -23.57 -29.06 -4.58
C ILE D 76 -23.52 -29.24 -3.07
N CYS D 77 -22.33 -29.47 -2.53
CA CYS D 77 -22.15 -29.64 -1.09
C CYS D 77 -22.06 -28.31 -0.34
N ASN D 78 -22.34 -27.19 -1.01
CA ASN D 78 -22.29 -25.90 -0.33
C ASN D 78 -23.31 -25.83 0.79
N ARG D 79 -24.51 -26.37 0.56
CA ARG D 79 -25.51 -26.44 1.63
C ARG D 79 -24.99 -27.26 2.81
N ALA D 80 -24.19 -28.29 2.55
CA ALA D 80 -23.53 -29.02 3.61
C ALA D 80 -22.25 -28.33 4.07
N LYS D 81 -21.69 -27.45 3.25
CA LYS D 81 -20.48 -26.72 3.65
C LYS D 81 -20.80 -25.67 4.69
N ASN D 82 -21.95 -25.02 4.59
CA ASN D 82 -22.36 -24.02 5.56
C ASN D 82 -23.10 -24.62 6.75
N THR D 83 -23.61 -25.86 6.61
CA THR D 83 -24.24 -26.52 7.74
C THR D 83 -23.21 -26.96 8.77
N VAL D 84 -22.06 -27.47 8.29
CA VAL D 84 -21.01 -27.85 9.23
C VAL D 84 -20.37 -26.62 9.85
N LYS D 85 -20.15 -25.56 9.06
CA LYS D 85 -19.54 -24.35 9.60
C LYS D 85 -20.43 -23.71 10.66
N GLY D 86 -21.75 -23.82 10.49
CA GLY D 86 -22.65 -23.36 11.54
C GLY D 86 -22.46 -24.12 12.84
N LEU D 87 -22.05 -25.38 12.75
CA LEU D 87 -21.73 -26.13 13.96
C LEU D 87 -20.36 -25.75 14.50
N ILE D 88 -19.39 -25.45 13.62
CA ILE D 88 -18.09 -24.99 14.10
C ILE D 88 -18.24 -23.69 14.88
N ASN D 89 -18.90 -22.69 14.28
CA ASN D 89 -18.99 -21.37 14.89
C ASN D 89 -19.72 -21.39 16.23
N ILE D 90 -20.62 -22.36 16.43
CA ILE D 90 -21.40 -22.42 17.66
C ILE D 90 -20.57 -22.94 18.83
N LEU D 91 -19.66 -23.89 18.58
CA LEU D 91 -18.88 -24.49 19.66
C LEU D 91 -17.53 -23.83 19.88
N GLU D 92 -17.06 -22.98 18.95
CA GLU D 92 -15.80 -22.28 19.12
C GLU D 92 -15.99 -20.86 19.64
N ASN D 93 -17.21 -20.46 19.97
CA ASN D 93 -17.51 -19.14 20.50
C ASN D 93 -18.45 -19.30 21.68
N PRO D 94 -18.10 -18.81 22.87
CA PRO D 94 -19.05 -18.87 24.00
C PRO D 94 -20.30 -18.06 23.74
N GLN D 95 -20.19 -16.90 23.08
CA GLN D 95 -21.36 -16.05 22.87
C GLN D 95 -22.36 -16.68 21.91
N LYS D 96 -21.87 -17.42 20.90
CA LYS D 96 -22.77 -18.05 19.95
C LYS D 96 -23.55 -19.22 20.56
N PHE D 97 -23.10 -19.73 21.72
CA PHE D 97 -23.77 -20.86 22.33
C PHE D 97 -25.01 -20.46 23.13
N LYS D 98 -25.02 -19.26 23.71
CA LYS D 98 -26.10 -18.88 24.62
C LYS D 98 -27.43 -18.66 23.88
N THR D 99 -27.39 -18.35 22.59
CA THR D 99 -28.63 -18.09 21.85
C THR D 99 -29.47 -19.37 21.72
N GLN D 100 -29.02 -20.30 20.87
CA GLN D 100 -29.67 -21.59 20.70
C GLN D 100 -28.72 -22.64 21.27
N ARG D 101 -28.84 -22.89 22.58
CA ARG D 101 -27.86 -23.71 23.28
C ARG D 101 -28.14 -25.20 23.12
N GLU D 102 -29.37 -25.62 23.41
CA GLU D 102 -29.71 -27.03 23.54
C GLU D 102 -28.80 -27.68 24.58
N SER D 103 -27.85 -28.50 24.12
CA SER D 103 -26.88 -29.12 25.01
C SER D 103 -25.48 -28.92 24.46
N TYR D 104 -24.49 -28.87 25.37
CA TYR D 104 -23.12 -28.64 24.95
C TYR D 104 -22.53 -29.89 24.29
N ASP D 105 -22.69 -31.05 24.93
CA ASP D 105 -22.14 -32.28 24.37
C ASP D 105 -22.93 -32.75 23.16
N VAL D 106 -24.23 -32.48 23.11
CA VAL D 106 -25.04 -32.90 21.97
C VAL D 106 -24.61 -32.15 20.72
N LYS D 107 -24.56 -30.82 20.79
CA LYS D 107 -24.06 -30.03 19.66
C LYS D 107 -22.64 -30.43 19.27
N LEU D 108 -21.85 -30.90 20.23
CA LEU D 108 -20.53 -31.41 19.92
C LEU D 108 -20.60 -32.74 19.17
N ARG D 109 -21.72 -33.46 19.32
CA ARG D 109 -21.87 -34.74 18.63
C ARG D 109 -22.50 -34.59 17.24
N GLN D 110 -23.43 -33.65 17.07
CA GLN D 110 -23.94 -33.35 15.74
C GLN D 110 -22.84 -32.85 14.82
N TYR D 111 -21.81 -32.23 15.40
CA TYR D 111 -20.60 -31.85 14.69
C TYR D 111 -20.05 -33.01 13.85
N GLU D 112 -19.58 -34.08 14.50
CA GLU D 112 -18.99 -35.20 13.78
C GLU D 112 -19.99 -35.81 12.80
N GLU D 113 -21.27 -35.81 13.15
CA GLU D 113 -22.29 -36.30 12.23
C GLU D 113 -22.40 -35.42 10.99
N LYS D 114 -22.37 -34.10 11.19
CA LYS D 114 -22.48 -33.19 10.06
C LYS D 114 -21.14 -33.00 9.34
N LYS D 115 -20.02 -33.09 10.06
CA LYS D 115 -18.72 -32.93 9.43
C LYS D 115 -18.43 -34.09 8.48
N GLU D 116 -18.62 -35.32 8.96
CA GLU D 116 -18.36 -36.49 8.11
C GLU D 116 -19.35 -36.59 6.97
N ALA D 117 -20.52 -35.95 7.08
CA ALA D 117 -21.43 -35.88 5.94
C ALA D 117 -20.91 -34.93 4.87
N PHE D 118 -20.17 -33.90 5.27
CA PHE D 118 -19.57 -32.98 4.30
C PHE D 118 -18.42 -33.65 3.56
N ARG D 119 -17.52 -34.30 4.29
CA ARG D 119 -16.46 -35.06 3.63
C ARG D 119 -17.04 -36.18 2.78
N GLY D 120 -18.11 -36.82 3.25
CA GLY D 120 -18.78 -37.82 2.44
C GLY D 120 -19.47 -37.24 1.22
N CYS D 121 -19.96 -36.01 1.33
CA CYS D 121 -20.59 -35.36 0.17
C CYS D 121 -19.57 -35.09 -0.93
N LEU D 122 -18.31 -34.80 -0.56
CA LEU D 122 -17.30 -34.53 -1.57
C LEU D 122 -17.00 -35.76 -2.41
N LEU D 123 -16.82 -36.91 -1.74
CA LEU D 123 -16.51 -38.14 -2.47
C LEU D 123 -17.69 -38.61 -3.30
N ASN D 124 -18.88 -38.64 -2.70
CA ASN D 124 -20.05 -39.17 -3.41
C ASN D 124 -20.43 -38.31 -4.61
N LYS D 125 -20.42 -36.98 -4.45
CA LYS D 125 -20.79 -36.11 -5.55
C LYS D 125 -19.76 -36.11 -6.68
N ASN D 126 -18.54 -36.59 -6.41
CA ASN D 126 -17.49 -36.66 -7.41
C ASN D 126 -17.23 -38.08 -7.89
N ARG D 127 -18.04 -39.05 -7.46
CA ARG D 127 -17.82 -40.43 -7.88
C ARG D 127 -17.93 -40.58 -9.40
N LYS D 128 -18.91 -39.91 -10.00
CA LYS D 128 -19.02 -39.91 -11.46
C LYS D 128 -17.85 -39.18 -12.11
N ASN D 129 -17.17 -38.30 -11.38
CA ASN D 129 -16.01 -37.59 -11.90
C ASN D 129 -14.71 -38.32 -11.62
N LEU D 130 -14.62 -39.03 -10.49
CA LEU D 130 -13.41 -39.77 -10.17
C LEU D 130 -13.17 -40.91 -11.16
N ASP D 131 -14.24 -41.49 -11.71
CA ASP D 131 -14.09 -42.55 -12.70
C ASP D 131 -13.46 -42.04 -13.99
N GLN D 132 -13.48 -40.73 -14.22
CA GLN D 132 -12.90 -40.17 -15.43
C GLN D 132 -11.39 -40.07 -15.38
N ILE D 133 -10.80 -40.03 -14.18
CA ILE D 133 -9.35 -39.92 -14.05
C ILE D 133 -8.66 -41.10 -14.70
N LYS D 134 -9.20 -42.31 -14.52
CA LYS D 134 -8.66 -43.47 -15.20
C LYS D 134 -8.86 -43.37 -16.72
N LYS D 135 -9.98 -42.79 -17.14
CA LYS D 135 -10.27 -42.69 -18.57
C LYS D 135 -9.27 -41.79 -19.27
N ILE D 136 -8.97 -40.63 -18.68
CA ILE D 136 -8.01 -39.72 -19.29
C ILE D 136 -6.59 -40.29 -19.22
N ASN D 137 -6.27 -40.98 -18.13
CA ASN D 137 -4.97 -41.64 -18.04
C ASN D 137 -4.79 -42.69 -19.13
N ASN D 138 -5.84 -43.49 -19.38
CA ASN D 138 -5.76 -44.46 -20.46
C ASN D 138 -5.89 -43.80 -21.82
N GLU D 139 -6.61 -42.68 -21.90
CA GLU D 139 -6.70 -41.95 -23.16
C GLU D 139 -5.37 -41.36 -23.57
N ILE D 140 -4.49 -41.07 -22.60
CA ILE D 140 -3.14 -40.62 -22.93
C ILE D 140 -2.34 -41.75 -23.54
N ARG D 141 -2.43 -42.95 -22.96
CA ARG D 141 -1.73 -44.11 -23.53
C ARG D 141 -2.33 -44.49 -24.88
N ASP D 142 -3.66 -44.40 -25.02
CA ASP D 142 -4.29 -44.65 -26.30
C ASP D 142 -3.96 -43.56 -27.31
N LEU D 143 -3.76 -42.32 -26.84
CA LEU D 143 -3.22 -41.28 -27.71
C LEU D 143 -1.73 -41.43 -27.92
N LEU D 144 -1.02 -42.10 -27.01
CA LEU D 144 0.38 -42.44 -27.18
C LEU D 144 0.58 -43.60 -28.14
N GLU D 145 -0.50 -44.24 -28.60
CA GLU D 145 -0.38 -45.28 -29.61
C GLU D 145 0.12 -44.73 -30.94
N LYS D 146 0.06 -43.42 -31.13
CA LYS D 146 0.61 -42.79 -32.34
C LYS D 146 1.85 -41.99 -31.98
N LEU D 147 2.81 -42.62 -31.30
CA LEU D 147 4.05 -41.96 -30.92
C LEU D 147 4.96 -41.80 -32.14
N LYS D 148 6.00 -40.98 -31.97
CA LYS D 148 6.92 -40.70 -33.06
C LYS D 148 8.11 -41.64 -33.10
N CYS D 149 8.59 -42.09 -31.95
CA CYS D 149 9.78 -42.94 -31.88
C CYS D 149 9.40 -44.39 -31.64
N SER D 150 10.16 -45.30 -32.27
CA SER D 150 9.92 -46.73 -32.17
C SER D 150 10.93 -47.41 -31.25
N GLN D 151 12.22 -47.11 -31.41
CA GLN D 151 13.25 -47.68 -30.55
C GLN D 151 14.17 -46.59 -30.03
N ASP D 152 14.76 -45.81 -30.94
CA ASP D 152 15.57 -44.66 -30.54
C ASP D 152 14.65 -43.48 -30.23
N CYS D 153 14.85 -42.89 -29.04
CA CYS D 153 13.97 -41.82 -28.59
C CYS D 153 14.79 -40.79 -27.83
N GLN D 154 14.58 -39.51 -28.13
CA GLN D 154 15.37 -38.46 -27.52
C GLN D 154 14.93 -38.18 -26.09
N THR D 155 15.89 -37.72 -25.28
CA THR D 155 15.64 -37.45 -23.87
C THR D 155 15.77 -35.99 -23.50
N ASN D 156 15.98 -35.09 -24.47
CA ASN D 156 16.11 -33.68 -24.16
C ASN D 156 14.85 -33.13 -23.50
N VAL D 157 13.68 -33.67 -23.86
CA VAL D 157 12.43 -33.22 -23.25
C VAL D 157 12.37 -33.62 -21.78
N TYR D 158 12.95 -34.78 -21.43
CA TYR D 158 12.89 -35.26 -20.06
C TYR D 158 13.77 -34.42 -19.14
N PHE D 159 14.90 -33.93 -19.64
CA PHE D 159 15.83 -33.18 -18.80
C PHE D 159 15.71 -31.67 -18.94
N ASP D 160 15.14 -31.17 -20.03
CA ASP D 160 14.86 -29.75 -20.11
C ASP D 160 13.69 -29.36 -19.22
N MET D 161 12.70 -30.24 -19.07
CA MET D 161 11.59 -29.96 -18.18
C MET D 161 11.99 -30.05 -16.72
N ILE D 162 12.97 -30.88 -16.40
CA ILE D 162 13.46 -30.97 -15.03
C ILE D 162 14.14 -29.67 -14.61
N LYS D 163 14.94 -29.09 -15.50
CA LYS D 163 15.58 -27.81 -15.21
C LYS D 163 14.54 -26.72 -14.99
N ILE D 164 13.40 -26.80 -15.67
CA ILE D 164 12.32 -25.84 -15.44
C ILE D 164 11.65 -26.12 -14.09
N TYR D 165 11.58 -27.38 -13.68
CA TYR D 165 10.89 -27.74 -12.44
C TYR D 165 11.60 -27.17 -11.23
N LEU D 166 12.93 -27.39 -11.13
CA LEU D 166 13.66 -26.96 -9.94
C LEU D 166 13.57 -25.45 -9.72
N VAL D 167 13.39 -24.67 -10.80
CA VAL D 167 13.11 -23.26 -10.64
C VAL D 167 11.73 -23.05 -10.01
N ASP D 168 10.77 -23.89 -10.41
CA ASP D 168 9.44 -23.83 -9.81
C ASP D 168 9.41 -24.49 -8.43
N PHE D 169 10.27 -25.49 -8.20
CA PHE D 169 10.32 -26.15 -6.90
C PHE D 169 10.65 -25.16 -5.79
N LYS D 170 11.47 -24.14 -6.09
CA LYS D 170 11.87 -23.16 -5.09
C LYS D 170 10.78 -22.15 -4.79
N LYS D 171 9.68 -22.14 -5.55
CA LYS D 171 8.60 -21.21 -5.26
C LYS D 171 7.93 -21.49 -3.92
N MET D 172 7.96 -22.74 -3.48
CA MET D 172 7.39 -23.11 -2.19
C MET D 172 8.50 -23.11 -1.15
N PRO D 173 8.46 -22.20 -0.17
CA PRO D 173 9.48 -22.23 0.89
C PRO D 173 9.30 -23.41 1.83
N TYR D 174 10.00 -24.50 1.56
CA TYR D 174 9.88 -25.69 2.41
C TYR D 174 10.43 -25.43 3.80
N GLU D 175 11.55 -24.70 3.89
CA GLU D 175 12.19 -24.50 5.19
C GLU D 175 11.33 -23.61 6.10
N ASN D 176 10.73 -22.57 5.53
CA ASN D 176 9.84 -21.72 6.33
C ASN D 176 8.66 -22.53 6.85
N TYR D 177 8.11 -23.43 6.03
CA TYR D 177 7.02 -24.28 6.48
C TYR D 177 7.49 -25.27 7.53
N ASP D 178 8.64 -25.92 7.29
CA ASP D 178 9.12 -26.96 8.19
C ASP D 178 9.36 -26.41 9.58
N THR D 179 9.97 -25.23 9.69
CA THR D 179 10.14 -24.62 11.00
C THR D 179 8.82 -24.11 11.55
N PHE D 180 7.89 -23.71 10.68
CA PHE D 180 6.60 -23.22 11.15
C PHE D 180 5.77 -24.33 11.75
N ILE D 181 5.70 -25.49 11.08
CA ILE D 181 4.90 -26.59 11.59
C ILE D 181 5.55 -27.19 12.84
N LYS D 182 6.88 -27.24 12.88
CA LYS D 182 7.56 -27.76 14.06
C LYS D 182 7.37 -26.83 15.26
N GLN D 183 7.47 -25.52 15.05
CA GLN D 183 7.16 -24.57 16.11
C GLN D 183 5.70 -24.63 16.50
N TYR D 184 4.82 -24.82 15.50
CA TYR D 184 3.39 -24.84 15.75
C TYR D 184 2.98 -26.08 16.54
N LYS D 185 3.50 -27.25 16.15
CA LYS D 185 3.12 -28.49 16.82
C LYS D 185 3.57 -28.51 18.28
N ASN D 186 4.70 -27.87 18.59
CA ASN D 186 5.20 -27.85 19.96
C ASN D 186 4.23 -27.10 20.89
N SER D 187 3.68 -25.99 20.41
CA SER D 187 2.79 -25.19 21.25
C SER D 187 1.40 -25.81 21.37
N TYR D 188 0.91 -26.44 20.30
CA TYR D 188 -0.40 -27.07 20.35
C TYR D 188 -0.45 -28.15 21.41
N LEU D 189 0.51 -29.09 21.36
CA LEU D 189 0.55 -30.15 22.37
C LEU D 189 0.85 -29.59 23.76
N SER D 190 1.63 -28.51 23.83
CA SER D 190 1.91 -27.89 25.12
C SER D 190 0.70 -27.13 25.65
N GLY D 191 -0.21 -26.72 24.76
CA GLY D 191 -1.45 -26.12 25.22
C GLY D 191 -2.50 -27.15 25.60
N VAL D 192 -2.45 -28.33 24.98
CA VAL D 192 -3.44 -29.36 25.27
C VAL D 192 -3.14 -30.03 26.60
N ASP D 193 -1.88 -30.37 26.85
CA ASP D 193 -1.54 -31.04 28.11
C ASP D 193 -1.82 -30.15 29.31
N MET D 194 -1.71 -28.83 29.14
CA MET D 194 -2.07 -27.92 30.22
C MET D 194 -3.58 -27.90 30.42
N ILE D 195 -4.35 -27.94 29.33
CA ILE D 195 -5.80 -27.90 29.43
C ILE D 195 -6.32 -29.13 30.18
N ARG D 196 -5.76 -30.30 29.88
CA ARG D 196 -6.18 -31.53 30.55
C ARG D 196 -5.51 -31.70 31.91
N LYS D 197 -4.78 -30.71 32.40
CA LYS D 197 -4.11 -30.77 33.69
C LYS D 197 -4.66 -29.80 34.71
N ILE D 198 -5.08 -28.60 34.29
CA ILE D 198 -5.60 -27.60 35.20
C ILE D 198 -7.09 -27.37 34.98
N GLU D 199 -7.77 -28.30 34.29
CA GLU D 199 -9.21 -28.15 34.08
C GLU D 199 -9.97 -28.24 35.40
N LYS D 200 -9.49 -29.04 36.35
CA LYS D 200 -10.13 -29.11 37.66
C LYS D 200 -9.85 -27.87 38.50
N GLN D 201 -8.78 -27.13 38.18
CA GLN D 201 -8.45 -25.93 38.95
C GLN D 201 -9.31 -24.74 38.54
N ILE D 202 -9.55 -24.58 37.25
CA ILE D 202 -10.33 -23.46 36.72
C ILE D 202 -11.69 -23.99 36.28
N ASP D 203 -12.75 -23.47 36.88
CA ASP D 203 -14.11 -23.89 36.56
C ASP D 203 -14.69 -22.96 35.51
N ASN D 204 -15.05 -23.53 34.36
CA ASN D 204 -15.72 -22.79 33.29
C ASN D 204 -16.43 -23.79 32.40
N PRO D 205 -17.74 -23.65 32.20
CA PRO D 205 -18.50 -24.68 31.47
C PRO D 205 -18.20 -24.75 29.98
N VAL D 206 -18.30 -23.62 29.28
CA VAL D 206 -18.28 -23.61 27.82
C VAL D 206 -16.88 -23.31 27.30
N THR D 207 -16.11 -22.52 28.05
CA THR D 207 -14.79 -22.10 27.56
C THR D 207 -13.87 -23.30 27.34
N ILE D 208 -13.72 -24.14 28.37
CA ILE D 208 -12.91 -25.35 28.22
C ILE D 208 -13.43 -26.21 27.07
N ASN D 209 -14.75 -26.32 26.94
CA ASN D 209 -15.33 -27.03 25.80
C ASN D 209 -15.04 -26.30 24.49
N ALA D 210 -14.92 -24.97 24.53
CA ALA D 210 -14.61 -24.21 23.33
C ALA D 210 -13.16 -24.39 22.92
N ILE D 211 -12.23 -24.33 23.88
CA ILE D 211 -10.82 -24.56 23.56
C ILE D 211 -10.60 -26.01 23.16
N LYS D 212 -11.28 -26.95 23.83
CA LYS D 212 -11.11 -28.36 23.49
C LYS D 212 -11.56 -28.64 22.06
N PHE D 213 -12.68 -28.05 21.64
CA PHE D 213 -13.07 -28.11 20.23
C PHE D 213 -12.01 -27.45 19.36
N THR D 214 -11.71 -26.17 19.63
CA THR D 214 -10.74 -25.44 18.84
C THR D 214 -9.38 -26.12 18.85
N GLN D 215 -9.13 -27.02 19.81
CA GLN D 215 -7.95 -27.88 19.78
C GLN D 215 -8.20 -29.17 19.01
N LYS D 216 -9.38 -29.75 19.15
CA LYS D 216 -9.69 -30.97 18.40
C LYS D 216 -9.65 -30.73 16.90
N GLU D 217 -9.83 -29.48 16.46
CA GLU D 217 -9.72 -29.09 15.06
C GLU D 217 -8.29 -28.75 14.67
N MET D 218 -7.53 -28.11 15.57
CA MET D 218 -6.11 -27.89 15.30
C MET D 218 -5.37 -29.21 15.13
N GLY D 219 -5.69 -30.20 15.95
CA GLY D 219 -5.13 -31.54 15.78
C GLY D 219 -5.40 -32.13 14.41
N TYR D 220 -6.39 -31.59 13.69
CA TYR D 220 -6.69 -32.05 12.34
C TYR D 220 -5.80 -31.34 11.31
N ILE D 221 -5.87 -30.02 11.25
CA ILE D 221 -5.17 -29.25 10.22
C ILE D 221 -3.65 -29.44 10.31
N ILE D 222 -3.14 -29.68 11.52
CA ILE D 222 -1.72 -29.99 11.67
C ILE D 222 -1.39 -31.28 10.93
N ASP D 223 -2.26 -32.29 11.03
CA ASP D 223 -2.02 -33.54 10.33
C ASP D 223 -2.10 -33.36 8.82
N ARG D 224 -3.02 -32.51 8.35
CA ARG D 224 -3.11 -32.23 6.92
C ARG D 224 -1.92 -31.42 6.42
N PHE D 225 -1.35 -30.58 7.28
CA PHE D 225 -0.14 -29.85 6.90
C PHE D 225 1.06 -30.77 6.83
N GLU D 226 1.16 -31.72 7.78
CA GLU D 226 2.28 -32.67 7.77
C GLU D 226 2.21 -33.62 6.58
N TYR D 227 1.00 -34.00 6.15
CA TYR D 227 0.86 -34.92 5.03
C TYR D 227 1.35 -34.28 3.73
N HIS D 228 0.82 -33.09 3.41
CA HIS D 228 1.24 -32.41 2.19
C HIS D 228 2.71 -32.01 2.24
N LEU D 229 3.25 -31.77 3.44
CA LEU D 229 4.66 -31.46 3.55
C LEU D 229 5.52 -32.67 3.23
N GLN D 230 5.07 -33.86 3.63
CA GLN D 230 5.81 -35.09 3.32
C GLN D 230 5.55 -35.55 1.90
N LYS D 231 4.39 -35.24 1.34
CA LYS D 231 4.09 -35.64 -0.03
C LYS D 231 4.92 -34.85 -1.03
N VAL D 232 5.01 -33.53 -0.85
CA VAL D 232 5.81 -32.71 -1.76
C VAL D 232 7.29 -33.00 -1.57
N LYS D 233 7.75 -33.10 -0.32
CA LYS D 233 9.15 -33.39 -0.05
C LYS D 233 9.59 -34.70 -0.70
N HIS D 234 8.69 -35.68 -0.77
CA HIS D 234 8.99 -36.91 -1.51
C HIS D 234 9.22 -36.62 -2.98
N SER D 235 8.40 -35.75 -3.57
CA SER D 235 8.58 -35.38 -4.97
C SER D 235 9.81 -34.52 -5.16
N ILE D 236 10.14 -33.68 -4.17
CA ILE D 236 11.32 -32.81 -4.29
C ILE D 236 12.60 -33.65 -4.32
N ASP D 237 12.70 -34.63 -3.42
CA ASP D 237 13.92 -35.43 -3.35
C ASP D 237 14.03 -36.42 -4.50
N GLN D 238 12.90 -36.93 -4.99
CA GLN D 238 12.94 -37.91 -6.07
C GLN D 238 13.23 -37.26 -7.43
N VAL D 239 12.69 -36.06 -7.67
CA VAL D 239 13.03 -35.33 -8.88
C VAL D 239 14.52 -34.97 -8.88
N THR D 240 15.06 -34.65 -7.70
CA THR D 240 16.50 -34.46 -7.58
C THR D 240 17.25 -35.74 -7.88
N ALA D 241 16.72 -36.89 -7.44
CA ALA D 241 17.36 -38.17 -7.72
C ALA D 241 17.29 -38.53 -9.20
N LEU D 242 16.24 -38.10 -9.90
CA LEU D 242 16.12 -38.40 -11.31
C LEU D 242 17.09 -37.56 -12.14
N SER D 243 17.35 -36.33 -11.72
CA SER D 243 18.25 -35.46 -12.46
C SER D 243 19.71 -35.73 -12.10
N ASP D 244 20.03 -35.69 -10.79
CA ASP D 244 21.41 -35.89 -10.36
C ASP D 244 21.87 -37.33 -10.50
N GLY D 245 20.92 -38.28 -10.56
CA GLY D 245 21.27 -39.69 -10.64
C GLY D 245 21.90 -40.08 -11.96
N VAL D 246 21.09 -40.15 -13.02
CA VAL D 246 21.53 -40.58 -14.33
C VAL D 246 21.11 -39.54 -15.36
N LYS D 247 21.72 -39.62 -16.55
CA LYS D 247 21.34 -38.78 -17.68
C LYS D 247 21.61 -39.55 -18.97
N PRO D 248 20.77 -40.52 -19.29
CA PRO D 248 20.98 -41.32 -20.50
C PRO D 248 20.74 -40.51 -21.77
N LYS D 249 21.13 -41.09 -22.89
CA LYS D 249 20.95 -40.46 -24.19
C LYS D 249 19.69 -40.91 -24.91
N GLN D 250 19.28 -42.16 -24.74
CA GLN D 250 18.08 -42.68 -25.40
C GLN D 250 17.64 -43.94 -24.69
N VAL D 251 16.34 -44.02 -24.38
CA VAL D 251 15.76 -45.20 -23.75
C VAL D 251 14.70 -45.74 -24.70
N THR D 252 14.06 -46.86 -24.31
CA THR D 252 13.05 -47.47 -25.17
C THR D 252 11.85 -46.54 -25.36
N LYS D 253 11.00 -46.89 -26.32
CA LYS D 253 9.82 -46.08 -26.62
C LYS D 253 8.79 -46.14 -25.50
N ASN D 254 8.78 -47.21 -24.70
CA ASN D 254 7.82 -47.34 -23.61
C ASN D 254 8.36 -46.75 -22.31
N ARG D 255 9.67 -46.87 -22.06
CA ARG D 255 10.23 -46.36 -20.81
C ARG D 255 10.18 -44.83 -20.75
N LEU D 256 10.18 -44.16 -21.90
CA LEU D 256 10.02 -42.71 -21.90
C LEU D 256 8.60 -42.32 -21.53
N LYS D 257 7.61 -43.09 -21.99
CA LYS D 257 6.23 -42.84 -21.58
C LYS D 257 6.06 -43.06 -20.09
N GLU D 258 6.77 -44.05 -19.52
CA GLU D 258 6.77 -44.25 -18.08
C GLU D 258 7.55 -43.15 -17.36
N TYR D 259 8.53 -42.54 -18.05
CA TYR D 259 9.28 -41.45 -17.44
C TYR D 259 8.52 -40.13 -17.47
N TYR D 260 7.65 -39.93 -18.46
CA TYR D 260 6.76 -38.78 -18.45
C TYR D 260 5.82 -38.81 -17.26
N PHE D 261 5.19 -39.98 -17.02
CA PHE D 261 4.23 -40.10 -15.93
C PHE D 261 4.89 -39.93 -14.58
N ASN D 262 6.16 -40.33 -14.45
CA ASN D 262 6.83 -40.24 -13.16
C ASN D 262 7.10 -38.79 -12.77
N ILE D 263 7.69 -38.02 -13.68
CA ILE D 263 7.94 -36.61 -13.39
C ILE D 263 6.65 -35.80 -13.44
N GLY D 264 5.63 -36.27 -14.16
CA GLY D 264 4.33 -35.62 -14.10
C GLY D 264 3.60 -35.91 -12.80
N ASN D 265 3.76 -37.12 -12.26
CA ASN D 265 3.19 -37.43 -10.96
C ASN D 265 3.85 -36.62 -9.85
N TYR D 266 5.17 -36.48 -9.90
CA TYR D 266 5.89 -35.73 -8.87
C TYR D 266 5.56 -34.25 -8.95
N TYR D 267 5.46 -33.69 -10.16
CA TYR D 267 5.14 -32.28 -10.31
C TYR D 267 3.67 -31.99 -9.99
N SER D 268 2.81 -33.01 -10.05
CA SER D 268 1.42 -32.83 -9.65
C SER D 268 1.29 -32.75 -8.14
N ILE D 269 1.97 -33.65 -7.43
CA ILE D 269 1.98 -33.61 -5.97
C ILE D 269 2.54 -32.28 -5.48
N PHE D 270 3.52 -31.74 -6.21
CA PHE D 270 4.07 -30.43 -5.85
C PHE D 270 3.07 -29.32 -6.11
N LYS D 271 2.46 -29.31 -7.30
CA LYS D 271 1.53 -28.25 -7.65
C LYS D 271 0.25 -28.32 -6.82
N PHE D 272 -0.20 -29.52 -6.47
CA PHE D 272 -1.39 -29.64 -5.63
C PHE D 272 -1.05 -29.40 -4.16
N GLY D 273 0.11 -29.87 -3.71
CA GLY D 273 0.51 -29.63 -2.33
C GLY D 273 0.83 -28.18 -2.04
N LYS D 274 1.40 -27.47 -3.03
CA LYS D 274 1.73 -26.07 -2.83
C LYS D 274 0.47 -25.23 -2.63
N ASP D 275 -0.61 -25.57 -3.34
CA ASP D 275 -1.87 -24.87 -3.14
C ASP D 275 -2.48 -25.20 -1.78
N SER D 276 -2.47 -26.50 -1.42
CA SER D 276 -3.06 -26.91 -0.14
C SER D 276 -2.26 -26.37 1.03
N LEU D 277 -0.94 -26.42 0.96
CA LEU D 277 -0.11 -25.92 2.05
C LEU D 277 -0.28 -24.42 2.27
N ASN D 278 -0.69 -23.69 1.22
CA ASN D 278 -0.94 -22.25 1.39
C ASN D 278 -2.28 -22.00 2.08
N MET D 279 -3.33 -22.71 1.68
CA MET D 279 -4.62 -22.53 2.33
C MET D 279 -4.64 -23.11 3.73
N LEU D 280 -3.82 -24.13 3.99
CA LEU D 280 -3.73 -24.67 5.35
C LEU D 280 -3.00 -23.70 6.27
N ASN D 281 -1.92 -23.09 5.78
CA ASN D 281 -1.20 -22.10 6.59
C ASN D 281 -2.13 -20.98 7.05
N LYS D 282 -3.08 -20.59 6.20
CA LYS D 282 -4.07 -19.61 6.61
C LYS D 282 -5.00 -20.16 7.68
N ALA D 283 -5.22 -21.49 7.67
CA ALA D 283 -6.10 -22.10 8.66
C ALA D 283 -5.41 -22.26 10.01
N LEU D 284 -4.15 -22.74 10.01
CA LEU D 284 -3.43 -22.88 11.26
C LEU D 284 -3.19 -21.53 11.93
N ILE D 285 -2.91 -20.50 11.13
CA ILE D 285 -2.67 -19.17 11.69
C ILE D 285 -3.96 -18.59 12.27
N HIS D 286 -5.07 -18.75 11.55
CA HIS D 286 -6.34 -18.21 12.04
C HIS D 286 -6.84 -18.99 13.24
N LYS D 287 -6.66 -20.31 13.25
CA LYS D 287 -7.11 -21.12 14.38
C LYS D 287 -6.31 -20.80 15.64
N GLU D 288 -5.04 -20.41 15.48
CA GLU D 288 -4.23 -20.04 16.63
C GLU D 288 -4.70 -18.72 17.25
N LYS D 289 -5.38 -17.87 16.49
CA LYS D 289 -5.89 -16.62 17.05
C LYS D 289 -7.08 -16.85 17.97
N ILE D 290 -7.90 -17.85 17.67
CA ILE D 290 -9.08 -18.14 18.48
C ILE D 290 -8.67 -18.77 19.81
N VAL D 291 -7.77 -19.75 19.76
CA VAL D 291 -7.33 -20.43 20.99
C VAL D 291 -6.64 -19.44 21.92
N HIS D 292 -6.08 -18.35 21.38
CA HIS D 292 -5.53 -17.31 22.23
C HIS D 292 -6.63 -16.52 22.91
N ASN D 293 -7.67 -16.15 22.18
CA ASN D 293 -8.78 -15.40 22.77
C ASN D 293 -9.54 -16.23 23.77
N LEU D 294 -9.77 -17.52 23.46
CA LEU D 294 -10.47 -18.39 24.40
C LEU D 294 -9.65 -18.59 25.67
N LEU D 295 -8.37 -18.92 25.53
CA LEU D 295 -7.50 -18.99 26.70
C LEU D 295 -7.25 -17.61 27.29
N GLY D 296 -7.28 -16.56 26.46
CA GLY D 296 -7.21 -15.22 26.99
C GLY D 296 -8.41 -14.86 27.83
N GLU D 297 -9.61 -15.13 27.30
CA GLU D 297 -10.84 -14.90 28.06
C GLU D 297 -11.02 -15.89 29.19
N LEU D 298 -10.28 -16.99 29.20
CA LEU D 298 -10.41 -17.97 30.27
C LEU D 298 -9.84 -17.45 31.59
N PHE D 299 -8.57 -17.04 31.57
CA PHE D 299 -7.95 -16.58 32.81
C PHE D 299 -8.45 -15.20 33.21
N GLY D 300 -8.54 -14.27 32.25
CA GLY D 300 -9.03 -12.93 32.55
C GLY D 300 -9.70 -12.28 31.35
N HIS D 301 -9.85 -10.96 31.38
CA HIS D 301 -10.42 -10.24 30.24
C HIS D 301 -9.38 -10.08 29.13
N GLN E 6 -5.60 -2.86 9.46
CA GLN E 6 -6.02 -1.93 8.43
C GLN E 6 -5.98 -2.59 7.05
N VAL E 7 -7.15 -3.02 6.57
CA VAL E 7 -7.28 -3.71 5.29
C VAL E 7 -7.70 -2.69 4.24
N GLN E 8 -6.90 -2.54 3.19
CA GLN E 8 -7.17 -1.54 2.16
C GLN E 8 -6.51 -1.95 0.86
N LEU E 9 -7.00 -1.36 -0.23
CA LEU E 9 -6.43 -1.54 -1.56
C LEU E 9 -6.58 -0.23 -2.33
N VAL E 10 -5.51 0.18 -3.00
CA VAL E 10 -5.52 1.41 -3.81
C VAL E 10 -4.85 1.11 -5.15
N GLU E 11 -5.33 1.78 -6.19
CA GLU E 11 -4.82 1.62 -7.54
C GLU E 11 -4.03 2.85 -7.97
N SER E 12 -3.22 2.66 -9.00
CA SER E 12 -2.41 3.75 -9.55
C SER E 12 -2.16 3.47 -11.02
N GLY E 13 -2.66 4.34 -11.90
CA GLY E 13 -2.46 4.16 -13.32
C GLY E 13 -2.57 5.47 -14.05
N GLY E 14 -2.16 5.44 -15.32
CA GLY E 14 -2.21 6.63 -16.14
C GLY E 14 -3.64 7.10 -16.36
N GLY E 15 -3.82 8.42 -16.38
CA GLY E 15 -5.13 9.00 -16.61
C GLY E 15 -5.59 8.90 -18.05
N VAL E 16 -4.73 9.30 -19.00
CA VAL E 16 -5.05 9.28 -20.41
C VAL E 16 -3.99 8.47 -21.15
N VAL E 17 -4.44 7.61 -22.06
CA VAL E 17 -3.57 6.78 -22.88
C VAL E 17 -3.97 6.95 -24.35
N GLN E 18 -2.97 7.00 -25.23
CA GLN E 18 -3.25 7.09 -26.65
C GLN E 18 -3.99 5.83 -27.13
N SER E 19 -4.70 5.98 -28.24
CA SER E 19 -5.52 4.89 -28.76
C SER E 19 -4.68 3.66 -29.08
N GLY E 20 -3.49 3.87 -29.64
CA GLY E 20 -2.62 2.76 -30.00
C GLY E 20 -1.67 2.34 -28.90
N LYS E 21 -1.30 3.29 -28.03
CA LYS E 21 -0.34 3.02 -26.97
C LYS E 21 -0.93 2.06 -25.94
N SER E 22 -0.12 1.74 -24.93
CA SER E 22 -0.51 0.79 -23.89
C SER E 22 -0.64 1.49 -22.55
N LEU E 23 -1.35 0.83 -21.63
CA LEU E 23 -1.57 1.34 -20.28
C LEU E 23 -1.08 0.32 -19.26
N ARG E 24 -0.75 0.80 -18.08
CA ARG E 24 -0.28 -0.04 -16.99
C ARG E 24 -0.82 0.50 -15.68
N VAL E 25 -1.35 -0.40 -14.84
CA VAL E 25 -1.91 -0.03 -13.55
C VAL E 25 -1.31 -0.93 -12.47
N SER E 26 -1.38 -0.45 -11.23
CA SER E 26 -0.87 -1.16 -10.08
C SER E 26 -1.94 -1.22 -8.99
N CYS E 27 -1.70 -2.06 -7.98
CA CYS E 27 -2.57 -2.14 -6.82
C CYS E 27 -1.73 -2.58 -5.62
N ALA E 28 -1.68 -1.74 -4.59
CA ALA E 28 -0.90 -2.02 -3.39
C ALA E 28 -1.82 -2.44 -2.26
N ALA E 29 -1.41 -3.47 -1.52
CA ALA E 29 -2.20 -4.05 -0.46
C ALA E 29 -1.60 -3.75 0.91
N SER E 30 -2.45 -3.81 1.93
CA SER E 30 -2.04 -3.56 3.30
C SER E 30 -3.06 -4.20 4.25
N GLY E 31 -2.55 -4.83 5.31
CA GLY E 31 -3.38 -5.45 6.33
C GLY E 31 -3.35 -6.97 6.30
N PHE E 32 -3.16 -7.56 5.13
CA PHE E 32 -3.13 -9.01 4.97
C PHE E 32 -1.85 -9.41 4.25
N THR E 33 -1.57 -10.72 4.27
CA THR E 33 -0.41 -11.26 3.56
C THR E 33 -0.75 -11.40 2.08
N PHE E 34 -0.03 -10.66 1.23
CA PHE E 34 -0.33 -10.64 -0.19
C PHE E 34 -0.11 -12.01 -0.84
N SER E 35 0.87 -12.77 -0.36
CA SER E 35 1.26 -14.02 -0.99
C SER E 35 0.34 -15.19 -0.65
N SER E 36 -0.69 -14.98 0.17
CA SER E 36 -1.58 -16.06 0.58
C SER E 36 -2.93 -16.03 -0.11
N TYR E 37 -3.22 -15.00 -0.90
CA TYR E 37 -4.52 -14.85 -1.54
C TYR E 37 -4.35 -14.55 -3.02
N GLY E 38 -5.29 -15.06 -3.82
CA GLY E 38 -5.35 -14.68 -5.22
C GLY E 38 -6.03 -13.35 -5.42
N MET E 39 -5.77 -12.73 -6.56
CA MET E 39 -6.28 -11.40 -6.87
C MET E 39 -7.00 -11.41 -8.21
N HIS E 40 -8.00 -10.55 -8.32
CA HIS E 40 -8.78 -10.40 -9.55
C HIS E 40 -8.80 -8.94 -9.96
N TRP E 41 -9.04 -8.71 -11.24
CA TRP E 41 -9.18 -7.37 -11.80
C TRP E 41 -10.59 -7.19 -12.33
N VAL E 42 -11.23 -6.09 -11.94
CA VAL E 42 -12.60 -5.78 -12.35
C VAL E 42 -12.61 -4.43 -13.03
N ARG E 43 -13.35 -4.33 -14.13
CA ARG E 43 -13.38 -3.15 -14.98
C ARG E 43 -14.78 -2.55 -14.98
N GLN E 44 -14.86 -1.23 -15.02
CA GLN E 44 -16.14 -0.52 -15.11
C GLN E 44 -16.00 0.65 -16.07
N ALA E 45 -16.62 0.54 -17.24
CA ALA E 45 -16.71 1.65 -18.17
C ALA E 45 -17.60 2.73 -17.58
N PRO E 46 -17.68 3.92 -18.22
CA PRO E 46 -18.67 4.92 -17.79
C PRO E 46 -20.09 4.36 -17.75
N GLY E 47 -20.36 3.31 -18.52
CA GLY E 47 -21.63 2.63 -18.42
C GLY E 47 -21.80 1.92 -17.09
N LYS E 48 -23.02 1.45 -16.86
CA LYS E 48 -23.35 0.83 -15.59
C LYS E 48 -22.67 -0.53 -15.41
N GLY E 49 -22.32 -1.19 -16.51
CA GLY E 49 -21.85 -2.57 -16.42
C GLY E 49 -20.51 -2.68 -15.70
N LEU E 50 -20.39 -3.71 -14.87
CA LEU E 50 -19.15 -4.10 -14.24
C LEU E 50 -18.58 -5.31 -14.98
N GLU E 51 -17.27 -5.30 -15.25
CA GLU E 51 -16.66 -6.28 -16.13
C GLU E 51 -15.46 -6.93 -15.45
N TRP E 52 -15.50 -8.25 -15.32
CA TRP E 52 -14.37 -9.00 -14.80
C TRP E 52 -13.31 -9.19 -15.88
N VAL E 53 -12.05 -9.06 -15.50
CA VAL E 53 -10.96 -9.10 -16.48
C VAL E 53 -10.05 -10.29 -16.23
N ALA E 54 -9.15 -10.18 -15.25
CA ALA E 54 -8.09 -11.16 -15.08
C ALA E 54 -8.08 -11.71 -13.66
N PHE E 55 -7.40 -12.85 -13.51
CA PHE E 55 -7.17 -13.49 -12.22
C PHE E 55 -5.74 -14.01 -12.19
N ILE E 56 -5.17 -14.06 -10.98
CA ILE E 56 -3.83 -14.59 -10.79
C ILE E 56 -3.79 -15.34 -9.47
N SER E 57 -3.01 -16.42 -9.43
CA SER E 57 -2.91 -17.25 -8.24
C SER E 57 -2.14 -16.52 -7.14
N TYR E 58 -1.94 -17.21 -6.01
CA TYR E 58 -1.24 -16.60 -4.88
C TYR E 58 0.22 -16.31 -5.21
N ASP E 59 0.87 -17.20 -5.96
CA ASP E 59 2.25 -16.99 -6.39
C ASP E 59 2.38 -16.82 -7.89
N GLY E 60 1.27 -16.57 -8.59
CA GLY E 60 1.32 -16.28 -10.01
C GLY E 60 1.50 -17.49 -10.91
N ASP E 61 1.36 -18.71 -10.39
CA ASP E 61 1.55 -19.89 -11.23
C ASP E 61 0.45 -20.02 -12.28
N ASN E 62 -0.79 -19.66 -11.92
CA ASN E 62 -1.92 -19.75 -12.83
C ASN E 62 -2.53 -18.37 -13.00
N LYS E 63 -2.60 -17.90 -14.25
CA LYS E 63 -3.24 -16.64 -14.60
C LYS E 63 -4.20 -16.89 -15.75
N TYR E 64 -5.43 -16.38 -15.62
CA TYR E 64 -6.46 -16.58 -16.63
C TYR E 64 -7.11 -15.25 -16.95
N SER E 65 -7.00 -14.82 -18.20
CA SER E 65 -7.57 -13.56 -18.64
C SER E 65 -9.06 -13.72 -18.92
N ALA E 66 -9.69 -12.63 -19.37
CA ALA E 66 -11.10 -12.67 -19.72
C ALA E 66 -11.32 -13.37 -21.05
N ASP E 67 -12.56 -13.81 -21.28
CA ASP E 67 -12.91 -14.43 -22.54
C ASP E 67 -12.98 -13.40 -23.67
N SER E 68 -13.15 -12.12 -23.34
CA SER E 68 -13.20 -11.09 -24.38
C SER E 68 -11.81 -10.66 -24.81
N VAL E 69 -10.91 -10.44 -23.85
CA VAL E 69 -9.56 -9.99 -24.13
C VAL E 69 -8.59 -11.05 -23.61
N LYS E 70 -7.72 -11.54 -24.48
CA LYS E 70 -6.78 -12.59 -24.11
C LYS E 70 -5.35 -12.20 -24.49
N GLY E 71 -5.14 -11.87 -25.76
CA GLY E 71 -3.84 -11.44 -26.22
C GLY E 71 -3.51 -9.99 -25.94
N ARG E 72 -4.36 -9.28 -25.21
CA ARG E 72 -4.17 -7.87 -24.91
C ARG E 72 -3.84 -7.59 -23.46
N LEU E 73 -4.38 -8.34 -22.52
CA LEU E 73 -4.21 -8.10 -21.10
C LEU E 73 -3.27 -9.12 -20.49
N THR E 74 -2.20 -8.65 -19.87
CA THR E 74 -1.26 -9.49 -19.13
C THR E 74 -1.33 -9.12 -17.65
N ILE E 75 -1.47 -10.13 -16.80
CA ILE E 75 -1.57 -9.92 -15.36
C ILE E 75 -0.37 -10.57 -14.68
N SER E 76 0.22 -9.85 -13.74
CA SER E 76 1.39 -10.34 -13.03
C SER E 76 1.47 -9.65 -11.68
N ARG E 77 2.22 -10.26 -10.77
CA ARG E 77 2.38 -9.74 -9.43
C ARG E 77 3.83 -9.90 -8.97
N ASP E 78 4.26 -8.99 -8.12
CA ASP E 78 5.57 -9.04 -7.46
C ASP E 78 5.27 -9.10 -5.96
N ASN E 79 5.22 -10.32 -5.41
CA ASN E 79 4.84 -10.50 -4.02
C ASN E 79 5.78 -9.77 -3.08
N SER E 80 7.08 -9.77 -3.38
CA SER E 80 8.03 -9.04 -2.54
C SER E 80 7.75 -7.54 -2.58
N LYS E 81 7.41 -7.01 -3.76
CA LYS E 81 7.03 -5.61 -3.85
C LYS E 81 5.63 -5.36 -3.29
N ASN E 82 4.84 -6.42 -3.08
CA ASN E 82 3.49 -6.31 -2.56
C ASN E 82 2.62 -5.43 -3.45
N THR E 83 2.67 -5.69 -4.75
CA THR E 83 1.88 -4.94 -5.73
C THR E 83 1.34 -5.91 -6.78
N LEU E 84 0.28 -5.46 -7.45
CA LEU E 84 -0.37 -6.25 -8.49
C LEU E 84 -0.50 -5.38 -9.73
N TYR E 85 0.02 -5.87 -10.86
CA TYR E 85 0.06 -5.10 -12.09
C TYR E 85 -0.85 -5.70 -13.15
N LEU E 86 -1.25 -4.86 -14.10
CA LEU E 86 -2.09 -5.26 -15.22
C LEU E 86 -1.91 -4.26 -16.35
N GLN E 87 -1.63 -4.77 -17.55
CA GLN E 87 -1.35 -3.93 -18.70
C GLN E 87 -2.20 -4.36 -19.89
N MET E 88 -2.52 -3.40 -20.76
CA MET E 88 -3.29 -3.64 -21.97
C MET E 88 -2.53 -3.04 -23.14
N ASN E 89 -2.17 -3.88 -24.11
CA ASN E 89 -1.33 -3.43 -25.21
C ASN E 89 -2.12 -2.56 -26.19
N SER E 90 -3.21 -3.08 -26.72
CA SER E 90 -4.08 -2.35 -27.63
C SER E 90 -5.42 -2.09 -26.94
N LEU E 91 -5.92 -0.87 -27.08
CA LEU E 91 -7.17 -0.47 -26.41
C LEU E 91 -8.08 0.21 -27.42
N ARG E 92 -9.25 -0.38 -27.65
CA ARG E 92 -10.31 0.30 -28.36
C ARG E 92 -10.88 1.41 -27.49
N PRO E 93 -11.56 2.40 -28.08
CA PRO E 93 -12.14 3.47 -27.26
C PRO E 93 -13.13 2.97 -26.22
N GLU E 94 -13.60 1.73 -26.33
CA GLU E 94 -14.45 1.17 -25.29
C GLU E 94 -13.67 0.74 -24.06
N ASP E 95 -12.34 0.66 -24.15
CA ASP E 95 -11.53 0.28 -23.01
C ASP E 95 -11.43 1.37 -21.96
N THR E 96 -11.91 2.58 -22.24
CA THR E 96 -11.96 3.65 -21.26
C THR E 96 -12.83 3.22 -20.08
N ALA E 97 -12.23 3.05 -18.91
CA ALA E 97 -12.94 2.46 -17.78
C ALA E 97 -12.18 2.71 -16.49
N VAL E 98 -12.83 2.38 -15.37
CA VAL E 98 -12.22 2.34 -14.06
C VAL E 98 -11.83 0.90 -13.77
N TYR E 99 -10.62 0.70 -13.23
CA TYR E 99 -10.08 -0.63 -13.00
C TYR E 99 -9.91 -0.87 -11.51
N TYR E 100 -10.68 -1.80 -10.97
CA TYR E 100 -10.62 -2.18 -9.56
C TYR E 100 -9.86 -3.49 -9.43
N CYS E 101 -9.03 -3.58 -8.39
CA CYS E 101 -8.41 -4.84 -8.03
C CYS E 101 -9.11 -5.41 -6.80
N ALA E 102 -9.37 -6.71 -6.82
CA ALA E 102 -10.14 -7.36 -5.77
C ALA E 102 -9.33 -8.52 -5.18
N LYS E 103 -9.57 -8.77 -3.89
CA LYS E 103 -8.89 -9.82 -3.16
C LYS E 103 -9.78 -11.04 -3.06
N GLU E 104 -9.17 -12.22 -3.10
CA GLU E 104 -9.90 -13.46 -2.86
C GLU E 104 -10.56 -13.42 -1.48
N SER E 105 -11.79 -13.91 -1.41
CA SER E 105 -12.55 -13.83 -0.16
C SER E 105 -11.93 -14.73 0.91
N ASN E 106 -12.02 -14.27 2.16
CA ASN E 106 -11.62 -15.12 3.28
C ASN E 106 -12.62 -16.25 3.50
N TYR E 107 -13.88 -16.03 3.12
CA TYR E 107 -14.91 -17.04 3.33
C TYR E 107 -14.81 -18.17 2.31
N GLY E 108 -14.45 -17.85 1.08
CA GLY E 108 -14.35 -18.86 0.04
C GLY E 108 -13.48 -18.37 -1.10
N GLU E 109 -13.25 -19.28 -2.05
CA GLU E 109 -12.43 -18.97 -3.22
C GLU E 109 -13.19 -18.19 -4.28
N ASN E 110 -14.52 -18.29 -4.30
CA ASN E 110 -15.30 -17.70 -5.38
C ASN E 110 -15.53 -16.20 -5.19
N ALA E 111 -15.87 -15.77 -3.97
CA ALA E 111 -16.25 -14.39 -3.74
C ALA E 111 -15.04 -13.48 -3.66
N PHE E 112 -15.31 -12.17 -3.67
CA PHE E 112 -14.29 -11.14 -3.52
C PHE E 112 -14.53 -10.40 -2.22
N ASP E 113 -13.49 -10.31 -1.38
CA ASP E 113 -13.62 -9.67 -0.07
C ASP E 113 -13.38 -8.16 -0.15
N ILE E 114 -12.13 -7.76 -0.33
CA ILE E 114 -11.74 -6.35 -0.28
C ILE E 114 -11.58 -5.84 -1.70
N TRP E 115 -12.08 -4.63 -1.94
CA TRP E 115 -11.98 -3.96 -3.22
C TRP E 115 -11.19 -2.67 -3.08
N GLY E 116 -10.48 -2.31 -4.15
CA GLY E 116 -9.87 -1.01 -4.23
C GLY E 116 -10.79 0.00 -4.90
N GLN E 117 -10.57 1.29 -4.60
CA GLN E 117 -11.43 2.32 -5.16
C GLN E 117 -11.23 2.51 -6.66
N GLY E 118 -10.20 1.91 -7.24
CA GLY E 118 -10.02 1.93 -8.67
C GLY E 118 -9.37 3.21 -9.17
N THR E 119 -8.86 3.14 -10.39
CA THR E 119 -8.26 4.28 -11.08
C THR E 119 -8.90 4.43 -12.45
N MET E 120 -9.07 5.67 -12.88
CA MET E 120 -9.72 5.97 -14.15
C MET E 120 -8.71 5.95 -15.28
N VAL E 121 -9.03 5.23 -16.35
CA VAL E 121 -8.18 5.13 -17.53
C VAL E 121 -8.99 5.63 -18.72
N THR E 122 -8.62 6.80 -19.24
CA THR E 122 -9.27 7.40 -20.39
C THR E 122 -8.44 7.13 -21.64
N VAL E 123 -9.12 6.73 -22.72
CA VAL E 123 -8.46 6.38 -23.97
C VAL E 123 -8.84 7.42 -25.02
N SER E 124 -7.85 8.21 -25.44
CA SER E 124 -8.05 9.22 -26.47
C SER E 124 -6.70 9.56 -27.07
N SER E 125 -6.71 9.94 -28.35
CA SER E 125 -5.49 10.26 -29.09
C SER E 125 -5.67 11.59 -29.83
N ALA E 126 -5.91 12.66 -29.04
CA ALA E 126 -6.13 13.98 -29.61
C ALA E 126 -5.52 15.02 -28.68
N SER E 127 -5.14 16.16 -29.27
CA SER E 127 -4.61 17.28 -28.52
C SER E 127 -5.77 18.18 -28.08
N THR E 128 -5.49 19.45 -27.80
CA THR E 128 -6.55 20.37 -27.42
C THR E 128 -7.40 20.71 -28.64
N LYS E 129 -8.72 20.53 -28.51
CA LYS E 129 -9.66 20.80 -29.59
C LYS E 129 -10.66 21.85 -29.15
N GLY E 130 -11.14 22.64 -30.12
CA GLY E 130 -12.10 23.68 -29.85
C GLY E 130 -13.52 23.17 -29.79
N PRO E 131 -14.27 23.59 -28.77
CA PRO E 131 -15.66 23.13 -28.64
C PRO E 131 -16.55 23.77 -29.70
N SER E 132 -17.26 22.91 -30.44
CA SER E 132 -18.24 23.36 -31.42
C SER E 132 -19.57 23.55 -30.72
N VAL E 133 -20.12 24.77 -30.82
CA VAL E 133 -21.36 25.13 -30.15
C VAL E 133 -22.47 25.22 -31.19
N PHE E 134 -23.56 24.51 -30.94
CA PHE E 134 -24.70 24.49 -31.86
C PHE E 134 -25.98 24.79 -31.07
N PRO E 135 -26.84 25.68 -31.58
CA PRO E 135 -28.08 26.00 -30.85
C PRO E 135 -29.17 24.97 -31.12
N LEU E 136 -29.83 24.53 -30.05
CA LEU E 136 -30.98 23.63 -30.15
C LEU E 136 -32.24 24.49 -30.07
N ALA E 137 -32.81 24.80 -31.23
CA ALA E 137 -33.93 25.74 -31.29
C ALA E 137 -35.24 25.06 -30.89
N PRO E 138 -36.09 25.75 -30.15
CA PRO E 138 -37.42 25.22 -29.85
C PRO E 138 -38.40 25.46 -31.00
N SER E 139 -39.50 24.74 -30.96
CA SER E 139 -40.54 24.84 -31.98
C SER E 139 -41.82 24.22 -31.43
N SER E 140 -42.79 24.01 -32.32
CA SER E 140 -44.02 23.33 -31.91
C SER E 140 -43.78 21.87 -31.54
N LYS E 141 -42.72 21.26 -32.07
CA LYS E 141 -42.36 19.90 -31.72
C LYS E 141 -41.56 19.82 -30.43
N SER E 142 -41.15 20.96 -29.86
CA SER E 142 -40.39 20.99 -28.62
C SER E 142 -41.13 21.71 -27.50
N THR E 143 -42.42 22.01 -27.69
CA THR E 143 -43.22 22.68 -26.67
C THR E 143 -44.46 21.86 -26.38
N SER E 144 -45.01 22.07 -25.18
CA SER E 144 -46.21 21.35 -24.75
C SER E 144 -46.92 22.19 -23.71
N GLY E 145 -48.07 22.75 -24.07
CA GLY E 145 -48.81 23.60 -23.15
C GLY E 145 -48.16 24.94 -22.91
N GLY E 146 -47.34 25.03 -21.86
CA GLY E 146 -46.67 26.26 -21.55
C GLY E 146 -45.24 26.07 -21.08
N THR E 147 -44.62 24.96 -21.49
CA THR E 147 -43.24 24.65 -21.14
C THR E 147 -42.49 24.25 -22.41
N ALA E 148 -41.59 25.10 -22.87
CA ALA E 148 -40.78 24.84 -24.05
C ALA E 148 -39.37 24.42 -23.63
N ALA E 149 -38.65 23.83 -24.58
CA ALA E 149 -37.30 23.33 -24.35
C ALA E 149 -36.34 24.00 -25.32
N LEU E 150 -35.46 24.84 -24.80
CA LEU E 150 -34.42 25.51 -25.57
C LEU E 150 -33.07 25.09 -25.03
N GLY E 151 -32.23 24.52 -25.90
CA GLY E 151 -30.96 23.99 -25.44
C GLY E 151 -29.73 24.52 -26.16
N CYS E 152 -28.58 23.94 -25.85
CA CYS E 152 -27.31 24.35 -26.45
C CYS E 152 -26.36 23.16 -26.47
N LEU E 153 -25.85 22.82 -27.64
CA LEU E 153 -25.00 21.64 -27.80
C LEU E 153 -23.54 22.05 -27.84
N VAL E 154 -22.74 21.41 -27.00
CA VAL E 154 -21.29 21.62 -26.95
C VAL E 154 -20.64 20.28 -27.28
N LYS E 155 -20.28 20.09 -28.55
CA LYS E 155 -19.74 18.83 -29.03
C LYS E 155 -18.29 19.00 -29.46
N ASP E 156 -17.52 17.91 -29.33
CA ASP E 156 -16.14 17.83 -29.82
C ASP E 156 -15.25 18.88 -29.15
N TYR E 157 -14.93 18.59 -27.90
CA TYR E 157 -13.96 19.40 -27.17
C TYR E 157 -13.10 18.49 -26.31
N PHE E 158 -11.91 18.97 -25.97
CA PHE E 158 -10.96 18.20 -25.18
C PHE E 158 -9.90 19.14 -24.62
N PRO E 159 -9.52 19.02 -23.35
CA PRO E 159 -10.12 18.06 -22.42
C PRO E 159 -11.17 18.69 -21.50
N GLU E 160 -11.66 17.92 -20.55
CA GLU E 160 -12.60 18.43 -19.56
C GLU E 160 -11.91 19.46 -18.65
N PRO E 161 -12.67 20.38 -18.06
CA PRO E 161 -14.11 20.59 -18.25
C PRO E 161 -14.44 21.89 -18.99
N VAL E 162 -15.72 22.08 -19.30
CA VAL E 162 -16.23 23.34 -19.83
C VAL E 162 -17.36 23.81 -18.92
N THR E 163 -17.47 25.12 -18.76
CA THR E 163 -18.51 25.74 -17.95
C THR E 163 -19.45 26.52 -18.87
N VAL E 164 -20.75 26.27 -18.74
CA VAL E 164 -21.76 26.88 -19.59
C VAL E 164 -22.70 27.69 -18.70
N SER E 165 -22.82 28.98 -18.98
CA SER E 165 -23.77 29.85 -18.30
C SER E 165 -24.78 30.36 -19.32
N TRP E 166 -25.95 30.76 -18.81
CA TRP E 166 -27.06 31.19 -19.66
C TRP E 166 -27.44 32.63 -19.31
N ASN E 167 -27.41 33.50 -20.31
CA ASN E 167 -27.75 34.92 -20.17
C ASN E 167 -26.90 35.60 -19.09
N SER E 168 -25.65 35.15 -18.94
CA SER E 168 -24.72 35.72 -17.97
C SER E 168 -25.30 35.69 -16.55
N GLY E 169 -25.99 34.61 -16.22
CA GLY E 169 -26.56 34.44 -14.91
C GLY E 169 -27.90 35.12 -14.68
N ALA E 170 -28.57 35.55 -15.74
CA ALA E 170 -29.88 36.19 -15.58
C ALA E 170 -30.92 35.17 -15.12
N LEU E 171 -30.96 34.01 -15.76
CA LEU E 171 -31.86 32.94 -15.36
C LEU E 171 -31.04 31.73 -14.94
N THR E 172 -31.37 31.19 -13.76
CA THR E 172 -30.73 30.00 -13.23
C THR E 172 -31.71 28.88 -12.92
N SER E 173 -32.94 29.20 -12.55
CA SER E 173 -33.96 28.18 -12.34
C SER E 173 -34.46 27.66 -13.68
N GLY E 174 -34.55 26.34 -13.81
CA GLY E 174 -34.96 25.72 -15.05
C GLY E 174 -33.84 25.36 -15.99
N VAL E 175 -32.59 25.56 -15.60
CA VAL E 175 -31.45 25.19 -16.42
C VAL E 175 -30.85 23.89 -15.88
N HIS E 176 -30.17 23.15 -16.75
CA HIS E 176 -29.55 21.90 -16.35
C HIS E 176 -28.41 21.59 -17.30
N THR E 177 -27.27 21.21 -16.75
CA THR E 177 -26.07 20.89 -17.54
C THR E 177 -25.67 19.45 -17.24
N PHE E 178 -25.91 18.56 -18.20
CA PHE E 178 -25.50 17.18 -18.04
C PHE E 178 -23.97 17.09 -18.04
N PRO E 179 -23.41 16.09 -17.36
CA PRO E 179 -21.96 15.88 -17.42
C PRO E 179 -21.52 15.49 -18.82
N ALA E 180 -20.23 15.60 -19.06
CA ALA E 180 -19.67 15.34 -20.38
C ALA E 180 -19.55 13.84 -20.61
N VAL E 181 -20.08 13.38 -21.74
CA VAL E 181 -19.91 11.99 -22.17
C VAL E 181 -18.77 11.93 -23.18
N LEU E 182 -17.93 10.91 -23.04
CA LEU E 182 -16.75 10.76 -23.90
C LEU E 182 -17.15 9.96 -25.13
N GLN E 183 -17.08 10.61 -26.30
CA GLN E 183 -17.37 9.91 -27.55
C GLN E 183 -16.21 8.97 -27.90
N SER E 184 -16.49 8.07 -28.84
CA SER E 184 -15.45 7.17 -29.32
C SER E 184 -14.35 7.89 -30.07
N SER E 185 -14.61 9.12 -30.53
CA SER E 185 -13.59 9.91 -31.19
C SER E 185 -12.54 10.44 -30.23
N GLY E 186 -12.82 10.40 -28.93
CA GLY E 186 -11.91 10.91 -27.92
C GLY E 186 -12.19 12.33 -27.48
N LEU E 187 -13.27 12.95 -27.96
CA LEU E 187 -13.62 14.31 -27.62
C LEU E 187 -14.88 14.32 -26.77
N TYR E 188 -14.83 15.04 -25.66
CA TYR E 188 -15.99 15.15 -24.78
C TYR E 188 -17.09 15.96 -25.46
N SER E 189 -18.33 15.73 -25.03
CA SER E 189 -19.48 16.43 -25.58
C SER E 189 -20.58 16.45 -24.53
N LEU E 190 -21.04 17.65 -24.17
CA LEU E 190 -22.15 17.82 -23.25
C LEU E 190 -23.18 18.77 -23.87
N SER E 191 -24.23 19.06 -23.12
CA SER E 191 -25.29 19.93 -23.59
C SER E 191 -26.00 20.55 -22.38
N SER E 192 -26.37 21.81 -22.50
CA SER E 192 -27.09 22.53 -21.47
C SER E 192 -28.42 23.01 -22.05
N VAL E 193 -29.52 22.62 -21.41
CA VAL E 193 -30.85 22.94 -21.89
C VAL E 193 -31.61 23.66 -20.78
N VAL E 194 -32.47 24.59 -21.20
CA VAL E 194 -33.30 25.37 -20.28
C VAL E 194 -34.76 25.17 -20.66
N THR E 195 -35.60 24.98 -19.65
CA THR E 195 -37.04 24.90 -19.83
C THR E 195 -37.67 26.22 -19.39
N VAL E 196 -38.37 26.89 -20.30
CA VAL E 196 -38.92 28.21 -20.05
C VAL E 196 -40.39 28.22 -20.47
N PRO E 197 -41.17 29.16 -19.95
CA PRO E 197 -42.54 29.32 -20.45
C PRO E 197 -42.57 29.55 -21.95
N SER E 198 -43.45 28.81 -22.63
CA SER E 198 -43.46 28.83 -24.10
C SER E 198 -43.96 30.16 -24.65
N SER E 199 -44.76 30.90 -23.88
CA SER E 199 -45.33 32.14 -24.38
C SER E 199 -44.31 33.25 -24.51
N SER E 200 -43.15 33.13 -23.86
CA SER E 200 -42.11 34.15 -23.88
C SER E 200 -40.93 33.74 -24.75
N LEU E 201 -41.21 33.09 -25.88
CA LEU E 201 -40.16 32.67 -26.80
C LEU E 201 -39.79 33.75 -27.80
N GLY E 202 -40.79 34.47 -28.33
CA GLY E 202 -40.53 35.51 -29.31
C GLY E 202 -40.30 36.87 -28.68
N THR E 203 -40.65 37.01 -27.41
CA THR E 203 -40.47 38.28 -26.70
C THR E 203 -39.09 38.43 -26.09
N GLN E 204 -38.35 37.33 -25.94
CA GLN E 204 -37.01 37.39 -25.36
C GLN E 204 -36.19 36.21 -25.87
N THR E 205 -34.96 36.47 -26.27
CA THR E 205 -34.03 35.45 -26.73
C THR E 205 -33.08 35.06 -25.60
N TYR E 206 -32.36 33.96 -25.83
CA TYR E 206 -31.46 33.39 -24.83
C TYR E 206 -30.09 33.14 -25.44
N ILE E 207 -29.05 33.38 -24.66
CA ILE E 207 -27.67 33.30 -25.12
C ILE E 207 -26.97 32.17 -24.38
N CYS E 208 -26.17 31.39 -25.11
CA CYS E 208 -25.42 30.26 -24.57
C CYS E 208 -23.95 30.65 -24.47
N ASN E 209 -23.44 30.70 -23.24
CA ASN E 209 -22.07 31.13 -22.97
C ASN E 209 -21.25 29.91 -22.57
N VAL E 210 -20.45 29.41 -23.51
CA VAL E 210 -19.59 28.24 -23.28
C VAL E 210 -18.17 28.73 -23.09
N ASN E 211 -17.61 28.49 -21.91
CA ASN E 211 -16.26 28.91 -21.56
C ASN E 211 -15.35 27.69 -21.45
N HIS E 212 -14.24 27.72 -22.18
CA HIS E 212 -13.28 26.63 -22.19
C HIS E 212 -11.89 27.20 -21.92
N LYS E 213 -11.16 26.60 -20.99
CA LYS E 213 -9.87 27.13 -20.59
C LYS E 213 -8.73 26.60 -21.46
N PRO E 214 -8.65 25.29 -21.74
CA PRO E 214 -7.57 24.83 -22.64
C PRO E 214 -7.63 25.45 -24.02
N SER E 215 -8.82 25.50 -24.64
CA SER E 215 -8.95 26.06 -25.98
C SER E 215 -9.13 27.58 -25.99
N ASN E 216 -9.41 28.18 -24.83
CA ASN E 216 -9.55 29.63 -24.70
C ASN E 216 -10.63 30.17 -25.64
N THR E 217 -11.77 29.50 -25.65
CA THR E 217 -12.90 29.87 -26.51
C THR E 217 -14.10 30.17 -25.63
N LYS E 218 -14.59 31.41 -25.68
CA LYS E 218 -15.77 31.85 -24.93
C LYS E 218 -16.80 32.33 -25.96
N VAL E 219 -17.52 31.39 -26.54
CA VAL E 219 -18.47 31.67 -27.62
C VAL E 219 -19.84 31.92 -27.02
N ASP E 220 -20.48 33.01 -27.45
CA ASP E 220 -21.84 33.35 -27.04
C ASP E 220 -22.78 32.99 -28.19
N LYS E 221 -23.57 31.94 -28.00
CA LYS E 221 -24.48 31.44 -29.03
C LYS E 221 -25.90 31.79 -28.65
N LYS E 222 -26.57 32.58 -29.50
CA LYS E 222 -27.96 32.92 -29.29
C LYS E 222 -28.86 31.76 -29.70
N VAL E 223 -29.87 31.48 -28.89
CA VAL E 223 -30.81 30.39 -29.12
C VAL E 223 -32.15 31.01 -29.49
N GLU E 224 -32.50 30.96 -30.77
CA GLU E 224 -33.72 31.52 -31.29
C GLU E 224 -34.39 30.54 -32.24
N PRO E 225 -35.73 30.49 -32.27
CA PRO E 225 -36.46 29.59 -33.17
C PRO E 225 -36.36 30.00 -34.64
N SER F 7 -22.33 -10.82 -23.24
CA SER F 7 -22.12 -11.93 -22.34
C SER F 7 -22.16 -11.47 -20.88
N ALA F 8 -23.27 -10.83 -20.50
CA ALA F 8 -23.45 -10.31 -19.15
C ALA F 8 -24.73 -10.85 -18.57
N LEU F 9 -24.72 -11.10 -17.26
CA LEU F 9 -25.90 -11.61 -16.58
C LEU F 9 -26.99 -10.54 -16.54
N THR F 10 -28.22 -10.97 -16.81
CA THR F 10 -29.34 -10.03 -16.86
C THR F 10 -29.70 -9.56 -15.45
N GLN F 11 -30.08 -8.30 -15.35
CA GLN F 11 -30.50 -7.71 -14.08
C GLN F 11 -31.49 -6.59 -14.38
N PRO F 12 -32.42 -6.31 -13.47
CA PRO F 12 -33.36 -5.20 -13.70
C PRO F 12 -32.64 -3.87 -13.70
N ARG F 13 -33.22 -2.91 -14.43
CA ARG F 13 -32.63 -1.58 -14.50
C ARG F 13 -32.87 -0.78 -13.22
N SER F 14 -34.05 -0.94 -12.62
CA SER F 14 -34.41 -0.20 -11.41
C SER F 14 -35.24 -1.07 -10.49
N VAL F 15 -35.04 -0.91 -9.19
CA VAL F 15 -35.89 -1.51 -8.17
C VAL F 15 -36.12 -0.46 -7.08
N SER F 16 -37.38 -0.14 -6.82
CA SER F 16 -37.73 0.94 -5.91
C SER F 16 -38.55 0.40 -4.75
N GLY F 17 -38.22 0.84 -3.54
CA GLY F 17 -38.95 0.43 -2.35
C GLY F 17 -39.08 1.55 -1.35
N SER F 18 -40.28 1.72 -0.79
CA SER F 18 -40.51 2.75 0.21
C SER F 18 -39.70 2.42 1.47
N PRO F 19 -39.34 3.43 2.27
CA PRO F 19 -38.61 3.17 3.52
C PRO F 19 -39.33 2.17 4.42
N GLY F 20 -38.83 0.93 4.44
CA GLY F 20 -39.46 -0.16 5.16
C GLY F 20 -39.97 -1.27 4.25
N GLN F 21 -40.29 -0.93 3.01
CA GLN F 21 -40.78 -1.92 2.06
C GLN F 21 -39.68 -2.92 1.71
N SER F 22 -40.09 -4.04 1.14
CA SER F 22 -39.17 -5.09 0.72
C SER F 22 -38.93 -5.00 -0.78
N VAL F 23 -37.69 -5.28 -1.18
CA VAL F 23 -37.30 -5.25 -2.58
C VAL F 23 -36.62 -6.58 -2.92
N THR F 24 -36.64 -6.91 -4.21
CA THR F 24 -36.03 -8.14 -4.70
C THR F 24 -35.37 -7.88 -6.04
N ILE F 25 -34.10 -8.27 -6.15
CA ILE F 25 -33.32 -8.13 -7.38
C ILE F 25 -33.02 -9.51 -7.92
N SER F 26 -33.48 -9.78 -9.13
CA SER F 26 -33.29 -11.08 -9.77
C SER F 26 -32.08 -11.04 -10.68
N CYS F 27 -31.24 -12.07 -10.58
CA CYS F 27 -30.06 -12.23 -11.43
C CYS F 27 -30.16 -13.57 -12.14
N THR F 28 -30.31 -13.52 -13.45
CA THR F 28 -30.44 -14.72 -14.28
C THR F 28 -29.29 -14.76 -15.27
N GLY F 29 -28.68 -15.94 -15.43
CA GLY F 29 -27.56 -16.08 -16.32
C GLY F 29 -27.81 -17.06 -17.46
N THR F 30 -27.16 -18.22 -17.39
CA THR F 30 -27.33 -19.26 -18.41
C THR F 30 -27.15 -20.62 -17.74
N SER F 31 -27.36 -21.68 -18.53
CA SER F 31 -27.22 -23.04 -18.02
C SER F 31 -25.77 -23.39 -17.70
N SER F 32 -24.81 -22.67 -18.27
CA SER F 32 -23.40 -23.03 -18.16
C SER F 32 -22.72 -22.46 -16.92
N ASP F 33 -23.29 -21.43 -16.30
CA ASP F 33 -22.67 -20.83 -15.12
C ASP F 33 -23.60 -20.85 -13.91
N VAL F 34 -24.57 -19.93 -13.87
CA VAL F 34 -25.49 -19.86 -12.75
C VAL F 34 -26.33 -21.15 -12.64
N GLY F 35 -26.38 -21.95 -13.71
CA GLY F 35 -27.23 -23.13 -13.70
C GLY F 35 -26.77 -24.21 -12.74
N PHE F 36 -25.50 -24.63 -12.85
CA PHE F 36 -25.02 -25.80 -12.12
C PHE F 36 -23.75 -25.53 -11.32
N TYR F 37 -23.48 -24.29 -10.97
CA TYR F 37 -22.32 -23.99 -10.14
C TYR F 37 -22.66 -23.62 -8.70
N ASN F 38 -23.79 -22.96 -8.47
CA ASN F 38 -24.19 -22.51 -7.14
C ASN F 38 -23.13 -21.63 -6.49
N PHE F 39 -22.45 -20.82 -7.31
CA PHE F 39 -21.41 -19.89 -6.86
C PHE F 39 -21.75 -18.47 -7.31
N VAL F 40 -22.89 -17.97 -6.84
CA VAL F 40 -23.34 -16.63 -7.17
C VAL F 40 -23.10 -15.72 -5.97
N SER F 41 -22.54 -14.54 -6.23
CA SER F 41 -22.22 -13.58 -5.19
C SER F 41 -22.79 -12.21 -5.55
N TRP F 42 -23.04 -11.41 -4.53
CA TRP F 42 -23.61 -10.08 -4.70
C TRP F 42 -22.69 -9.03 -4.11
N TYR F 43 -22.73 -7.83 -4.70
CA TYR F 43 -21.88 -6.73 -4.27
C TYR F 43 -22.67 -5.43 -4.27
N GLN F 44 -22.55 -4.68 -3.18
CA GLN F 44 -23.09 -3.33 -3.11
C GLN F 44 -22.06 -2.35 -3.65
N HIS F 45 -22.52 -1.40 -4.45
CA HIS F 45 -21.63 -0.43 -5.10
C HIS F 45 -22.16 0.98 -4.87
N HIS F 46 -21.61 1.65 -3.88
CA HIS F 46 -21.83 3.09 -3.73
C HIS F 46 -20.92 3.83 -4.69
N PRO F 47 -21.46 4.63 -5.62
CA PRO F 47 -20.59 5.34 -6.57
C PRO F 47 -19.60 6.23 -5.86
N GLY F 48 -18.31 6.06 -6.20
CA GLY F 48 -17.23 6.77 -5.57
C GLY F 48 -16.49 5.97 -4.51
N LYS F 49 -17.17 5.03 -3.87
CA LYS F 49 -16.57 4.16 -2.88
C LYS F 49 -16.29 2.78 -3.47
N ALA F 50 -15.43 2.03 -2.79
CA ALA F 50 -15.08 0.70 -3.26
C ALA F 50 -16.27 -0.24 -3.06
N PRO F 51 -16.49 -1.17 -4.00
CA PRO F 51 -17.59 -2.12 -3.83
C PRO F 51 -17.34 -3.05 -2.64
N LYS F 52 -18.43 -3.45 -1.99
CA LYS F 52 -18.36 -4.32 -0.83
C LYS F 52 -19.18 -5.58 -1.08
N LEU F 53 -18.69 -6.70 -0.59
CA LEU F 53 -19.37 -7.98 -0.75
C LEU F 53 -20.54 -8.08 0.21
N ILE F 54 -21.67 -8.57 -0.31
CA ILE F 54 -22.88 -8.75 0.48
C ILE F 54 -23.17 -10.24 0.71
N ILE F 55 -23.13 -11.03 -0.35
CA ILE F 55 -23.51 -12.44 -0.30
C ILE F 55 -22.41 -13.27 -0.96
N TYR F 56 -21.96 -14.30 -0.26
CA TYR F 56 -21.04 -15.29 -0.83
C TYR F 56 -21.72 -16.65 -0.79
N ASP F 57 -21.66 -17.37 -1.91
CA ASP F 57 -22.28 -18.70 -2.05
C ASP F 57 -23.79 -18.66 -1.88
N VAL F 58 -24.42 -17.54 -2.26
CA VAL F 58 -25.87 -17.35 -2.24
C VAL F 58 -26.45 -17.55 -0.85
N SER F 59 -26.21 -18.72 -0.25
CA SER F 59 -26.88 -19.08 0.99
C SER F 59 -26.45 -18.21 2.17
N GLU F 60 -25.19 -17.79 2.22
CA GLU F 60 -24.65 -17.10 3.37
C GLU F 60 -24.06 -15.75 2.98
N ARG F 61 -23.68 -14.98 3.98
CA ARG F 61 -23.19 -13.62 3.82
C ARG F 61 -22.05 -13.37 4.81
N PRO F 62 -21.15 -12.44 4.48
CA PRO F 62 -20.07 -12.11 5.43
C PRO F 62 -20.60 -11.55 6.73
N SER F 63 -19.72 -11.52 7.73
CA SER F 63 -20.07 -10.97 9.03
C SER F 63 -20.29 -9.46 8.93
N GLY F 64 -21.21 -8.98 9.77
CA GLY F 64 -21.55 -7.56 9.77
C GLY F 64 -22.66 -7.16 8.82
N VAL F 65 -23.18 -8.09 8.04
CA VAL F 65 -24.29 -7.81 7.13
C VAL F 65 -25.59 -8.10 7.86
N PRO F 66 -26.56 -7.18 7.84
CA PRO F 66 -27.78 -7.37 8.62
C PRO F 66 -28.59 -8.58 8.13
N ASP F 67 -29.61 -8.91 8.90
CA ASP F 67 -30.50 -10.03 8.59
C ASP F 67 -31.34 -9.79 7.34
N ARG F 68 -31.43 -8.54 6.86
CA ARG F 68 -32.31 -8.24 5.73
C ARG F 68 -31.77 -8.84 4.43
N PHE F 69 -30.46 -8.79 4.24
CA PHE F 69 -29.88 -9.28 2.99
C PHE F 69 -29.89 -10.80 2.96
N SER F 70 -30.37 -11.36 1.87
CA SER F 70 -30.41 -12.80 1.71
C SER F 70 -30.47 -13.12 0.21
N GLY F 71 -29.87 -14.25 -0.15
CA GLY F 71 -29.89 -14.72 -1.51
C GLY F 71 -30.55 -16.08 -1.61
N SER F 72 -31.07 -16.38 -2.79
CA SER F 72 -31.80 -17.62 -3.04
C SER F 72 -31.69 -17.97 -4.51
N LYS F 73 -31.24 -19.18 -4.79
CA LYS F 73 -31.05 -19.67 -6.15
C LYS F 73 -32.20 -20.59 -6.56
N SER F 74 -32.65 -20.43 -7.80
CA SER F 74 -33.71 -21.28 -8.35
C SER F 74 -33.50 -21.40 -9.86
N GLY F 75 -33.33 -22.63 -10.33
CA GLY F 75 -33.07 -22.88 -11.74
C GLY F 75 -31.87 -22.12 -12.27
N ASN F 76 -32.13 -21.15 -13.14
CA ASN F 76 -31.10 -20.25 -13.64
C ASN F 76 -31.20 -18.86 -13.02
N THR F 77 -31.99 -18.70 -11.97
CA THR F 77 -32.26 -17.41 -11.36
C THR F 77 -31.71 -17.40 -9.93
N ALA F 78 -30.85 -16.41 -9.64
CA ALA F 78 -30.43 -16.11 -8.28
C ALA F 78 -30.94 -14.72 -7.93
N SER F 79 -31.63 -14.60 -6.81
CA SER F 79 -32.27 -13.36 -6.43
C SER F 79 -31.72 -12.83 -5.11
N LEU F 80 -31.73 -11.51 -4.97
CA LEU F 80 -31.31 -10.82 -3.76
C LEU F 80 -32.48 -10.02 -3.23
N SER F 81 -32.93 -10.34 -2.01
CA SER F 81 -34.05 -9.67 -1.38
C SER F 81 -33.55 -8.94 -0.14
N ILE F 82 -33.98 -7.68 0.01
CA ILE F 82 -33.62 -6.85 1.15
C ILE F 82 -34.88 -6.63 1.97
N SER F 83 -34.91 -7.18 3.18
CA SER F 83 -36.08 -7.09 4.04
C SER F 83 -36.32 -5.66 4.52
N GLY F 84 -35.42 -5.14 5.34
CA GLY F 84 -35.52 -3.76 5.79
C GLY F 84 -34.81 -2.81 4.85
N LEU F 85 -35.34 -1.59 4.77
CA LEU F 85 -34.82 -0.58 3.86
C LEU F 85 -34.37 0.65 4.66
N GLN F 86 -33.10 0.99 4.52
CA GLN F 86 -32.47 2.17 5.07
C GLN F 86 -32.02 3.08 3.94
N PRO F 87 -32.06 4.41 4.11
CA PRO F 87 -31.62 5.31 3.03
C PRO F 87 -30.22 5.01 2.51
N GLU F 88 -29.38 4.37 3.33
CA GLU F 88 -28.03 4.01 2.90
C GLU F 88 -28.02 2.79 1.98
N ASP F 89 -29.13 2.07 1.86
CA ASP F 89 -29.21 0.93 0.95
C ASP F 89 -29.33 1.35 -0.50
N GLU F 90 -29.41 2.66 -0.79
CA GLU F 90 -29.55 3.16 -2.14
C GLU F 90 -28.18 3.11 -2.82
N ALA F 91 -27.97 2.11 -3.67
CA ALA F 91 -26.72 1.93 -4.38
C ALA F 91 -26.97 1.04 -5.59
N ASP F 92 -25.88 0.72 -6.30
CA ASP F 92 -25.94 -0.20 -7.43
C ASP F 92 -25.51 -1.59 -6.99
N TYR F 93 -26.22 -2.60 -7.49
CA TYR F 93 -26.03 -3.98 -7.06
C TYR F 93 -25.73 -4.86 -8.26
N TYR F 94 -24.67 -5.66 -8.16
CA TYR F 94 -24.24 -6.56 -9.22
C TYR F 94 -24.15 -7.98 -8.68
N CYS F 95 -24.41 -8.95 -9.55
CA CYS F 95 -24.28 -10.35 -9.23
C CYS F 95 -23.09 -10.94 -9.97
N CYS F 96 -22.35 -11.82 -9.31
CA CYS F 96 -21.17 -12.45 -9.89
C CYS F 96 -21.27 -13.96 -9.69
N SER F 97 -21.16 -14.70 -10.79
CA SER F 97 -21.26 -16.15 -10.76
C SER F 97 -20.04 -16.78 -11.41
N TYR F 98 -19.56 -17.87 -10.80
CA TYR F 98 -18.47 -18.64 -11.41
C TYR F 98 -18.91 -19.18 -12.75
N ALA F 99 -18.05 -19.07 -13.75
CA ALA F 99 -18.37 -19.46 -15.11
C ALA F 99 -17.15 -20.10 -15.75
N GLY F 100 -17.28 -21.36 -16.18
CA GLY F 100 -16.16 -21.99 -16.84
C GLY F 100 -15.00 -22.24 -15.90
N THR F 101 -13.78 -22.22 -16.46
CA THR F 101 -12.57 -22.52 -15.72
C THR F 101 -11.88 -21.21 -15.33
N TYR F 102 -11.87 -20.92 -14.02
CA TYR F 102 -11.17 -19.76 -13.47
C TYR F 102 -11.67 -18.44 -14.06
N THR F 103 -12.91 -18.42 -14.51
CA THR F 103 -13.50 -17.23 -15.11
C THR F 103 -14.75 -16.84 -14.33
N PHE F 104 -14.99 -15.54 -14.19
CA PHE F 104 -16.18 -15.02 -13.54
C PHE F 104 -16.95 -14.13 -14.50
N VAL F 105 -18.23 -13.96 -14.20
CA VAL F 105 -19.13 -13.14 -15.01
C VAL F 105 -19.92 -12.24 -14.07
N PHE F 106 -20.20 -11.02 -14.51
CA PHE F 106 -20.86 -10.03 -13.68
C PHE F 106 -22.22 -9.66 -14.27
N GLY F 107 -23.12 -9.21 -13.40
CA GLY F 107 -24.44 -8.82 -13.83
C GLY F 107 -24.48 -7.45 -14.47
N SER F 108 -25.62 -7.15 -15.09
CA SER F 108 -25.80 -5.85 -15.73
C SER F 108 -25.81 -4.71 -14.73
N GLY F 109 -26.32 -4.94 -13.52
CA GLY F 109 -26.33 -3.93 -12.50
C GLY F 109 -27.71 -3.37 -12.22
N THR F 110 -28.19 -3.54 -11.00
CA THR F 110 -29.49 -3.03 -10.57
C THR F 110 -29.29 -1.90 -9.57
N LYS F 111 -30.09 -0.86 -9.71
CA LYS F 111 -29.98 0.34 -8.87
C LYS F 111 -31.16 0.37 -7.92
N VAL F 112 -30.91 0.10 -6.65
CA VAL F 112 -31.92 0.26 -5.61
C VAL F 112 -32.09 1.74 -5.32
N THR F 113 -33.34 2.16 -5.14
CA THR F 113 -33.65 3.55 -4.84
C THR F 113 -34.72 3.61 -3.77
N VAL F 114 -34.43 4.32 -2.68
CA VAL F 114 -35.40 4.55 -1.61
C VAL F 114 -36.16 5.83 -1.94
N LEU F 115 -37.46 5.70 -2.14
CA LEU F 115 -38.26 6.82 -2.64
C LEU F 115 -38.39 7.93 -1.60
N GLY F 116 -38.24 9.17 -2.06
CA GLY F 116 -38.46 10.32 -1.22
C GLY F 116 -39.61 11.17 -1.74
N GLN F 117 -40.11 10.82 -2.92
CA GLN F 117 -41.24 11.49 -3.52
C GLN F 117 -41.93 10.53 -4.48
N PRO F 118 -43.20 10.75 -4.80
CA PRO F 118 -43.90 9.84 -5.71
C PRO F 118 -43.23 9.75 -7.08
N LYS F 119 -43.50 8.66 -7.77
CA LYS F 119 -42.89 8.42 -9.08
C LYS F 119 -43.44 9.41 -10.10
N ALA F 120 -42.58 9.84 -11.01
CA ALA F 120 -42.95 10.79 -12.05
C ALA F 120 -42.46 10.28 -13.40
N ASN F 121 -43.37 10.21 -14.37
CA ASN F 121 -42.98 9.78 -15.70
C ASN F 121 -42.10 10.84 -16.36
N PRO F 122 -41.14 10.42 -17.18
CA PRO F 122 -40.21 11.39 -17.76
C PRO F 122 -40.87 12.23 -18.86
N THR F 123 -40.39 13.46 -18.99
CA THR F 123 -40.80 14.37 -20.05
C THR F 123 -39.71 14.34 -21.11
N VAL F 124 -39.96 13.62 -22.19
CA VAL F 124 -38.96 13.36 -23.22
C VAL F 124 -39.09 14.40 -24.33
N THR F 125 -37.95 14.84 -24.84
CA THR F 125 -37.90 15.84 -25.91
C THR F 125 -36.71 15.55 -26.80
N LEU F 126 -36.97 15.31 -28.08
CA LEU F 126 -35.92 15.01 -29.05
C LEU F 126 -35.63 16.27 -29.87
N PHE F 127 -34.34 16.61 -29.98
CA PHE F 127 -33.94 17.76 -30.79
C PHE F 127 -33.33 17.30 -32.10
N PRO F 128 -33.82 17.79 -33.23
CA PRO F 128 -33.21 17.47 -34.52
C PRO F 128 -31.82 18.07 -34.61
N PRO F 129 -31.03 17.70 -35.63
CA PRO F 129 -29.73 18.36 -35.80
C PRO F 129 -29.92 19.86 -36.03
N SER F 130 -29.03 20.64 -35.42
CA SER F 130 -29.16 22.09 -35.43
C SER F 130 -29.05 22.64 -36.85
N SER F 131 -29.35 23.93 -36.99
CA SER F 131 -29.28 24.58 -38.30
C SER F 131 -27.85 24.63 -38.82
N GLU F 132 -26.90 25.00 -37.95
CA GLU F 132 -25.51 25.12 -38.37
C GLU F 132 -24.81 23.78 -38.48
N GLU F 133 -25.40 22.70 -37.96
CA GLU F 133 -24.76 21.39 -38.05
C GLU F 133 -24.80 20.85 -39.48
N LEU F 134 -25.93 20.98 -40.16
CA LEU F 134 -26.04 20.48 -41.52
C LEU F 134 -25.10 21.20 -42.48
N GLN F 135 -24.85 22.49 -42.23
CA GLN F 135 -23.86 23.22 -43.00
C GLN F 135 -22.45 22.73 -42.71
N ALA F 136 -22.21 22.15 -41.54
CA ALA F 136 -20.91 21.60 -41.18
C ALA F 136 -20.75 20.14 -41.56
N ASN F 137 -21.74 19.56 -42.25
CA ASN F 137 -21.70 18.17 -42.70
C ASN F 137 -21.55 17.20 -41.53
N LYS F 138 -22.36 17.43 -40.50
CA LYS F 138 -22.44 16.52 -39.36
C LYS F 138 -23.78 16.72 -38.68
N ALA F 139 -24.39 15.62 -38.23
CA ALA F 139 -25.69 15.66 -37.61
C ALA F 139 -25.62 15.02 -36.22
N THR F 140 -26.32 15.63 -35.26
CA THR F 140 -26.37 15.13 -33.90
C THR F 140 -27.82 15.14 -33.43
N LEU F 141 -28.31 13.98 -33.00
CA LEU F 141 -29.67 13.82 -32.49
C LEU F 141 -29.60 13.80 -30.97
N VAL F 142 -30.13 14.85 -30.33
CA VAL F 142 -30.07 15.00 -28.89
C VAL F 142 -31.43 14.64 -28.32
N CYS F 143 -31.47 13.61 -27.48
CA CYS F 143 -32.69 13.14 -26.84
C CYS F 143 -32.64 13.52 -25.36
N LEU F 144 -33.64 14.26 -24.91
CA LEU F 144 -33.69 14.75 -23.54
C LEU F 144 -34.67 13.94 -22.71
N ILE F 145 -34.28 13.64 -21.47
CA ILE F 145 -35.11 12.90 -20.53
C ILE F 145 -34.97 13.62 -19.19
N SER F 146 -36.02 14.30 -18.75
CA SER F 146 -35.95 15.14 -17.56
C SER F 146 -37.20 14.97 -16.72
N ASP F 147 -37.08 15.35 -15.44
CA ASP F 147 -38.20 15.37 -14.49
C ASP F 147 -38.81 13.98 -14.33
N PHE F 148 -37.98 13.04 -13.91
CA PHE F 148 -38.41 11.66 -13.68
C PHE F 148 -37.84 11.16 -12.36
N TYR F 149 -38.53 10.18 -11.79
CA TYR F 149 -38.09 9.53 -10.56
C TYR F 149 -38.84 8.21 -10.41
N PRO F 150 -38.16 7.09 -10.09
CA PRO F 150 -36.73 6.89 -9.80
C PRO F 150 -35.80 7.24 -10.98
N GLY F 151 -34.49 7.28 -10.69
CA GLY F 151 -33.54 7.82 -11.64
C GLY F 151 -33.18 6.89 -12.78
N ALA F 152 -33.22 5.58 -12.56
CA ALA F 152 -32.77 4.63 -13.56
C ALA F 152 -33.68 4.65 -14.79
N VAL F 153 -33.09 4.89 -15.96
CA VAL F 153 -33.83 4.98 -17.21
C VAL F 153 -33.06 4.22 -18.29
N THR F 154 -33.81 3.61 -19.21
CA THR F 154 -33.25 2.89 -20.35
C THR F 154 -33.56 3.67 -21.62
N VAL F 155 -32.53 3.90 -22.44
CA VAL F 155 -32.66 4.69 -23.66
C VAL F 155 -32.25 3.81 -24.84
N ALA F 156 -33.06 3.82 -25.90
CA ALA F 156 -32.77 3.10 -27.13
C ALA F 156 -33.06 4.01 -28.31
N TRP F 157 -32.29 3.83 -29.39
CA TRP F 157 -32.42 4.64 -30.59
C TRP F 157 -32.86 3.77 -31.75
N LYS F 158 -33.76 4.30 -32.58
CA LYS F 158 -34.32 3.58 -33.71
C LYS F 158 -34.18 4.43 -34.97
N ALA F 159 -33.54 3.87 -35.99
CA ALA F 159 -33.54 4.47 -37.32
C ALA F 159 -34.71 3.88 -38.10
N ASP F 160 -35.68 4.74 -38.46
CA ASP F 160 -36.92 4.29 -39.08
C ASP F 160 -37.62 3.29 -38.18
N SER F 161 -37.57 2.00 -38.54
CA SER F 161 -38.17 0.94 -37.75
C SER F 161 -37.13 -0.06 -37.24
N SER F 162 -35.85 0.22 -37.41
CA SER F 162 -34.79 -0.68 -36.99
C SER F 162 -33.89 -0.01 -35.97
N PRO F 163 -33.31 -0.78 -35.04
CA PRO F 163 -32.47 -0.17 -34.00
C PRO F 163 -31.13 0.29 -34.56
N VAL F 164 -30.44 1.10 -33.76
CA VAL F 164 -29.12 1.61 -34.09
C VAL F 164 -28.17 1.27 -32.94
N LYS F 165 -26.94 0.94 -33.29
CA LYS F 165 -25.89 0.65 -32.30
C LYS F 165 -24.59 1.33 -32.68
N ALA F 166 -24.66 2.48 -33.35
CA ALA F 166 -23.49 3.21 -33.80
C ALA F 166 -23.63 4.66 -33.39
N GLY F 167 -22.66 5.15 -32.61
CA GLY F 167 -22.65 6.55 -32.21
C GLY F 167 -23.74 6.92 -31.21
N VAL F 168 -24.03 6.04 -30.27
CA VAL F 168 -25.04 6.28 -29.25
C VAL F 168 -24.32 6.52 -27.92
N GLU F 169 -24.47 7.72 -27.37
CA GLU F 169 -23.88 8.08 -26.09
C GLU F 169 -24.98 8.60 -25.17
N THR F 170 -25.10 8.00 -24.00
CA THR F 170 -26.15 8.33 -23.05
C THR F 170 -25.54 8.71 -21.71
N THR F 171 -26.11 9.73 -21.07
CA THR F 171 -25.61 10.28 -19.83
C THR F 171 -26.23 9.58 -18.63
N THR F 172 -25.42 9.30 -17.62
CA THR F 172 -25.94 8.79 -16.36
C THR F 172 -26.92 9.80 -15.76
N PRO F 173 -28.06 9.35 -15.25
CA PRO F 173 -29.05 10.30 -14.71
C PRO F 173 -28.48 11.18 -13.62
N SER F 174 -28.84 12.46 -13.66
CA SER F 174 -28.34 13.46 -12.73
C SER F 174 -29.51 14.21 -12.11
N LYS F 175 -29.33 14.60 -10.84
CA LYS F 175 -30.37 15.31 -10.12
C LYS F 175 -30.52 16.74 -10.62
N GLN F 176 -31.74 17.25 -10.59
CA GLN F 176 -32.04 18.61 -11.00
C GLN F 176 -32.25 19.49 -9.77
N SER F 177 -32.59 20.75 -10.03
CA SER F 177 -32.87 21.68 -8.94
C SER F 177 -34.21 21.41 -8.27
N ASN F 178 -35.08 20.61 -8.91
CA ASN F 178 -36.37 20.25 -8.35
C ASN F 178 -36.39 18.84 -7.78
N ASN F 179 -35.22 18.29 -7.46
CA ASN F 179 -35.10 16.95 -6.87
C ASN F 179 -35.70 15.88 -7.77
N LYS F 180 -35.51 16.04 -9.08
CA LYS F 180 -35.90 15.04 -10.07
C LYS F 180 -34.69 14.73 -10.93
N TYR F 181 -34.45 13.44 -11.17
CA TYR F 181 -33.31 13.03 -11.97
C TYR F 181 -33.50 13.48 -13.43
N ALA F 182 -32.37 13.61 -14.13
CA ALA F 182 -32.39 14.01 -15.53
C ALA F 182 -31.21 13.39 -16.25
N ALA F 183 -31.42 13.05 -17.52
CA ALA F 183 -30.39 12.45 -18.35
C ALA F 183 -30.65 12.80 -19.80
N SER F 184 -29.67 12.51 -20.65
CA SER F 184 -29.79 12.82 -22.07
C SER F 184 -28.96 11.82 -22.87
N SER F 185 -29.37 11.59 -24.11
CA SER F 185 -28.68 10.68 -25.02
C SER F 185 -28.43 11.38 -26.34
N TYR F 186 -27.26 11.13 -26.92
CA TYR F 186 -26.84 11.79 -28.15
C TYR F 186 -26.63 10.74 -29.23
N LEU F 187 -27.16 11.02 -30.42
CA LEU F 187 -26.96 10.16 -31.59
C LEU F 187 -26.34 11.02 -32.70
N SER F 188 -25.12 10.68 -33.08
CA SER F 188 -24.40 11.39 -34.14
C SER F 188 -24.26 10.46 -35.34
N LEU F 189 -24.54 11.00 -36.53
CA LEU F 189 -24.46 10.22 -37.77
C LEU F 189 -24.27 11.18 -38.93
N THR F 190 -23.89 10.61 -40.07
CA THR F 190 -23.63 11.41 -41.27
C THR F 190 -24.93 12.05 -41.77
N PRO F 191 -24.85 13.26 -42.32
CA PRO F 191 -26.07 13.91 -42.82
C PRO F 191 -26.80 13.12 -43.89
N GLU F 192 -26.08 12.29 -44.66
CA GLU F 192 -26.74 11.46 -45.66
C GLU F 192 -27.66 10.44 -45.00
N GLN F 193 -27.27 9.91 -43.84
CA GLN F 193 -28.13 8.98 -43.13
C GLN F 193 -29.34 9.68 -42.53
N TRP F 194 -29.18 10.94 -42.09
CA TRP F 194 -30.29 11.68 -41.53
C TRP F 194 -31.31 12.07 -42.61
N LYS F 195 -30.85 12.30 -43.84
CA LYS F 195 -31.74 12.72 -44.91
C LYS F 195 -32.33 11.56 -45.69
N SER F 196 -31.60 10.44 -45.79
CA SER F 196 -32.10 9.31 -46.57
C SER F 196 -33.24 8.60 -45.86
N HIS F 197 -33.09 8.35 -44.56
CA HIS F 197 -34.12 7.65 -43.80
C HIS F 197 -35.36 8.53 -43.64
N ARG F 198 -36.51 7.88 -43.49
CA ARG F 198 -37.76 8.61 -43.39
C ARG F 198 -37.87 9.35 -42.06
N SER F 199 -37.50 8.71 -40.96
CA SER F 199 -37.59 9.33 -39.64
C SER F 199 -36.64 8.61 -38.68
N TYR F 200 -36.38 9.27 -37.57
CA TYR F 200 -35.54 8.71 -36.51
C TYR F 200 -36.30 8.81 -35.19
N SER F 201 -36.08 7.82 -34.32
CA SER F 201 -36.85 7.68 -33.09
C SER F 201 -35.92 7.43 -31.92
N CYS F 202 -36.17 8.13 -30.81
CA CYS F 202 -35.48 7.89 -29.54
C CYS F 202 -36.49 7.33 -28.56
N GLN F 203 -36.29 6.07 -28.15
CA GLN F 203 -37.18 5.41 -27.21
C GLN F 203 -36.60 5.52 -25.79
N VAL F 204 -37.44 5.91 -24.85
CA VAL F 204 -37.05 6.11 -23.45
C VAL F 204 -37.95 5.24 -22.59
N THR F 205 -37.35 4.26 -21.91
CA THR F 205 -38.07 3.34 -21.04
C THR F 205 -37.75 3.69 -19.59
N HIS F 206 -38.79 3.93 -18.80
CA HIS F 206 -38.63 4.33 -17.41
C HIS F 206 -39.59 3.53 -16.54
N GLU F 207 -39.05 2.83 -15.54
CA GLU F 207 -39.83 2.08 -14.55
C GLU F 207 -40.75 1.04 -15.19
N GLY F 208 -40.50 0.69 -16.45
CA GLY F 208 -41.29 -0.30 -17.15
C GLY F 208 -42.20 0.24 -18.23
N SER F 209 -42.45 1.55 -18.28
CA SER F 209 -43.29 2.14 -19.32
C SER F 209 -42.39 2.87 -20.32
N THR F 210 -42.55 2.52 -21.60
CA THR F 210 -41.72 3.06 -22.67
C THR F 210 -42.44 4.21 -23.36
N VAL F 211 -41.74 5.34 -23.53
CA VAL F 211 -42.26 6.50 -24.23
C VAL F 211 -41.50 6.65 -25.54
N GLU F 212 -42.23 6.91 -26.63
CA GLU F 212 -41.65 7.02 -27.96
C GLU F 212 -41.79 8.46 -28.43
N LYS F 213 -40.65 9.13 -28.66
CA LYS F 213 -40.60 10.47 -29.20
C LYS F 213 -39.75 10.46 -30.45
N THR F 214 -40.34 10.85 -31.59
CA THR F 214 -39.68 10.78 -32.88
C THR F 214 -39.74 12.12 -33.59
N VAL F 215 -38.73 12.37 -34.43
CA VAL F 215 -38.72 13.52 -35.32
C VAL F 215 -38.25 13.05 -36.69
N ALA F 216 -38.54 13.85 -37.71
CA ALA F 216 -38.19 13.54 -39.09
C ALA F 216 -37.75 14.81 -39.79
N PRO F 217 -36.89 14.69 -40.81
CA PRO F 217 -36.45 15.89 -41.55
C PRO F 217 -37.59 16.55 -42.31
N THR F 218 -38.00 17.73 -41.86
CA THR F 218 -39.08 18.48 -42.51
C THR F 218 -38.55 19.73 -43.17
#